data_7NAF
#
_entry.id   7NAF
#
_cell.length_a   1.00
_cell.length_b   1.00
_cell.length_c   1.00
_cell.angle_alpha   90.00
_cell.angle_beta   90.00
_cell.angle_gamma   90.00
#
_symmetry.space_group_name_H-M   'P 1'
#
loop_
_entity.id
_entity.type
_entity.pdbx_description
1 polymer '25S rRNA'
2 polymer 'Ribosomal RNA-processing protein 17'
3 polymer 'Nucleolar complex protein 2'
4 polymer '60S ribosomal protein L23-A'
5 polymer 'Ribosome biogenesis protein RLP24'
6 polymer "27S pre-rRNA (guanosine(2922)-2'-O)-methyltransferase"
7 polymer '60S ribosome biogenesis factor Nog1'
8 polymer '60S ribosomal protein L31-A'
9 polymer '60S ribosomal protein L22-A'
10 polymer '60S ribosome ribosomal protein L19A'
11 polymer '60S ribosomal protein L30'
12 polymer '60S ribosomal protein L3'
13 polymer 'UPF0642 protein YBL028C'
14 polymer 'Nuclear GTP-binding protein NUG1'
15 polymer 'Eukaryotic translation initiation factor 6'
16 polymer '25S rRNA (cytosine(2870)-C(5))-methyltransferase'
17 non-polymer S-ADENOSYL-L-HOMOCYSTEINE
18 water water
#
loop_
_entity_poly.entity_id
_entity_poly.type
_entity_poly.pdbx_seq_one_letter_code
_entity_poly.pdbx_strand_id
1 'polyribonucleotide'
;AUAGGGUGAAGCCAGAGGAAACUCUGGUGGAGGCUCGAAAAUGGAAUUAGACUGAAGGUCGGCGCCCUGGAGUUAUCUUU
UCUUGUUUAUCCCGCUUCGGCCCCAAGGUGAACAGCCUCUAAUGUAGAUAAGGGAAGUCGGGGGAAUCUGACUGUUAACG
AGAUUCCCACUGUCCCUAUCUACUCGGGGAACUGGCUUGUCGGCUCUUCCUAUCAUACCAUUCGGUAAGCGUUGGAU
(OMU)(OMG)(PSU)UCACCCACUAAUAGGGAACGUG(A2M)GCUGAAUUGAACUUAGGAACAGUUCAUUCGGAUAAUUG
GUUUUUGCGGCUGUCUGAUCAGGCAUUGCCGCGAAGCUACCAUCCGAAUCUAUAUAUUGUAAGCUGAGAUUAAGCCU
;
1
2 'polypeptide(L)'
;NRQILTRGKQSKKFGTDEVTFDKDSRLDYLTGFHKRKLQRQKKAQEFIKEQERLRKIEERQKIRQERKEVMEEQLKTFKE
SLNLKFRYLTKNERRINQRKANDNK
;
5
3 'polypeptide(L)' KVSKSTKKFQSKHLKHTLDQRRKEKIQKKRIQGRRGNKT 8
4 'polypeptide(L)'
;NGAQGTKFRISLGLPVGAIMNCADNSGARNLYIIAVKGSGSRLNRLPAASLGDMVMATVKKGKPELRKKVMPAIVVRQAK
SWRRRDGVFLYFEDNAGVIANPKGEMKGSAITGPVGKECADLWPRVASNSGVVV
;
V
5 'polypeptide(L)' MRIYQCHFCSSPCYPGHGIMFVRNDAKEFRFCRSKCHKAFKQRRNPRKLKWTKAFRKAAGKELAV u
6 'polypeptide(L)'
;MGKTQKKNSKGRLDRYYYLAKEKGYRARSSFKIIQINEKYGHFLEKSKVVIDLCAAPGSWCQVASKLCPVNSLIIGVDIV
PMKPMPNVITFQSDITTEDCRSKLRGYMKTWKADTVLHDGAPNVGLGWVQDAFTQSQLTLQALKLAVENLVVNGTFVTKI
FRSKDYNKLIWVFQQLFEKVEATKPPASRNVSAEIFVVCKGFKAPKRLDPRLLDPKEVFEELPDGQQNMESKIYNPEKKV
RKRQGYEEGDNLLYHETSILDFVRTEDPISMLGEMNKFTIDENDHEWKILKKLKQTTDEFRSCIEDLKVLGKKDFKMILR
WRKIAREILGIEVKDDAKTEIEVVPLTEEEQIEKDLQGLQEKQRLNVKRERRRKNEMKQKELQRMQMNM
;
w
7 'polypeptide(L)' IVLNRTQRKTPTVIRPGFKITRIRAFYMRKVKYTGEGMPEILDGKNVYIRNRQKTMIAEARNRKSLKNKAIMPR b
8 'polypeptide(L)' TINLHKRLHGVSFKKRAPRAVKEIKKFAKLHMGTDDVRLAPELNQAIWKRGVKGVEYRLR d
9 'polypeptide(L)' KYLKYLTKKYLKKNQLRD U
10 'polypeptide(L)' KAVTVHSKRLPSQVVWIRRLRVLRRLLAKYRIDKHLYHVLYKESKGNAFKHKRALVEHIIQA R
11 'polypeptide(L)' LGYIIIAANTPVLRKSVYYFQGGNNELGTAVGKLFRVGVVS c
12 'polypeptide(L)'
;GHLGFLPRKRAASIRARVKAFPKDDRSKPVALTSFLGYKAGMTTIVRDLDRPGSKFHKREVVEAVTVVDTPPVVVVGVVG
YVETPRGLRSLTTVWAEHLSDEVKRRFYKNWYKSKKKAFTKYSAKYAQDGAGIERELARIKKYASVVRVLVHTQIRKTPL
AQKKAHLAEIQLNGGSISEKVDWAREHFEKTVAVDSVFEQNEMIDAIAVTKGHGFEGVTHRWGTKKLPRKTHRGLRKVAC
IGAWHPAHVMWSVARAGQRGYHSRTSINHKIYRVGKGDDEANGATSFDRTKKTITPMGGFVHYGEIKNDFIMVKGCIPGN
RKRIVTLRKSLYTNTSRKALEEVSLKWIDTASKFGKGRFQTPAEKHAFMGTLKKDL
;
B
13 'polypeptide(L)' AKSLRA z
14 'polypeptide(L)' MRVRKRQ s
15 'polypeptide(L)'
;MATRTQFENSNEIGVFSKLTNTYCLVAVGGSENFYSAFEAELGDAIPIVHTTIAGTRIIGRMTAGNRRGLLVPTQTTDQE
LQHLRNSLPDSVKIQRVEERLSALGNVICCNDYVALVHPDIDRETEELISDVLGVEVFRQTISGNILVGSYCSLSNQGGL
VHPQTSVQDQEELSSLLQVPLVAGTVNRGSSVVGAGMVVNDYLAVTGLDTTAPELSVIESIFRLQDAQPESISGNLRDTL
IETYS
;
y
16 'polypeptide(L)' LAQTLVNRGVNLQPIGSWTKVGLQIFDSQVPIGATP q
#
# COMPACT_ATOMS: atom_id res chain seq x y z
N ASN B 1 -6.97 46.76 -31.39
CA ASN B 1 -7.41 45.52 -32.05
C ASN B 1 -7.27 45.62 -33.57
N ARG B 2 -6.17 46.20 -34.03
CA ARG B 2 -5.93 46.39 -35.45
C ARG B 2 -5.28 45.13 -36.01
N GLN B 3 -6.04 44.33 -36.75
CA GLN B 3 -5.51 43.11 -37.33
C GLN B 3 -4.48 43.43 -38.41
N ILE B 4 -3.39 42.69 -38.40
CA ILE B 4 -2.31 42.90 -39.37
C ILE B 4 -2.66 42.16 -40.66
N LEU B 5 -2.66 42.87 -41.78
CA LEU B 5 -2.90 42.27 -43.09
C LEU B 5 -1.54 41.89 -43.67
N THR B 6 -1.12 40.66 -43.38
CA THR B 6 0.18 40.19 -43.83
C THR B 6 0.16 39.87 -45.31
N ARG B 7 1.27 40.15 -46.00
CA ARG B 7 1.39 39.88 -47.42
C ARG B 7 2.77 39.26 -47.70
N GLY B 8 3.14 38.27 -46.89
CA GLY B 8 4.41 37.59 -47.06
C GLY B 8 5.61 38.45 -46.75
N LYS B 9 13.30 38.63 -40.33
CA LYS B 9 11.89 38.46 -40.66
C LYS B 9 11.51 36.98 -40.66
N GLN B 10 12.50 36.11 -40.87
CA GLN B 10 12.25 34.67 -40.93
C GLN B 10 13.52 33.95 -40.48
N SER B 11 13.55 33.55 -39.20
CA SER B 11 14.62 32.72 -38.64
C SER B 11 15.99 33.34 -38.86
N LYS B 12 16.20 34.50 -38.24
CA LYS B 12 17.46 35.22 -38.42
C LYS B 12 18.57 34.63 -37.56
N LYS B 13 18.42 34.67 -36.23
CA LYS B 13 19.49 34.30 -35.32
C LYS B 13 18.93 33.41 -34.22
N PHE B 14 19.82 32.61 -33.64
CA PHE B 14 19.46 31.75 -32.52
C PHE B 14 19.47 32.58 -31.22
N GLY B 15 19.35 31.90 -30.09
CA GLY B 15 19.25 32.61 -28.82
C GLY B 15 20.26 32.18 -27.78
N THR B 16 20.88 31.02 -27.98
CA THR B 16 21.88 30.52 -27.05
C THR B 16 22.84 29.61 -27.78
N ASP B 17 24.00 29.38 -27.17
CA ASP B 17 24.99 28.49 -27.76
C ASP B 17 24.46 27.06 -27.86
N GLU B 18 24.18 26.45 -26.71
CA GLU B 18 23.71 25.07 -26.68
C GLU B 18 23.14 24.78 -25.30
N VAL B 19 22.33 23.73 -25.23
CA VAL B 19 21.79 23.21 -23.97
C VAL B 19 22.09 21.72 -23.92
N THR B 20 22.39 21.23 -22.72
CA THR B 20 22.77 19.84 -22.53
C THR B 20 21.85 19.19 -21.50
N PHE B 21 21.74 17.87 -21.58
CA PHE B 21 20.93 17.08 -20.67
C PHE B 21 21.84 16.53 -19.58
N ASP B 22 21.70 17.06 -18.37
CA ASP B 22 22.47 16.63 -17.22
C ASP B 22 21.55 15.99 -16.19
N LYS B 23 21.92 14.80 -15.73
CA LYS B 23 21.06 14.05 -14.83
C LYS B 23 20.97 14.70 -13.45
N ASP B 24 22.02 15.40 -13.03
CA ASP B 24 22.03 15.97 -11.68
C ASP B 24 20.95 17.02 -11.52
N SER B 25 20.78 17.90 -12.51
CA SER B 25 19.80 18.97 -12.40
C SER B 25 18.39 18.42 -12.33
N ARG B 26 18.07 17.45 -13.22
CA ARG B 26 16.73 16.88 -13.20
C ARG B 26 16.49 16.06 -11.93
N LEU B 27 17.51 15.37 -11.44
CA LEU B 27 17.36 14.62 -10.20
C LEU B 27 17.10 15.56 -9.03
N ASP B 28 17.81 16.69 -8.98
CA ASP B 28 17.57 17.67 -7.92
C ASP B 28 16.16 18.25 -8.03
N TYR B 29 15.74 18.58 -9.26
CA TYR B 29 14.43 19.18 -9.46
C TYR B 29 13.31 18.21 -9.05
N LEU B 30 13.41 16.95 -9.44
CA LEU B 30 12.35 16.01 -9.16
C LEU B 30 12.37 15.54 -7.71
N THR B 31 13.56 15.40 -7.12
CA THR B 31 13.66 14.94 -5.75
C THR B 31 13.24 16.02 -4.75
N GLY B 32 13.15 17.28 -5.18
CA GLY B 32 12.77 18.35 -4.30
C GLY B 32 11.27 18.54 -4.22
N PHE B 33 10.80 19.73 -4.60
CA PHE B 33 9.40 20.09 -4.66
C PHE B 33 8.80 20.26 -3.26
N HIS B 34 9.55 19.89 -2.24
CA HIS B 34 9.11 20.00 -0.85
C HIS B 34 10.08 20.80 -0.01
N LYS B 35 11.39 20.65 -0.24
CA LYS B 35 12.37 21.50 0.42
C LYS B 35 12.22 22.95 -0.02
N ARG B 36 11.96 23.18 -1.31
CA ARG B 36 11.83 24.53 -1.81
C ARG B 36 10.63 25.24 -1.19
N LYS B 37 9.50 24.54 -1.07
CA LYS B 37 8.33 25.15 -0.46
C LYS B 37 8.57 25.48 1.01
N LEU B 38 9.24 24.58 1.73
CA LEU B 38 9.57 24.85 3.13
C LEU B 38 10.49 26.06 3.26
N GLN B 39 11.47 26.17 2.37
CA GLN B 39 12.38 27.31 2.39
C GLN B 39 11.63 28.61 2.11
N ARG B 40 10.71 28.59 1.13
CA ARG B 40 9.91 29.77 0.85
C ARG B 40 9.04 30.16 2.03
N GLN B 41 8.44 29.17 2.69
CA GLN B 41 7.63 29.45 3.88
C GLN B 41 8.47 30.06 5.00
N LYS B 42 9.68 29.52 5.20
CA LYS B 42 10.57 30.06 6.22
C LYS B 42 10.95 31.50 5.92
N LYS B 43 11.27 31.80 4.65
CA LYS B 43 11.58 33.16 4.27
C LYS B 43 10.40 34.09 4.51
N ALA B 44 9.19 33.64 4.16
CA ALA B 44 8.01 34.46 4.35
C ALA B 44 7.76 34.76 5.82
N GLN B 45 7.88 33.75 6.68
CA GLN B 45 7.61 33.99 8.10
C GLN B 45 8.69 34.87 8.72
N GLU B 46 9.95 34.71 8.29
CA GLU B 46 11.00 35.58 8.78
C GLU B 46 10.76 37.03 8.37
N PHE B 47 10.34 37.24 7.12
CA PHE B 47 10.03 38.59 6.67
C PHE B 47 8.86 39.19 7.45
N ILE B 48 7.83 38.38 7.72
CA ILE B 48 6.70 38.87 8.50
C ILE B 48 7.13 39.27 9.89
N LYS B 49 7.97 38.45 10.52
CA LYS B 49 8.46 38.77 11.86
C LYS B 49 9.27 40.07 11.87
N GLU B 50 10.14 40.24 10.88
CA GLU B 50 10.93 41.48 10.82
C GLU B 50 10.03 42.69 10.62
N GLN B 51 9.04 42.58 9.74
CA GLN B 51 8.15 43.72 9.49
C GLN B 51 7.33 44.07 10.73
N GLU B 52 6.83 43.06 11.46
CA GLU B 52 6.05 43.35 12.64
C GLU B 52 6.91 43.95 13.75
N ARG B 53 8.17 43.50 13.87
CA ARG B 53 9.06 44.13 14.83
C ARG B 53 9.31 45.60 14.47
N LEU B 54 9.52 45.88 13.18
CA LEU B 54 9.75 47.26 12.76
C LEU B 54 8.54 48.14 13.05
N ARG B 55 7.32 47.65 12.75
CA ARG B 55 6.15 48.47 13.02
C ARG B 55 5.92 48.63 14.52
N LYS B 56 6.28 47.62 15.31
CA LYS B 56 6.18 47.74 16.77
C LYS B 56 7.09 48.84 17.28
N ILE B 57 8.33 48.89 16.81
CA ILE B 57 9.22 49.97 17.27
C ILE B 57 8.73 51.32 16.75
N GLU B 58 8.13 51.35 15.56
CA GLU B 58 7.58 52.61 15.04
C GLU B 58 6.47 53.13 15.92
N GLU B 59 5.53 52.26 16.32
CA GLU B 59 4.44 52.72 17.17
C GLU B 59 4.94 53.09 18.56
N ARG B 60 5.97 52.38 19.06
CA ARG B 60 6.56 52.76 20.34
C ARG B 60 7.19 54.15 20.27
N GLN B 61 7.87 54.45 19.15
CA GLN B 61 8.42 55.78 18.97
C GLN B 61 7.31 56.84 18.91
N LYS B 62 6.20 56.52 18.24
CA LYS B 62 5.08 57.45 18.22
C LYS B 62 4.56 57.72 19.62
N ILE B 63 4.43 56.66 20.44
CA ILE B 63 3.95 56.82 21.81
C ILE B 63 4.91 57.69 22.61
N ARG B 64 6.20 57.44 22.48
CA ARG B 64 7.18 58.22 23.25
C ARG B 64 7.17 59.68 22.83
N GLN B 65 7.01 59.95 21.53
CA GLN B 65 6.91 61.34 21.08
C GLN B 65 5.66 62.01 21.62
N GLU B 66 4.54 61.30 21.64
CA GLU B 66 3.31 61.85 22.22
C GLU B 66 3.51 62.22 23.68
N ARG B 67 4.14 61.32 24.44
CA ARG B 67 4.37 61.58 25.86
C ARG B 67 5.30 62.78 26.05
N LYS B 68 6.36 62.86 25.26
CA LYS B 68 7.28 63.99 25.38
C LYS B 68 6.57 65.31 25.06
N GLU B 69 5.74 65.31 24.02
CA GLU B 69 5.03 66.54 23.65
C GLU B 69 4.05 66.97 24.74
N VAL B 70 3.30 66.02 25.31
CA VAL B 70 2.34 66.41 26.34
C VAL B 70 3.05 66.87 27.61
N MET B 71 4.20 66.25 27.94
CA MET B 71 4.97 66.70 29.09
C MET B 71 5.50 68.12 28.87
N GLU B 72 6.00 68.41 27.67
CA GLU B 72 6.44 69.77 27.38
C GLU B 72 5.29 70.75 27.46
N GLU B 73 4.11 70.35 26.98
CA GLU B 73 2.95 71.23 27.05
C GLU B 73 2.56 71.56 28.48
N GLN B 74 2.54 70.54 29.35
CA GLN B 74 2.17 70.83 30.75
C GLN B 74 3.25 71.66 31.44
N LEU B 75 4.52 71.43 31.10
CA LEU B 75 5.58 72.26 31.65
C LEU B 75 5.41 73.72 31.24
N LYS B 76 5.07 73.96 29.96
CA LYS B 76 4.85 75.34 29.51
C LYS B 76 3.63 75.96 30.16
N THR B 77 2.57 75.17 30.37
CA THR B 77 1.40 75.71 31.07
C THR B 77 1.75 76.12 32.49
N PHE B 78 2.53 75.30 33.19
CA PHE B 78 2.96 75.67 34.53
C PHE B 78 3.84 76.91 34.50
N LYS B 79 4.73 77.02 33.51
CA LYS B 79 5.58 78.20 33.39
C LYS B 79 4.73 79.45 33.19
N GLU B 80 3.69 79.35 32.36
CA GLU B 80 2.79 80.48 32.17
C GLU B 80 2.06 80.84 33.46
N SER B 81 1.60 79.82 34.21
CA SER B 81 0.89 80.08 35.46
C SER B 81 1.83 80.61 36.54
N LEU B 82 3.13 80.40 36.41
CA LEU B 82 4.11 80.79 37.41
C LEU B 82 4.13 82.28 37.66
N ASN B 83 4.52 83.07 36.65
CA ASN B 83 4.78 84.49 36.86
C ASN B 83 3.51 85.23 37.26
N LEU B 84 2.39 84.94 36.61
CA LEU B 84 1.14 85.61 36.92
C LEU B 84 0.08 84.60 37.34
N LYS B 85 -2.55 37.90 -9.76
CA LYS B 85 -3.59 38.93 -9.74
C LYS B 85 -4.62 38.70 -10.83
N PHE B 86 -4.17 38.17 -11.97
CA PHE B 86 -5.07 37.94 -13.09
C PHE B 86 -6.08 36.85 -12.77
N ARG B 87 -7.32 37.06 -13.22
CA ARG B 87 -8.39 36.09 -13.05
C ARG B 87 -9.01 35.81 -14.42
N TYR B 88 -9.52 34.59 -14.58
CA TYR B 88 -9.96 34.14 -15.90
C TYR B 88 -11.27 34.77 -16.31
N LEU B 89 -12.34 34.53 -15.55
CA LEU B 89 -13.68 34.96 -15.93
C LEU B 89 -14.07 36.25 -15.21
N THR B 90 -15.30 36.68 -15.46
CA THR B 90 -15.83 37.88 -14.81
C THR B 90 -16.08 37.61 -13.33
N LYS B 91 -16.10 38.69 -12.54
CA LYS B 91 -16.19 38.57 -11.09
C LYS B 91 -17.48 37.86 -10.68
N ASN B 92 -18.62 38.26 -11.24
CA ASN B 92 -19.88 37.60 -10.90
C ASN B 92 -19.90 36.16 -11.40
N GLU B 93 -19.40 35.92 -12.60
CA GLU B 93 -19.31 34.55 -13.11
C GLU B 93 -18.39 33.71 -12.24
N ARG B 94 -17.26 34.28 -11.81
CA ARG B 94 -16.36 33.56 -10.93
C ARG B 94 -17.04 33.21 -9.61
N ARG B 95 -17.80 34.16 -9.05
CA ARG B 95 -18.52 33.90 -7.80
C ARG B 95 -19.55 32.80 -7.98
N ILE B 96 -20.29 32.82 -9.10
CA ILE B 96 -21.31 31.79 -9.35
C ILE B 96 -20.65 30.43 -9.49
N ASN B 97 -19.54 30.36 -10.23
CA ASN B 97 -18.84 29.10 -10.41
C ASN B 97 -18.30 28.57 -9.09
N GLN B 98 -17.74 29.45 -8.26
CA GLN B 98 -17.25 29.03 -6.95
C GLN B 98 -18.38 28.52 -6.07
N ARG B 99 -19.53 29.20 -6.10
CA ARG B 99 -20.68 28.75 -5.31
C ARG B 99 -21.15 27.38 -5.77
N LYS B 100 -21.22 27.17 -7.10
CA LYS B 100 -21.65 25.88 -7.63
C LYS B 100 -20.67 24.78 -7.24
N ALA B 101 -19.36 25.08 -7.29
CA ALA B 101 -18.37 24.10 -6.87
C ALA B 101 -18.49 23.77 -5.40
N ASN B 102 -18.77 24.79 -4.57
CA ASN B 102 -18.92 24.57 -3.14
C ASN B 102 -20.17 23.76 -2.82
N ASP B 103 -21.23 23.96 -3.61
CA ASP B 103 -22.48 23.25 -3.36
C ASP B 103 -22.31 21.74 -3.52
N ASN B 104 -21.51 21.32 -4.50
CA ASN B 104 -21.28 19.90 -4.73
C ASN B 104 -20.53 19.23 -3.60
N LYS B 105 -19.90 19.98 -2.71
CA LYS B 105 -19.21 19.40 -1.57
C LYS B 105 -19.87 19.82 -0.26
N LYS C 1 -7.98 23.16 42.88
CA LYS C 1 -9.39 23.24 43.27
C LYS C 1 -10.09 24.40 42.55
N VAL C 2 -11.28 24.13 42.03
CA VAL C 2 -12.05 25.12 41.29
C VAL C 2 -12.69 26.09 42.26
N SER C 3 -12.61 27.38 41.94
CA SER C 3 -13.23 28.40 42.76
C SER C 3 -14.74 28.37 42.60
N LYS C 4 -15.44 28.88 43.62
CA LYS C 4 -16.91 28.87 43.58
C LYS C 4 -17.44 29.74 42.46
N SER C 5 -16.83 30.90 42.24
CA SER C 5 -17.28 31.78 41.16
C SER C 5 -17.13 31.10 39.80
N THR C 6 -16.03 30.38 39.60
CA THR C 6 -15.86 29.61 38.38
C THR C 6 -16.92 28.54 38.24
N LYS C 7 -17.24 27.85 39.33
CA LYS C 7 -18.26 26.82 39.30
C LYS C 7 -19.62 27.40 38.91
N LYS C 8 -19.95 28.58 39.45
CA LYS C 8 -21.23 29.20 39.12
C LYS C 8 -21.26 29.67 37.67
N PHE C 9 -20.18 30.32 37.21
CA PHE C 9 -20.18 30.88 35.86
C PHE C 9 -20.17 29.79 34.81
N GLN C 10 -19.42 28.71 35.03
CA GLN C 10 -19.32 27.64 34.04
C GLN C 10 -20.61 26.84 33.93
N SER C 11 -21.55 27.01 34.84
CA SER C 11 -22.81 26.29 34.79
C SER C 11 -24.02 27.20 34.56
N LYS C 12 -23.86 28.50 34.69
CA LYS C 12 -24.98 29.42 34.51
C LYS C 12 -24.81 30.38 33.34
N HIS C 13 -23.59 30.82 33.03
CA HIS C 13 -23.40 31.86 32.02
C HIS C 13 -22.44 31.46 30.90
N LEU C 14 -21.81 30.29 30.97
CA LEU C 14 -20.81 29.93 29.98
C LEU C 14 -21.41 29.80 28.58
N LYS C 15 -22.58 29.14 28.48
CA LYS C 15 -23.15 28.84 27.17
C LYS C 15 -23.54 30.10 26.42
N HIS C 16 -24.24 31.03 27.09
CA HIS C 16 -24.68 32.24 26.39
C HIS C 16 -23.51 33.16 26.08
N THR C 17 -22.48 33.19 26.94
CA THR C 17 -21.29 33.96 26.63
C THR C 17 -20.57 33.40 25.41
N LEU C 18 -20.45 32.08 25.31
CA LEU C 18 -19.84 31.48 24.13
C LEU C 18 -20.67 31.76 22.88
N ASP C 19 -22.00 31.68 22.99
CA ASP C 19 -22.86 31.97 21.86
C ASP C 19 -22.69 33.42 21.40
N GLN C 20 -22.63 34.35 22.35
CA GLN C 20 -22.43 35.75 22.00
C GLN C 20 -21.06 35.97 21.37
N ARG C 21 -20.03 35.29 21.87
CA ARG C 21 -18.71 35.40 21.28
C ARG C 21 -18.72 34.90 19.83
N ARG C 22 -19.39 33.78 19.58
CA ARG C 22 -19.50 33.27 18.21
C ARG C 22 -20.25 34.24 17.31
N LYS C 23 -21.35 34.81 17.81
CA LYS C 23 -22.12 35.74 17.00
C LYS C 23 -21.33 36.99 16.70
N GLU C 24 -20.56 37.48 17.67
CA GLU C 24 -19.69 38.63 17.43
C GLU C 24 -18.62 38.33 16.39
N LYS C 25 -18.03 37.12 16.47
CA LYS C 25 -17.03 36.74 15.48
C LYS C 25 -17.64 36.67 14.08
N ILE C 26 -18.85 36.12 13.97
CA ILE C 26 -19.52 36.03 12.68
C ILE C 26 -19.83 37.43 12.14
N GLN C 27 -20.32 38.33 13.00
CA GLN C 27 -20.59 39.69 12.55
C GLN C 27 -19.32 40.39 12.09
N LYS C 28 -18.21 40.17 12.80
CA LYS C 28 -16.94 40.77 12.39
C LYS C 28 -16.48 40.23 11.05
N LYS C 29 -16.60 38.91 10.84
CA LYS C 29 -16.17 38.32 9.58
C LYS C 29 -17.04 38.78 8.42
N ARG C 30 -18.34 38.86 8.63
CA ARG C 30 -19.25 39.28 7.56
C ARG C 30 -19.15 40.76 7.23
N ILE C 31 -18.47 41.55 8.07
CA ILE C 31 -18.35 42.99 7.86
C ILE C 31 -16.94 43.37 7.37
N GLN C 32 -16.10 42.39 7.06
CA GLN C 32 -14.73 42.69 6.62
C GLN C 32 -14.73 43.51 5.33
N GLY C 33 -15.60 43.16 4.38
CA GLY C 33 -15.73 43.93 3.17
C GLY C 33 -16.72 45.06 3.33
N ARG C 34 -17.62 45.22 2.35
CA ARG C 34 -18.72 46.18 2.44
C ARG C 34 -18.18 47.59 2.70
N ARG C 35 -17.47 48.10 1.68
CA ARG C 35 -16.83 49.41 1.75
C ARG C 35 -17.76 50.46 2.34
N GLY C 36 -17.25 51.21 3.31
CA GLY C 36 -18.04 52.18 4.02
C GLY C 36 -18.08 51.94 5.52
N ASN C 37 -17.05 51.27 6.03
CA ASN C 37 -16.93 50.97 7.46
C ASN C 37 -15.75 51.76 8.02
N LYS C 38 -16.02 52.97 8.48
CA LYS C 38 -15.00 53.84 9.04
C LYS C 38 -15.29 54.10 10.51
N THR C 39 -14.22 54.34 11.28
CA THR C 39 -14.35 54.62 12.70
C THR C 39 -14.79 56.05 12.95
N ASN D 1 -4.45 -18.43 -24.77
CA ASN D 1 -3.98 -19.58 -25.53
C ASN D 1 -2.51 -19.87 -25.24
N GLY D 2 -2.02 -21.01 -25.73
CA GLY D 2 -0.65 -21.43 -25.50
C GLY D 2 -0.44 -22.28 -24.27
N ALA D 3 -1.44 -22.39 -23.41
CA ALA D 3 -1.33 -23.23 -22.22
C ALA D 3 -1.28 -24.70 -22.62
N GLN D 4 -0.60 -25.50 -21.80
CA GLN D 4 -0.43 -26.92 -22.06
C GLN D 4 -1.39 -27.70 -21.16
N GLY D 5 -2.40 -28.30 -21.78
CA GLY D 5 -3.33 -29.15 -21.05
C GLY D 5 -4.46 -28.38 -20.39
N THR D 6 -5.10 -29.04 -19.44
CA THR D 6 -6.22 -28.49 -18.70
C THR D 6 -5.74 -27.85 -17.40
N LYS D 7 -6.65 -27.16 -16.73
CA LYS D 7 -6.35 -26.49 -15.47
C LYS D 7 -7.50 -26.73 -14.50
N PHE D 8 -7.18 -26.75 -13.22
CA PHE D 8 -8.18 -26.87 -12.18
C PHE D 8 -8.43 -25.50 -11.55
N ARG D 9 -9.26 -25.46 -10.52
CA ARG D 9 -9.66 -24.20 -9.90
C ARG D 9 -8.72 -23.86 -8.76
N ILE D 10 -8.23 -22.63 -8.75
CA ILE D 10 -7.39 -22.10 -7.70
C ILE D 10 -8.06 -20.86 -7.14
N SER D 11 -7.88 -20.62 -5.83
CA SER D 11 -8.55 -19.51 -5.17
C SER D 11 -8.19 -18.17 -5.81
N LEU D 12 -9.18 -17.52 -6.41
CA LEU D 12 -8.95 -16.24 -7.06
C LEU D 12 -8.53 -15.19 -6.02
N GLY D 13 -7.44 -14.49 -6.30
CA GLY D 13 -6.93 -13.53 -5.34
C GLY D 13 -6.32 -12.29 -5.94
N LEU D 14 -6.62 -11.99 -7.20
CA LEU D 14 -6.07 -10.83 -7.88
C LEU D 14 -7.12 -10.25 -8.82
N PRO D 15 -8.03 -9.43 -8.29
CA PRO D 15 -9.05 -8.82 -9.15
C PRO D 15 -8.46 -7.75 -10.04
N VAL D 16 -9.28 -7.27 -10.99
CA VAL D 16 -8.82 -6.22 -11.89
C VAL D 16 -8.53 -4.96 -11.09
N GLY D 17 -7.44 -4.28 -11.45
CA GLY D 17 -6.97 -3.14 -10.71
C GLY D 17 -5.85 -3.43 -9.74
N ALA D 18 -5.56 -4.71 -9.49
CA ALA D 18 -4.48 -5.08 -8.59
C ALA D 18 -3.12 -4.84 -9.26
N ILE D 19 -2.10 -4.63 -8.42
CA ILE D 19 -0.74 -4.40 -8.88
C ILE D 19 0.15 -5.47 -8.27
N MET D 20 0.95 -6.11 -9.11
CA MET D 20 1.80 -7.22 -8.70
C MET D 20 3.22 -7.01 -9.16
N ASN D 21 4.15 -7.71 -8.51
CA ASN D 21 5.56 -7.59 -8.86
C ASN D 21 5.85 -8.21 -10.22
N CYS D 22 6.93 -7.76 -10.85
CA CYS D 22 7.38 -8.28 -12.13
C CYS D 22 8.64 -9.11 -11.87
N ALA D 23 8.54 -10.41 -12.11
CA ALA D 23 9.56 -11.36 -11.68
C ALA D 23 10.59 -11.71 -12.74
N ASP D 24 10.51 -11.12 -13.92
CA ASP D 24 11.47 -11.41 -14.99
C ASP D 24 12.38 -10.20 -15.22
N ASN D 25 13.51 -10.47 -15.85
CA ASN D 25 14.53 -9.44 -16.09
C ASN D 25 14.34 -8.72 -17.43
N SER D 26 13.10 -8.29 -17.69
CA SER D 26 12.80 -7.56 -18.90
C SER D 26 12.89 -6.05 -18.73
N GLY D 27 13.12 -5.56 -17.51
CA GLY D 27 13.19 -4.15 -17.26
C GLY D 27 11.96 -3.52 -16.65
N ALA D 28 10.94 -4.32 -16.32
CA ALA D 28 9.74 -3.83 -15.66
C ALA D 28 9.79 -4.15 -14.18
N ARG D 29 9.02 -3.38 -13.40
CA ARG D 29 8.99 -3.53 -11.96
C ARG D 29 7.66 -4.06 -11.46
N ASN D 30 6.54 -3.45 -11.86
CA ASN D 30 5.23 -3.88 -11.44
C ASN D 30 4.29 -3.93 -12.64
N LEU D 31 3.25 -4.76 -12.52
CA LEU D 31 2.24 -4.92 -13.53
C LEU D 31 0.87 -4.61 -12.92
N TYR D 32 0.09 -3.79 -13.62
CA TYR D 32 -1.25 -3.41 -13.21
C TYR D 32 -2.24 -4.14 -14.12
N ILE D 33 -3.17 -4.87 -13.50
CA ILE D 33 -4.07 -5.75 -14.25
C ILE D 33 -5.24 -4.95 -14.80
N ILE D 34 -5.60 -5.22 -16.05
CA ILE D 34 -6.75 -4.57 -16.66
C ILE D 34 -7.80 -5.55 -17.17
N ALA D 35 -7.45 -6.81 -17.41
CA ALA D 35 -8.41 -7.79 -17.88
C ALA D 35 -7.89 -9.19 -17.56
N VAL D 36 -8.81 -10.15 -17.57
CA VAL D 36 -8.48 -11.55 -17.31
C VAL D 36 -9.01 -12.40 -18.45
N LYS D 37 -8.22 -13.38 -18.88
CA LYS D 37 -8.58 -14.23 -20.00
C LYS D 37 -9.47 -15.37 -19.53
N GLY D 38 -10.67 -15.46 -20.09
CA GLY D 38 -11.57 -16.57 -19.80
C GLY D 38 -12.02 -16.64 -18.35
N SER D 39 -12.38 -15.50 -17.76
CA SER D 39 -12.80 -15.50 -16.37
C SER D 39 -14.23 -16.02 -16.20
N GLY D 40 -15.10 -15.77 -17.16
CA GLY D 40 -16.50 -16.12 -17.05
C GLY D 40 -17.39 -14.90 -17.11
N SER D 41 -18.63 -15.09 -16.69
CA SER D 41 -19.61 -14.01 -16.69
C SER D 41 -20.46 -14.08 -15.43
N ARG D 42 -20.67 -12.92 -14.81
CA ARG D 42 -21.58 -12.76 -13.68
C ARG D 42 -21.75 -11.27 -13.43
N LEU D 43 -22.96 -10.89 -13.01
CA LEU D 43 -23.28 -9.50 -12.79
C LEU D 43 -22.57 -8.98 -11.55
N ASN D 44 -21.95 -7.80 -11.67
CA ASN D 44 -21.28 -7.06 -10.60
C ASN D 44 -20.01 -7.74 -10.09
N ARG D 45 -19.63 -8.89 -10.64
CA ARG D 45 -18.44 -9.58 -10.17
C ARG D 45 -17.22 -9.10 -10.93
N LEU D 46 -16.21 -8.65 -10.20
CA LEU D 46 -14.97 -8.23 -10.83
C LEU D 46 -14.19 -9.45 -11.31
N PRO D 47 -13.69 -9.43 -12.54
CA PRO D 47 -12.80 -10.51 -12.98
C PRO D 47 -11.57 -10.59 -12.09
N ALA D 48 -11.20 -11.81 -11.73
CA ALA D 48 -10.10 -12.04 -10.81
C ALA D 48 -9.16 -13.08 -11.40
N ALA D 49 -7.88 -12.97 -11.02
CA ALA D 49 -6.84 -13.82 -11.57
C ALA D 49 -6.18 -14.63 -10.46
N SER D 50 -5.72 -15.83 -10.82
CA SER D 50 -4.94 -16.69 -9.95
C SER D 50 -3.61 -16.98 -10.63
N LEU D 51 -2.72 -17.67 -9.92
CA LEU D 51 -1.44 -18.01 -10.50
C LEU D 51 -1.64 -19.02 -11.63
N GLY D 52 -0.90 -18.83 -12.72
CA GLY D 52 -1.06 -19.63 -13.91
C GLY D 52 -2.09 -19.12 -14.89
N ASP D 53 -2.80 -18.05 -14.56
CA ASP D 53 -3.83 -17.50 -15.43
C ASP D 53 -3.25 -16.30 -16.19
N MET D 54 -3.34 -16.34 -17.52
CA MET D 54 -2.88 -15.23 -18.32
C MET D 54 -3.87 -14.07 -18.23
N VAL D 55 -3.34 -12.88 -17.99
CA VAL D 55 -4.13 -11.66 -17.90
C VAL D 55 -3.51 -10.61 -18.82
N MET D 56 -4.16 -9.47 -18.95
CA MET D 56 -3.60 -8.32 -19.63
C MET D 56 -3.17 -7.29 -18.59
N ALA D 57 -1.93 -6.83 -18.70
CA ALA D 57 -1.37 -5.95 -17.70
C ALA D 57 -0.60 -4.83 -18.39
N THR D 58 -0.41 -3.75 -17.65
CA THR D 58 0.36 -2.60 -18.08
C THR D 58 1.51 -2.37 -17.10
N VAL D 59 2.66 -1.97 -17.62
CA VAL D 59 3.83 -1.73 -16.78
C VAL D 59 3.69 -0.36 -16.14
N LYS D 60 3.42 -0.33 -14.83
CA LYS D 60 3.33 0.93 -14.11
C LYS D 60 4.69 1.54 -13.83
N LYS D 61 5.69 0.71 -13.54
CA LYS D 61 7.03 1.18 -13.21
C LYS D 61 8.04 0.34 -13.98
N GLY D 62 8.90 0.99 -14.75
CA GLY D 62 9.89 0.29 -15.53
C GLY D 62 10.42 1.17 -16.64
N LYS D 63 11.07 0.52 -17.61
CA LYS D 63 11.64 1.25 -18.73
C LYS D 63 10.53 1.88 -19.57
N PRO D 64 10.72 3.12 -20.03
CA PRO D 64 9.66 3.78 -20.81
C PRO D 64 9.30 3.06 -22.10
N GLU D 65 10.26 2.40 -22.75
CA GLU D 65 9.93 1.64 -23.95
C GLU D 65 9.16 0.37 -23.64
N LEU D 66 9.25 -0.13 -22.40
CA LEU D 66 8.50 -1.33 -22.04
C LEU D 66 7.02 -1.02 -21.81
N ARG D 67 6.72 0.13 -21.23
CA ARG D 67 5.34 0.51 -20.92
C ARG D 67 4.75 1.39 -22.02
N LYS D 68 4.76 0.85 -23.24
CA LYS D 68 4.18 1.53 -24.38
C LYS D 68 2.77 1.08 -24.71
N LYS D 69 2.40 -0.14 -24.34
CA LYS D 69 1.08 -0.67 -24.64
C LYS D 69 0.76 -1.80 -23.66
N VAL D 70 -0.52 -2.16 -23.61
CA VAL D 70 -0.94 -3.29 -22.78
C VAL D 70 -0.31 -4.57 -23.31
N MET D 71 -0.12 -5.55 -22.44
CA MET D 71 0.61 -6.74 -22.83
C MET D 71 0.20 -7.92 -21.98
N PRO D 72 0.27 -9.13 -22.52
CA PRO D 72 -0.07 -10.32 -21.72
C PRO D 72 0.93 -10.54 -20.60
N ALA D 73 0.42 -11.16 -19.52
CA ALA D 73 1.26 -11.53 -18.39
C ALA D 73 0.70 -12.81 -17.78
N ILE D 74 1.56 -13.53 -17.07
CA ILE D 74 1.17 -14.75 -16.38
C ILE D 74 1.55 -14.62 -14.91
N VAL D 75 0.59 -14.88 -14.03
CA VAL D 75 0.82 -14.79 -12.59
C VAL D 75 1.57 -16.02 -12.13
N VAL D 76 2.69 -15.80 -11.42
CA VAL D 76 3.53 -16.91 -10.96
C VAL D 76 3.54 -17.04 -9.45
N ARG D 77 3.16 -16.02 -8.70
CA ARG D 77 3.11 -16.08 -7.24
C ARG D 77 1.80 -15.48 -6.77
N GLN D 78 1.28 -16.01 -5.66
CA GLN D 78 -0.01 -15.59 -5.13
C GLN D 78 0.10 -15.41 -3.63
N ALA D 79 -0.36 -14.25 -3.14
CA ALA D 79 -0.42 -14.01 -1.70
C ALA D 79 -1.65 -14.61 -1.05
N LYS D 80 -2.64 -15.03 -1.84
CA LYS D 80 -3.87 -15.60 -1.31
C LYS D 80 -3.70 -17.10 -1.13
N SER D 81 -4.03 -17.60 0.05
CA SER D 81 -3.88 -19.03 0.32
C SER D 81 -4.76 -19.84 -0.61
N TRP D 82 -4.17 -20.89 -1.19
CA TRP D 82 -4.88 -21.77 -2.10
C TRP D 82 -4.52 -23.22 -1.77
N ARG D 83 -5.42 -24.11 -2.17
CA ARG D 83 -5.28 -25.53 -1.86
C ARG D 83 -4.46 -26.24 -2.93
N ARG D 84 -3.61 -27.16 -2.49
CA ARG D 84 -2.78 -27.98 -3.35
C ARG D 84 -3.18 -29.43 -3.15
N ARG D 85 -3.52 -30.08 -4.27
CA ARG D 85 -4.16 -31.41 -4.24
C ARG D 85 -3.28 -32.46 -3.57
N ASP D 86 -1.97 -32.22 -3.46
CA ASP D 86 -1.15 -33.09 -2.65
C ASP D 86 -1.55 -33.02 -1.18
N GLY D 87 -2.33 -32.03 -0.79
CA GLY D 87 -2.93 -31.99 0.53
C GLY D 87 -2.49 -30.85 1.41
N VAL D 88 -2.23 -29.68 0.84
CA VAL D 88 -1.70 -28.59 1.68
C VAL D 88 -2.20 -27.25 1.16
N PHE D 89 -2.64 -26.39 2.09
CA PHE D 89 -2.94 -25.01 1.79
C PHE D 89 -1.65 -24.20 1.88
N LEU D 90 -1.42 -23.33 0.89
CA LEU D 90 -0.17 -22.59 0.86
C LEU D 90 -0.38 -21.22 0.22
N TYR D 91 0.59 -20.34 0.43
CA TYR D 91 0.58 -19.00 -0.13
C TYR D 91 2.02 -18.48 -0.19
N PHE D 92 2.22 -17.45 -0.99
CA PHE D 92 3.53 -16.85 -1.20
C PHE D 92 3.62 -15.51 -0.50
N GLU D 93 4.82 -14.92 -0.54
CA GLU D 93 5.03 -13.62 0.10
C GLU D 93 4.21 -12.53 -0.57
N ASP D 94 4.18 -12.51 -1.90
CA ASP D 94 3.61 -11.38 -2.62
C ASP D 94 3.14 -11.84 -3.98
N ASN D 95 2.37 -10.96 -4.63
CA ASN D 95 1.83 -11.24 -5.95
C ASN D 95 2.86 -10.87 -7.01
N ALA D 96 3.17 -11.82 -7.89
CA ALA D 96 4.20 -11.60 -8.91
C ALA D 96 3.73 -12.17 -10.25
N GLY D 97 4.20 -11.55 -11.32
CA GLY D 97 3.86 -11.99 -12.66
C GLY D 97 5.04 -11.81 -13.60
N VAL D 98 4.91 -12.45 -14.76
CA VAL D 98 5.94 -12.39 -15.80
C VAL D 98 5.30 -11.94 -17.11
N ILE D 99 5.98 -11.02 -17.80
CA ILE D 99 5.51 -10.54 -19.09
C ILE D 99 5.75 -11.61 -20.15
N ALA D 100 4.79 -11.79 -21.04
CA ALA D 100 4.95 -12.74 -22.14
C ALA D 100 4.17 -12.23 -23.35
N ASN D 101 4.05 -13.08 -24.36
CA ASN D 101 3.38 -12.79 -25.61
C ASN D 101 2.16 -13.69 -25.76
N PRO D 102 1.21 -13.35 -26.66
CA PRO D 102 -0.02 -14.15 -26.77
C PRO D 102 0.21 -15.64 -27.00
N LYS D 103 1.40 -16.03 -27.44
CA LYS D 103 1.72 -17.44 -27.59
C LYS D 103 2.36 -18.04 -26.34
N GLY D 104 2.66 -17.24 -25.33
CA GLY D 104 3.18 -17.75 -24.08
C GLY D 104 4.68 -17.87 -23.97
N GLU D 105 5.43 -17.02 -24.66
CA GLU D 105 6.88 -16.92 -24.50
C GLU D 105 7.21 -15.59 -23.84
N MET D 106 8.01 -15.64 -22.79
CA MET D 106 8.32 -14.43 -22.04
C MET D 106 9.26 -13.52 -22.80
N LYS D 107 9.14 -12.22 -22.53
CA LYS D 107 10.06 -11.23 -23.10
C LYS D 107 11.42 -11.23 -22.41
N GLY D 108 11.49 -11.75 -21.18
CA GLY D 108 12.73 -11.77 -20.43
C GLY D 108 13.53 -13.04 -20.64
N SER D 109 14.59 -13.18 -19.85
CA SER D 109 15.49 -14.32 -19.95
C SER D 109 15.62 -15.12 -18.67
N ALA D 110 15.10 -14.63 -17.54
CA ALA D 110 15.13 -15.38 -16.30
C ALA D 110 14.02 -14.87 -15.40
N ILE D 111 13.66 -15.69 -14.41
CA ILE D 111 12.61 -15.36 -13.45
C ILE D 111 13.22 -15.38 -12.05
N THR D 112 12.97 -14.32 -11.29
CA THR D 112 13.54 -14.17 -9.95
C THR D 112 12.54 -14.68 -8.91
N GLY D 113 13.04 -15.48 -7.97
CA GLY D 113 12.22 -15.95 -6.87
C GLY D 113 11.46 -17.22 -7.21
N PRO D 114 10.77 -17.77 -6.22
CA PRO D 114 10.03 -19.02 -6.45
C PRO D 114 8.87 -18.82 -7.42
N VAL D 115 8.58 -19.88 -8.16
CA VAL D 115 7.49 -19.91 -9.13
C VAL D 115 6.52 -21.00 -8.71
N GLY D 116 5.23 -20.69 -8.75
CA GLY D 116 4.24 -21.66 -8.33
C GLY D 116 4.31 -22.93 -9.17
N LYS D 117 4.13 -24.07 -8.50
CA LYS D 117 4.23 -25.35 -9.19
C LYS D 117 3.18 -25.49 -10.28
N GLU D 118 1.96 -25.03 -10.01
CA GLU D 118 0.89 -25.13 -11.00
C GLU D 118 1.15 -24.25 -12.20
N CYS D 119 1.69 -23.05 -11.99
CA CYS D 119 1.97 -22.15 -13.10
C CYS D 119 3.15 -22.64 -13.95
N ALA D 120 4.15 -23.25 -13.33
CA ALA D 120 5.30 -23.77 -14.05
C ALA D 120 5.02 -25.06 -14.78
N ASP D 121 3.79 -25.55 -14.73
CA ASP D 121 3.40 -26.76 -15.44
C ASP D 121 2.46 -26.51 -16.60
N LEU D 122 1.57 -25.51 -16.50
CA LEU D 122 0.74 -25.15 -17.64
C LEU D 122 1.56 -24.53 -18.76
N TRP D 123 2.65 -23.85 -18.43
CA TRP D 123 3.42 -23.07 -19.40
C TRP D 123 4.83 -23.61 -19.47
N PRO D 124 5.17 -24.40 -20.49
CA PRO D 124 6.54 -24.95 -20.57
C PRO D 124 7.62 -23.88 -20.65
N ARG D 125 7.31 -22.73 -21.25
CA ARG D 125 8.28 -21.63 -21.31
C ARG D 125 8.61 -21.14 -19.91
N VAL D 126 7.60 -21.01 -19.04
CA VAL D 126 7.85 -20.59 -17.66
C VAL D 126 8.74 -21.59 -16.96
N ALA D 127 8.49 -22.88 -17.16
CA ALA D 127 9.36 -23.90 -16.56
C ALA D 127 10.78 -23.78 -17.08
N SER D 128 10.95 -23.45 -18.35
CA SER D 128 12.29 -23.29 -18.91
C SER D 128 12.99 -22.06 -18.32
N ASN D 129 12.26 -20.97 -18.11
CA ASN D 129 12.86 -19.74 -17.60
C ASN D 129 12.94 -19.67 -16.09
N SER D 130 12.24 -20.54 -15.36
CA SER D 130 12.21 -20.44 -13.91
C SER D 130 13.46 -21.04 -13.30
N GLY D 131 13.95 -20.42 -12.24
CA GLY D 131 15.08 -20.95 -11.51
C GLY D 131 14.65 -21.70 -10.27
N VAL D 132 13.57 -21.24 -9.63
CA VAL D 132 13.03 -21.85 -8.42
C VAL D 132 11.59 -22.27 -8.71
N VAL D 133 11.27 -23.51 -8.34
CA VAL D 133 9.92 -24.04 -8.42
C VAL D 133 9.49 -24.45 -7.02
N VAL D 134 8.29 -24.03 -6.62
CA VAL D 134 7.81 -24.18 -5.25
C VAL D 134 8.74 -23.45 -4.29
N MET E 1 3.22 -37.58 0.45
CA MET E 1 2.84 -38.44 1.57
C MET E 1 3.99 -38.64 2.54
N ARG E 2 4.09 -37.72 3.51
CA ARG E 2 5.14 -37.78 4.52
C ARG E 2 4.74 -36.86 5.66
N ILE E 3 4.85 -37.36 6.89
CA ILE E 3 4.50 -36.57 8.08
C ILE E 3 5.61 -35.56 8.31
N TYR E 4 5.30 -34.28 8.16
CA TYR E 4 6.25 -33.23 8.44
C TYR E 4 6.09 -32.74 9.88
N GLN E 5 7.05 -31.94 10.32
CA GLN E 5 7.03 -31.36 11.66
C GLN E 5 6.86 -29.85 11.55
N CYS E 6 6.01 -29.30 12.41
CA CYS E 6 5.72 -27.88 12.38
C CYS E 6 6.98 -27.06 12.61
N HIS E 7 7.10 -25.96 11.89
CA HIS E 7 8.29 -25.12 12.02
C HIS E 7 8.39 -24.50 13.40
N PHE E 8 7.26 -24.24 14.05
CA PHE E 8 7.26 -23.53 15.33
C PHE E 8 7.31 -24.48 16.53
N CYS E 9 6.30 -25.34 16.66
CA CYS E 9 6.17 -26.19 17.84
C CYS E 9 6.61 -27.63 17.60
N SER E 10 7.11 -27.95 16.42
CA SER E 10 7.68 -29.25 16.08
C SER E 10 6.67 -30.40 16.19
N SER E 11 5.39 -30.10 16.33
CA SER E 11 4.38 -31.15 16.37
C SER E 11 4.11 -31.68 14.97
N PRO E 12 3.70 -32.94 14.84
CA PRO E 12 3.53 -33.52 13.50
C PRO E 12 2.47 -32.78 12.69
N CYS E 13 2.75 -32.63 11.40
CA CYS E 13 1.81 -32.05 10.46
C CYS E 13 1.34 -33.13 9.50
N TYR E 14 0.03 -33.28 9.38
CA TYR E 14 -0.57 -34.31 8.56
C TYR E 14 -1.18 -33.71 7.30
N PRO E 15 -1.31 -34.51 6.23
CA PRO E 15 -1.85 -33.97 4.97
C PRO E 15 -3.21 -33.30 5.13
N GLY E 16 -3.25 -32.00 4.85
CA GLY E 16 -4.49 -31.24 4.97
C GLY E 16 -4.45 -30.24 6.12
N HIS E 17 -3.89 -30.66 7.25
CA HIS E 17 -3.84 -29.80 8.42
C HIS E 17 -2.79 -28.72 8.26
N GLY E 18 -3.09 -27.52 8.75
CA GLY E 18 -2.14 -26.44 8.73
C GLY E 18 -2.07 -25.73 7.40
N ILE E 19 -1.17 -24.73 7.36
CA ILE E 19 -0.95 -23.91 6.18
C ILE E 19 0.55 -23.71 6.03
N MET E 20 1.03 -23.71 4.78
CA MET E 20 2.45 -23.59 4.49
C MET E 20 2.77 -22.24 3.89
N PHE E 21 3.86 -21.64 4.36
CA PHE E 21 4.31 -20.33 3.89
C PHE E 21 5.62 -20.49 3.14
N VAL E 22 5.67 -20.00 1.91
CA VAL E 22 6.86 -20.10 1.08
C VAL E 22 7.48 -18.71 1.00
N ARG E 23 8.64 -18.55 1.63
CA ARG E 23 9.35 -17.29 1.59
C ARG E 23 9.95 -17.06 0.22
N ASN E 24 10.26 -15.80 -0.09
CA ASN E 24 10.92 -15.51 -1.36
C ASN E 24 12.29 -16.14 -1.46
N ASP E 25 12.84 -16.60 -0.33
CA ASP E 25 14.13 -17.24 -0.26
C ASP E 25 14.07 -18.72 -0.62
N ALA E 26 12.97 -19.17 -1.23
CA ALA E 26 12.76 -20.58 -1.56
C ALA E 26 12.83 -21.45 -0.31
N LYS E 27 12.26 -20.96 0.79
CA LYS E 27 12.20 -21.68 2.06
C LYS E 27 10.75 -21.95 2.41
N GLU E 28 10.45 -23.19 2.79
CA GLU E 28 9.09 -23.61 3.11
C GLU E 28 8.96 -23.76 4.62
N PHE E 29 7.98 -23.06 5.19
CA PHE E 29 7.63 -23.18 6.60
C PHE E 29 6.30 -23.90 6.69
N ARG E 30 6.28 -25.04 7.34
CA ARG E 30 5.08 -25.85 7.51
C ARG E 30 4.57 -25.69 8.93
N PHE E 31 3.27 -25.45 9.07
CA PHE E 31 2.63 -25.25 10.36
C PHE E 31 1.57 -26.31 10.57
N CYS E 32 1.28 -26.59 11.85
CA CYS E 32 0.27 -27.56 12.22
C CYS E 32 -1.04 -26.92 12.67
N ARG E 33 -1.03 -25.65 13.06
CA ARG E 33 -2.22 -24.97 13.54
C ARG E 33 -2.14 -23.52 13.13
N SER E 34 -3.29 -22.83 13.18
CA SER E 34 -3.28 -21.39 13.03
C SER E 34 -2.62 -20.70 14.21
N LYS E 35 -2.56 -21.37 15.37
CA LYS E 35 -1.85 -20.81 16.50
C LYS E 35 -0.36 -20.63 16.19
N CYS E 36 0.27 -21.67 15.66
CA CYS E 36 1.67 -21.59 15.29
C CYS E 36 1.90 -20.56 14.18
N HIS E 37 1.00 -20.52 13.20
CA HIS E 37 1.13 -19.56 12.11
C HIS E 37 1.05 -18.13 12.62
N LYS E 38 0.09 -17.86 13.52
CA LYS E 38 -0.05 -16.52 14.06
C LYS E 38 1.15 -16.15 14.94
N ALA E 39 1.67 -17.12 15.69
CA ALA E 39 2.88 -16.86 16.47
C ALA E 39 4.05 -16.53 15.58
N PHE E 40 4.17 -17.23 14.45
CA PHE E 40 5.25 -16.95 13.49
C PHE E 40 5.09 -15.56 12.88
N LYS E 41 3.84 -15.16 12.57
CA LYS E 41 3.63 -13.85 11.98
C LYS E 41 4.02 -12.71 12.93
N GLN E 42 3.73 -12.85 14.21
CA GLN E 42 4.09 -11.84 15.20
C GLN E 42 5.57 -11.91 15.59
N ARG E 43 6.35 -12.69 14.86
CA ARG E 43 7.80 -12.78 15.06
C ARG E 43 8.14 -13.22 16.48
N ARG E 44 7.32 -14.11 17.03
CA ARG E 44 7.55 -14.65 18.36
C ARG E 44 8.61 -15.74 18.31
N ASN E 45 9.53 -15.69 19.26
CA ASN E 45 10.61 -16.67 19.30
C ASN E 45 10.09 -18.00 19.83
N PRO E 46 10.19 -19.09 19.05
CA PRO E 46 9.68 -20.38 19.55
C PRO E 46 10.37 -20.85 20.82
N ARG E 47 11.66 -20.54 20.99
CA ARG E 47 12.37 -21.00 22.18
C ARG E 47 11.89 -20.29 23.43
N LYS E 48 11.43 -19.04 23.31
CA LYS E 48 10.97 -18.30 24.48
C LYS E 48 9.64 -18.84 24.99
N LEU E 49 8.69 -19.10 24.10
CA LEU E 49 7.39 -19.61 24.50
C LEU E 49 7.50 -21.03 25.01
N LYS E 50 6.87 -21.30 26.15
CA LYS E 50 7.14 -22.54 26.88
C LYS E 50 6.46 -23.76 26.28
N TRP E 51 5.41 -23.59 25.48
CA TRP E 51 4.66 -24.75 25.01
C TRP E 51 5.30 -25.44 23.81
N THR E 52 6.24 -24.78 23.13
CA THR E 52 6.89 -25.40 21.98
C THR E 52 7.96 -26.37 22.43
N LYS E 53 8.32 -27.28 21.52
CA LYS E 53 9.39 -28.25 21.80
C LYS E 53 10.76 -27.61 21.76
N ALA E 54 10.93 -26.49 21.08
CA ALA E 54 12.22 -25.80 21.07
C ALA E 54 12.60 -25.33 22.48
N PHE E 55 11.63 -24.79 23.22
CA PHE E 55 11.90 -24.39 24.60
C PHE E 55 12.27 -25.58 25.46
N ARG E 56 11.56 -26.70 25.28
CA ARG E 56 11.79 -27.88 26.10
C ARG E 56 13.13 -28.55 25.80
N LYS E 57 13.59 -28.49 24.56
CA LYS E 57 14.89 -29.05 24.20
C LYS E 57 16.04 -28.12 24.52
N ALA E 58 15.78 -26.82 24.67
CA ALA E 58 16.81 -25.85 25.02
C ALA E 58 16.90 -25.62 26.52
N ALA E 59 16.14 -26.36 27.32
CA ALA E 59 16.19 -26.21 28.77
C ALA E 59 16.30 -27.54 29.50
N GLY E 60 16.56 -28.64 28.80
CA GLY E 60 16.74 -29.93 29.42
C GLY E 60 15.47 -30.67 29.80
N LYS E 61 14.31 -30.13 29.45
CA LYS E 61 13.06 -30.80 29.82
C LYS E 61 12.92 -32.15 29.12
N GLU E 62 13.33 -32.24 27.86
CA GLU E 62 13.37 -33.50 27.13
C GLU E 62 14.75 -33.71 26.55
N LEU E 63 15.14 -34.97 26.43
CA LEU E 63 16.45 -35.31 25.90
C LEU E 63 16.54 -34.92 24.43
N ALA E 64 17.69 -34.36 24.04
CA ALA E 64 17.91 -33.92 22.67
C ALA E 64 19.18 -34.51 22.06
N VAL E 65 19.95 -35.26 22.84
CA VAL E 65 21.17 -35.88 22.33
C VAL E 65 21.09 -37.39 22.49
N MET F 1 -21.64 3.54 -12.93
CA MET F 1 -21.73 2.64 -14.08
C MET F 1 -23.16 2.57 -14.61
N GLY F 2 -23.42 1.56 -15.44
CA GLY F 2 -24.73 1.38 -16.05
C GLY F 2 -24.67 1.26 -17.55
N LYS F 3 -23.46 1.33 -18.11
CA LYS F 3 -23.24 1.26 -19.55
C LYS F 3 -24.07 2.31 -20.29
N THR F 4 -24.09 3.51 -19.73
CA THR F 4 -24.82 4.62 -20.32
C THR F 4 -23.93 5.37 -21.32
N GLN F 5 -24.58 6.06 -22.24
CA GLN F 5 -23.86 6.85 -23.23
C GLN F 5 -23.12 8.00 -22.55
N LYS F 6 -21.98 8.38 -23.13
CA LYS F 6 -21.24 9.52 -22.61
C LYS F 6 -22.04 10.80 -22.71
N LYS F 7 -22.83 10.94 -23.78
CA LYS F 7 -23.66 12.12 -23.95
C LYS F 7 -24.74 12.25 -22.90
N ASN F 8 -25.02 11.20 -22.15
CA ASN F 8 -26.04 11.22 -21.09
C ASN F 8 -25.46 11.56 -19.73
N SER F 9 -24.16 11.85 -19.64
CA SER F 9 -23.54 12.18 -18.37
C SER F 9 -24.03 13.55 -17.87
N LYS F 10 -23.76 13.81 -16.60
CA LYS F 10 -24.26 15.04 -15.99
C LYS F 10 -23.48 16.28 -16.44
N GLY F 11 -22.19 16.13 -16.73
CA GLY F 11 -21.39 17.28 -17.10
C GLY F 11 -20.92 17.26 -18.54
N ARG F 12 -21.27 16.19 -19.27
CA ARG F 12 -20.84 16.09 -20.66
C ARG F 12 -21.44 17.20 -21.50
N LEU F 13 -22.71 17.52 -21.29
CA LEU F 13 -23.36 18.62 -21.97
C LEU F 13 -23.25 19.87 -21.11
N ASP F 14 -22.59 20.90 -21.64
CA ASP F 14 -22.23 22.08 -20.86
C ASP F 14 -22.58 23.33 -21.65
N ARG F 15 -22.58 24.47 -20.95
CA ARG F 15 -22.81 25.75 -21.61
C ARG F 15 -21.73 26.06 -22.64
N TYR F 16 -20.52 25.54 -22.44
CA TYR F 16 -19.46 25.75 -23.42
C TYR F 16 -19.76 24.98 -24.70
N TYR F 17 -20.34 23.79 -24.59
CA TYR F 17 -20.72 23.00 -25.76
C TYR F 17 -21.73 23.76 -26.61
N TYR F 18 -22.80 24.26 -25.98
CA TYR F 18 -23.82 25.01 -26.71
C TYR F 18 -23.27 26.34 -27.23
N LEU F 19 -22.38 26.99 -26.48
CA LEU F 19 -21.78 28.23 -26.96
C LEU F 19 -20.92 27.99 -28.20
N ALA F 20 -20.15 26.90 -28.21
CA ALA F 20 -19.37 26.56 -29.39
C ALA F 20 -20.27 26.21 -30.57
N LYS F 21 -21.37 25.50 -30.30
CA LYS F 21 -22.32 25.19 -31.37
C LYS F 21 -22.91 26.46 -31.97
N GLU F 22 -23.28 27.42 -31.12
CA GLU F 22 -23.84 28.68 -31.61
C GLU F 22 -22.80 29.48 -32.38
N LYS F 23 -21.57 29.55 -31.88
CA LYS F 23 -20.53 30.34 -32.53
C LYS F 23 -20.00 29.70 -33.81
N GLY F 24 -20.38 28.46 -34.11
CA GLY F 24 -19.83 27.73 -35.23
C GLY F 24 -18.58 26.95 -34.93
N TYR F 25 -18.05 27.06 -33.71
CA TYR F 25 -16.87 26.30 -33.33
C TYR F 25 -17.20 24.82 -33.27
N ARG F 26 -16.22 23.99 -33.64
CA ARG F 26 -16.44 22.56 -33.74
C ARG F 26 -16.31 21.84 -32.40
N ALA F 27 -15.90 22.52 -31.34
CA ALA F 27 -15.75 21.89 -30.04
C ALA F 27 -15.73 22.98 -28.97
N ARG F 28 -16.14 22.59 -27.77
CA ARG F 28 -16.05 23.51 -26.64
C ARG F 28 -14.60 23.80 -26.26
N SER F 29 -13.69 22.87 -26.58
CA SER F 29 -12.28 23.06 -26.27
C SER F 29 -11.70 24.28 -26.98
N SER F 30 -12.34 24.73 -28.06
CA SER F 30 -11.90 25.95 -28.73
C SER F 30 -11.89 27.14 -27.76
N PHE F 31 -12.75 27.12 -26.74
CA PHE F 31 -12.76 28.21 -25.78
C PHE F 31 -11.53 28.17 -24.88
N LYS F 32 -10.97 26.99 -24.65
CA LYS F 32 -9.80 26.88 -23.77
C LYS F 32 -8.67 27.77 -24.26
N ILE F 33 -8.18 27.53 -25.48
CA ILE F 33 -7.14 28.37 -26.05
C ILE F 33 -7.62 29.80 -26.23
N ILE F 34 -8.93 30.04 -26.21
CA ILE F 34 -9.43 31.40 -26.23
C ILE F 34 -9.09 32.10 -24.91
N GLN F 35 -9.31 31.42 -23.79
CA GLN F 35 -9.02 32.03 -22.49
C GLN F 35 -7.53 32.05 -22.20
N ILE F 36 -6.82 30.97 -22.55
CA ILE F 36 -5.38 30.92 -22.31
C ILE F 36 -4.67 32.05 -23.04
N ASN F 37 -5.03 32.26 -24.31
CA ASN F 37 -4.48 33.38 -25.06
C ASN F 37 -4.83 34.70 -24.42
N GLU F 38 -5.99 34.79 -23.76
CA GLU F 38 -6.36 36.01 -23.06
C GLU F 38 -5.59 36.19 -21.76
N LYS F 39 -4.94 35.13 -21.27
CA LYS F 39 -4.15 35.23 -20.05
C LYS F 39 -2.73 35.67 -20.31
N TYR F 40 -2.19 35.38 -21.48
CA TYR F 40 -0.79 35.64 -21.80
C TYR F 40 -0.62 36.69 -22.89
N GLY F 41 -1.41 37.75 -22.80
CA GLY F 41 -1.24 38.92 -23.65
C GLY F 41 -1.52 38.72 -25.12
N HIS F 42 -2.50 37.89 -25.47
CA HIS F 42 -2.93 37.69 -26.85
C HIS F 42 -1.75 37.32 -27.75
N PHE F 43 -1.08 36.22 -27.40
CA PHE F 43 0.14 35.84 -28.11
C PHE F 43 -0.13 35.23 -29.48
N LEU F 44 -1.38 34.90 -29.80
CA LEU F 44 -1.69 34.41 -31.14
C LEU F 44 -1.72 35.54 -32.16
N GLU F 45 -2.18 36.73 -31.76
CA GLU F 45 -2.20 37.86 -32.69
C GLU F 45 -0.81 38.29 -33.11
N LYS F 46 0.21 38.00 -32.30
CA LYS F 46 1.59 38.38 -32.59
C LYS F 46 2.43 37.22 -33.11
N SER F 47 1.79 36.15 -33.56
CA SER F 47 2.49 34.96 -34.03
C SER F 47 2.69 34.95 -35.55
N LYS F 48 1.60 35.08 -36.31
CA LYS F 48 1.63 35.24 -37.76
C LYS F 48 2.00 33.95 -38.48
N VAL F 49 2.44 32.93 -37.73
CA VAL F 49 2.65 31.58 -38.26
C VAL F 49 2.23 30.61 -37.18
N VAL F 50 1.32 29.69 -37.51
CA VAL F 50 0.72 28.80 -36.53
C VAL F 50 0.87 27.35 -37.00
N ILE F 51 1.27 26.48 -36.07
CA ILE F 51 1.29 25.04 -36.30
C ILE F 51 0.48 24.38 -35.19
N ASP F 52 -0.54 23.62 -35.58
CA ASP F 52 -1.42 22.93 -34.64
C ASP F 52 -1.37 21.44 -34.92
N LEU F 53 -0.82 20.68 -33.98
CA LEU F 53 -0.72 19.24 -34.09
C LEU F 53 -1.89 18.57 -33.39
N CYS F 54 -2.42 17.50 -33.99
CA CYS F 54 -3.56 16.76 -33.44
C CYS F 54 -4.76 17.69 -33.24
N ALA F 55 -5.26 18.21 -34.36
CA ALA F 55 -6.25 19.27 -34.35
C ALA F 55 -7.63 18.79 -34.83
N ALA F 56 -8.04 17.62 -34.41
CA ALA F 56 -9.36 17.11 -34.78
C ALA F 56 -10.45 17.84 -34.01
N PRO F 57 -11.42 18.50 -34.68
CA PRO F 57 -11.51 18.63 -36.12
C PRO F 57 -11.13 20.02 -36.61
N GLY F 58 -10.41 20.78 -35.80
CA GLY F 58 -9.96 22.10 -36.15
C GLY F 58 -10.52 23.25 -35.32
N SER F 59 -10.99 22.98 -34.10
CA SER F 59 -11.51 24.05 -33.25
C SER F 59 -10.42 25.06 -32.91
N TRP F 60 -9.25 24.58 -32.51
CA TRP F 60 -8.14 25.48 -32.21
C TRP F 60 -7.65 26.18 -33.48
N CYS F 61 -7.66 25.48 -34.61
CA CYS F 61 -7.32 26.12 -35.87
C CYS F 61 -8.31 27.22 -36.22
N GLN F 62 -9.60 26.98 -35.98
CA GLN F 62 -10.59 28.03 -36.20
C GLN F 62 -10.35 29.23 -35.29
N VAL F 63 -10.03 28.98 -34.02
CA VAL F 63 -9.74 30.08 -33.11
C VAL F 63 -8.54 30.88 -33.58
N ALA F 64 -7.48 30.18 -34.00
CA ALA F 64 -6.29 30.87 -34.49
C ALA F 64 -6.62 31.70 -35.73
N SER F 65 -7.40 31.12 -36.66
CA SER F 65 -7.78 31.87 -37.86
C SER F 65 -8.58 33.12 -37.50
N LYS F 66 -9.47 33.02 -36.52
CA LYS F 66 -10.25 34.17 -36.11
C LYS F 66 -9.41 35.20 -35.35
N LEU F 67 -8.32 34.78 -34.72
CA LEU F 67 -7.48 35.67 -33.91
C LEU F 67 -6.20 36.11 -34.60
N CYS F 68 -5.50 35.20 -35.27
CA CYS F 68 -4.23 35.53 -35.88
C CYS F 68 -4.44 36.44 -37.09
N PRO F 69 -3.36 37.10 -37.57
CA PRO F 69 -3.48 37.94 -38.76
C PRO F 69 -4.16 37.25 -39.94
N VAL F 70 -4.67 38.06 -40.87
CA VAL F 70 -5.62 37.56 -41.87
C VAL F 70 -4.99 36.49 -42.75
N ASN F 71 -3.78 36.77 -43.27
CA ASN F 71 -3.11 35.89 -44.22
C ASN F 71 -2.07 35.01 -43.54
N SER F 72 -2.34 34.57 -42.31
CA SER F 72 -1.39 33.75 -41.57
C SER F 72 -1.28 32.35 -42.19
N LEU F 73 -0.42 31.53 -41.60
CA LEU F 73 -0.11 30.22 -42.15
C LEU F 73 -0.46 29.11 -41.18
N ILE F 74 -1.69 29.15 -40.63
CA ILE F 74 -2.13 28.10 -39.73
C ILE F 74 -2.09 26.76 -40.47
N ILE F 75 -1.28 25.84 -39.97
CA ILE F 75 -1.11 24.52 -40.56
C ILE F 75 -1.53 23.48 -39.54
N GLY F 76 -2.51 22.65 -39.89
CA GLY F 76 -3.04 21.63 -39.01
C GLY F 76 -2.58 20.25 -39.43
N VAL F 77 -2.08 19.49 -38.46
CA VAL F 77 -1.60 18.13 -38.67
C VAL F 77 -2.48 17.19 -37.88
N ASP F 78 -2.98 16.14 -38.52
CA ASP F 78 -3.86 15.20 -37.84
C ASP F 78 -3.56 13.78 -38.28
N ILE F 79 -4.08 12.83 -37.51
CA ILE F 79 -4.05 11.42 -37.91
C ILE F 79 -5.40 10.97 -38.47
N VAL F 80 -6.49 11.65 -38.13
CA VAL F 80 -7.82 11.35 -38.65
C VAL F 80 -8.17 12.42 -39.68
N PRO F 81 -9.02 12.12 -40.66
CA PRO F 81 -9.37 13.14 -41.66
C PRO F 81 -10.05 14.34 -41.02
N MET F 82 -9.78 15.51 -41.60
CA MET F 82 -10.29 16.78 -41.10
C MET F 82 -11.12 17.46 -42.17
N LYS F 83 -12.25 18.03 -41.77
CA LYS F 83 -13.05 18.81 -42.69
C LYS F 83 -12.29 20.07 -43.09
N PRO F 84 -12.20 20.38 -44.38
CA PRO F 84 -11.41 21.54 -44.80
C PRO F 84 -11.98 22.84 -44.24
N MET F 85 -11.08 23.78 -43.96
CA MET F 85 -11.43 25.07 -43.40
C MET F 85 -10.85 26.18 -44.26
N PRO F 86 -11.53 27.33 -44.34
CA PRO F 86 -11.00 28.43 -45.14
C PRO F 86 -9.72 28.98 -44.57
N ASN F 87 -8.76 29.25 -45.45
CA ASN F 87 -7.48 29.87 -45.11
C ASN F 87 -6.66 29.03 -44.13
N VAL F 88 -6.98 27.74 -44.00
CA VAL F 88 -6.25 26.83 -43.13
C VAL F 88 -5.78 25.64 -43.95
N ILE F 89 -4.51 25.30 -43.83
CA ILE F 89 -3.90 24.20 -44.56
C ILE F 89 -3.84 23.01 -43.60
N THR F 90 -4.73 22.04 -43.81
CA THR F 90 -4.82 20.87 -42.95
C THR F 90 -4.46 19.62 -43.72
N PHE F 91 -3.74 18.71 -43.06
CA PHE F 91 -3.42 17.44 -43.69
C PHE F 91 -3.32 16.35 -42.64
N GLN F 92 -3.42 15.11 -43.11
CA GLN F 92 -3.52 13.93 -42.26
C GLN F 92 -2.23 13.13 -42.35
N SER F 93 -1.57 12.94 -41.21
CA SER F 93 -0.37 12.12 -41.11
C SER F 93 -0.02 11.96 -39.63
N ASP F 94 0.51 10.78 -39.28
CA ASP F 94 0.93 10.53 -37.92
C ASP F 94 2.16 11.37 -37.59
N ILE F 95 2.11 12.09 -36.48
CA ILE F 95 3.21 12.98 -36.14
C ILE F 95 4.44 12.23 -35.64
N THR F 96 4.28 10.98 -35.21
CA THR F 96 5.40 10.19 -34.69
C THR F 96 6.04 9.35 -35.80
N THR F 97 6.39 9.98 -36.91
CA THR F 97 7.05 9.31 -38.02
C THR F 97 7.65 10.35 -38.94
N GLU F 98 8.55 9.90 -39.82
CA GLU F 98 9.23 10.81 -40.73
C GLU F 98 8.33 11.33 -41.83
N ASP F 99 7.17 10.69 -42.04
CA ASP F 99 6.22 11.20 -43.02
C ASP F 99 5.73 12.59 -42.62
N CYS F 100 5.43 12.77 -41.33
CA CYS F 100 5.02 14.09 -40.86
C CYS F 100 6.14 15.11 -41.05
N ARG F 101 7.38 14.71 -40.78
CA ARG F 101 8.51 15.61 -41.01
C ARG F 101 8.60 16.03 -42.47
N SER F 102 8.48 15.06 -43.39
CA SER F 102 8.60 15.37 -44.81
C SER F 102 7.47 16.29 -45.26
N LYS F 103 6.23 15.99 -44.83
CA LYS F 103 5.10 16.82 -45.24
C LYS F 103 5.20 18.23 -44.67
N LEU F 104 5.62 18.35 -43.41
CA LEU F 104 5.77 19.68 -42.81
C LEU F 104 6.88 20.47 -43.49
N ARG F 105 8.00 19.81 -43.81
CA ARG F 105 9.07 20.48 -44.53
C ARG F 105 8.60 20.94 -45.90
N GLY F 106 7.79 20.12 -46.58
CA GLY F 106 7.20 20.54 -47.82
C GLY F 106 6.31 21.76 -47.66
N TYR F 107 5.56 21.81 -46.56
CA TYR F 107 4.68 22.94 -46.32
C TYR F 107 5.40 24.12 -45.64
N MET F 108 6.38 23.84 -44.79
CA MET F 108 7.25 24.87 -44.22
C MET F 108 8.43 25.07 -45.17
N LYS F 109 8.25 25.91 -46.18
CA LYS F 109 9.29 26.16 -47.17
C LYS F 109 10.53 26.78 -46.51
N THR F 110 10.39 27.99 -46.01
CA THR F 110 11.49 28.68 -45.32
C THR F 110 11.09 29.33 -44.01
N TRP F 111 9.82 29.65 -43.80
CA TRP F 111 9.40 30.28 -42.56
C TRP F 111 9.52 29.30 -41.39
N LYS F 112 9.77 29.86 -40.21
CA LYS F 112 9.79 29.10 -38.96
C LYS F 112 8.62 29.56 -38.10
N ALA F 113 7.85 28.61 -37.59
CA ALA F 113 6.62 28.93 -36.89
C ALA F 113 6.91 29.70 -35.60
N ASP F 114 6.14 30.76 -35.37
CA ASP F 114 6.27 31.54 -34.15
C ASP F 114 5.54 30.92 -32.97
N THR F 115 4.67 29.94 -33.21
CA THR F 115 3.96 29.27 -32.14
C THR F 115 3.59 27.86 -32.57
N VAL F 116 3.66 26.92 -31.64
CA VAL F 116 3.20 25.56 -31.84
C VAL F 116 2.31 25.20 -30.66
N LEU F 117 1.07 24.82 -30.94
CA LEU F 117 0.09 24.52 -29.91
C LEU F 117 -0.48 23.13 -30.16
N HIS F 118 -0.38 22.27 -29.15
CA HIS F 118 -0.71 20.85 -29.27
C HIS F 118 -1.77 20.47 -28.26
N ASP F 119 -2.78 19.73 -28.72
CA ASP F 119 -3.91 19.34 -27.87
C ASP F 119 -4.29 17.89 -28.11
N GLY F 120 -3.28 17.03 -28.30
CA GLY F 120 -3.54 15.64 -28.59
C GLY F 120 -3.99 14.86 -27.37
N ALA F 121 -4.65 13.74 -27.64
CA ALA F 121 -5.16 12.86 -26.58
C ALA F 121 -5.45 11.50 -27.18
N PRO F 122 -5.16 10.42 -26.44
CA PRO F 122 -5.45 9.08 -26.95
C PRO F 122 -6.94 8.76 -26.87
N ASN F 123 -7.31 7.51 -27.18
CA ASN F 123 -8.67 7.04 -26.99
C ASN F 123 -8.80 6.56 -25.54
N VAL F 124 -9.36 7.43 -24.69
CA VAL F 124 -9.40 7.17 -23.26
C VAL F 124 -10.39 6.05 -22.95
N GLY F 125 -10.00 5.16 -22.06
CA GLY F 125 -10.82 4.01 -21.70
C GLY F 125 -9.97 2.79 -21.47
N LEU F 126 -8.66 2.93 -21.68
CA LEU F 126 -7.74 1.81 -21.52
C LEU F 126 -7.45 1.49 -20.05
N GLY F 127 -7.51 2.49 -19.17
CA GLY F 127 -7.23 2.24 -17.77
C GLY F 127 -6.53 3.38 -17.05
N TRP F 128 -6.13 4.41 -17.80
CA TRP F 128 -5.55 5.64 -17.28
C TRP F 128 -4.12 5.44 -16.79
N VAL F 129 -3.68 4.19 -16.68
CA VAL F 129 -2.27 3.95 -16.39
C VAL F 129 -1.45 4.03 -17.68
N GLN F 130 -2.03 3.59 -18.79
CA GLN F 130 -1.41 3.77 -20.09
C GLN F 130 -1.86 5.07 -20.77
N ASP F 131 -3.07 5.53 -20.50
CA ASP F 131 -3.57 6.74 -21.15
C ASP F 131 -2.74 7.95 -20.78
N ALA F 132 -2.45 8.13 -19.49
CA ALA F 132 -1.65 9.27 -19.07
C ALA F 132 -0.24 9.20 -19.64
N PHE F 133 0.37 8.02 -19.60
CA PHE F 133 1.73 7.90 -20.10
C PHE F 133 1.79 8.08 -21.62
N THR F 134 0.81 7.54 -22.35
CA THR F 134 0.82 7.73 -23.79
C THR F 134 0.50 9.16 -24.18
N GLN F 135 -0.29 9.86 -23.36
CA GLN F 135 -0.49 11.28 -23.60
C GLN F 135 0.79 12.07 -23.35
N SER F 136 1.54 11.70 -22.32
CA SER F 136 2.83 12.35 -22.07
C SER F 136 3.80 12.08 -23.22
N GLN F 137 3.80 10.85 -23.73
CA GLN F 137 4.63 10.53 -24.89
C GLN F 137 4.22 11.34 -26.10
N LEU F 138 2.91 11.52 -26.30
CA LEU F 138 2.43 12.36 -27.39
C LEU F 138 2.89 13.80 -27.23
N THR F 139 2.85 14.32 -26.00
CA THR F 139 3.33 15.68 -25.76
C THR F 139 4.82 15.80 -26.04
N LEU F 140 5.60 14.79 -25.64
CA LEU F 140 7.04 14.82 -25.93
C LEU F 140 7.30 14.77 -27.43
N GLN F 141 6.53 13.97 -28.16
CA GLN F 141 6.68 13.95 -29.62
C GLN F 141 6.30 15.30 -30.23
N ALA F 142 5.25 15.92 -29.72
CA ALA F 142 4.88 17.25 -30.20
C ALA F 142 5.99 18.26 -29.91
N LEU F 143 6.62 18.16 -28.75
CA LEU F 143 7.75 19.04 -28.45
C LEU F 143 8.90 18.79 -29.40
N LYS F 144 9.15 17.52 -29.74
CA LYS F 144 10.23 17.21 -30.69
C LYS F 144 9.93 17.79 -32.07
N LEU F 145 8.66 17.76 -32.49
CA LEU F 145 8.28 18.45 -33.72
C LEU F 145 8.47 19.96 -33.61
N ALA F 146 8.11 20.53 -32.46
CA ALA F 146 8.08 21.99 -32.33
C ALA F 146 9.49 22.58 -32.20
N VAL F 147 10.42 21.83 -31.61
CA VAL F 147 11.73 22.40 -31.32
C VAL F 147 12.47 22.76 -32.60
N GLU F 148 12.18 22.06 -33.69
CA GLU F 148 12.83 22.32 -34.97
C GLU F 148 12.02 23.22 -35.88
N ASN F 149 10.90 23.76 -35.40
CA ASN F 149 10.06 24.66 -36.18
C ASN F 149 9.73 25.94 -35.44
N LEU F 150 10.39 26.22 -34.33
CA LEU F 150 10.10 27.40 -33.51
C LEU F 150 11.27 28.37 -33.57
N VAL F 151 10.97 29.65 -33.75
CA VAL F 151 11.98 30.71 -33.76
C VAL F 151 12.45 30.93 -32.34
N VAL F 152 13.56 31.67 -32.19
CA VAL F 152 13.97 32.08 -30.85
C VAL F 152 12.89 32.98 -30.27
N ASN F 153 12.62 32.79 -28.97
CA ASN F 153 11.54 33.49 -28.27
C ASN F 153 10.19 33.12 -28.91
N GLY F 154 9.92 31.82 -28.96
CA GLY F 154 8.65 31.30 -29.41
C GLY F 154 7.78 30.85 -28.24
N THR F 155 6.54 30.50 -28.58
CA THR F 155 5.57 30.03 -27.60
C THR F 155 5.13 28.62 -27.96
N PHE F 156 5.14 27.73 -26.97
CA PHE F 156 4.71 26.35 -27.15
C PHE F 156 3.65 26.05 -26.09
N VAL F 157 2.46 25.65 -26.54
CA VAL F 157 1.32 25.38 -25.68
C VAL F 157 0.96 23.91 -25.85
N THR F 158 0.85 23.18 -24.75
CA THR F 158 0.46 21.78 -24.84
C THR F 158 -0.41 21.41 -23.67
N LYS F 159 -1.11 20.27 -23.81
CA LYS F 159 -2.00 19.75 -22.80
C LYS F 159 -1.45 18.43 -22.30
N ILE F 160 -1.30 18.30 -20.98
CA ILE F 160 -0.72 17.11 -20.36
C ILE F 160 -1.74 16.53 -19.40
N PHE F 161 -1.94 15.22 -19.47
CA PHE F 161 -2.69 14.52 -18.45
C PHE F 161 -1.83 14.37 -17.22
N ARG F 162 -2.28 14.94 -16.10
CA ARG F 162 -1.47 14.92 -14.89
C ARG F 162 -1.26 13.49 -14.42
N SER F 163 -0.02 13.17 -14.11
CA SER F 163 0.38 11.82 -13.69
C SER F 163 1.78 11.91 -13.08
N LYS F 164 2.37 10.77 -12.77
CA LYS F 164 3.71 10.75 -12.19
C LYS F 164 4.77 11.24 -13.17
N ASP F 165 4.50 11.19 -14.47
CA ASP F 165 5.45 11.61 -15.50
C ASP F 165 5.18 13.01 -16.02
N TYR F 166 4.69 13.90 -15.15
CA TYR F 166 4.35 15.26 -15.52
C TYR F 166 5.42 16.27 -15.10
N ASN F 167 6.00 16.08 -13.91
CA ASN F 167 7.12 16.93 -13.49
C ASN F 167 8.31 16.75 -14.43
N LYS F 168 8.49 15.54 -14.98
CA LYS F 168 9.56 15.34 -15.95
C LYS F 168 9.35 16.17 -17.20
N LEU F 169 8.12 16.22 -17.70
CA LEU F 169 7.82 17.08 -18.84
C LEU F 169 8.04 18.54 -18.50
N ILE F 170 7.63 18.96 -17.30
CA ILE F 170 7.84 20.35 -16.91
C ILE F 170 9.32 20.69 -16.87
N TRP F 171 10.14 19.79 -16.31
CA TRP F 171 11.58 20.04 -16.26
C TRP F 171 12.17 20.09 -17.66
N VAL F 172 11.76 19.20 -18.55
CA VAL F 172 12.29 19.22 -19.91
C VAL F 172 11.90 20.52 -20.61
N PHE F 173 10.68 20.99 -20.38
CA PHE F 173 10.25 22.27 -20.95
C PHE F 173 11.09 23.42 -20.42
N GLN F 174 11.41 23.39 -19.13
CA GLN F 174 12.20 24.48 -18.54
C GLN F 174 13.60 24.57 -19.12
N GLN F 175 14.15 23.47 -19.64
CA GLN F 175 15.49 23.49 -20.21
C GLN F 175 15.51 24.03 -21.63
N LEU F 176 14.35 24.25 -22.26
CA LEU F 176 14.28 24.73 -23.63
C LEU F 176 13.52 26.03 -23.76
N PHE F 177 12.95 26.56 -22.69
CA PHE F 177 12.15 27.78 -22.77
C PHE F 177 12.46 28.65 -21.56
N GLU F 178 12.19 29.95 -21.72
CA GLU F 178 12.49 30.91 -20.67
C GLU F 178 11.51 30.77 -19.51
N LYS F 179 10.21 30.96 -19.78
CA LYS F 179 9.20 30.93 -18.74
C LYS F 179 8.21 29.80 -19.03
N VAL F 180 8.12 28.85 -18.10
CA VAL F 180 7.23 27.69 -18.24
C VAL F 180 6.21 27.75 -17.11
N GLU F 181 4.93 27.67 -17.46
CA GLU F 181 3.89 27.76 -16.45
C GLU F 181 2.67 26.94 -16.88
N ALA F 182 2.05 26.28 -15.90
CA ALA F 182 0.85 25.49 -16.13
C ALA F 182 -0.38 26.24 -15.67
N THR F 183 -1.52 25.91 -16.25
CA THR F 183 -2.78 26.57 -15.93
C THR F 183 -3.93 25.65 -16.34
N LYS F 184 -5.15 26.10 -16.07
CA LYS F 184 -6.35 25.37 -16.37
C LYS F 184 -7.50 26.35 -16.60
N PRO F 185 -7.91 26.55 -17.84
CA PRO F 185 -8.98 27.52 -18.12
C PRO F 185 -10.30 27.05 -17.56
N PRO F 186 -11.27 27.95 -17.39
CA PRO F 186 -12.58 27.52 -16.89
C PRO F 186 -13.26 26.49 -17.78
N ALA F 187 -13.08 26.56 -19.10
CA ALA F 187 -13.70 25.59 -19.98
C ALA F 187 -12.85 24.33 -20.06
N SER F 188 -12.44 23.81 -18.91
CA SER F 188 -11.60 22.64 -18.79
C SER F 188 -12.13 21.74 -17.68
N ARG F 189 -13.42 21.39 -17.77
CA ARG F 189 -14.28 21.03 -16.65
C ARG F 189 -13.54 20.32 -15.51
N ASN F 190 -13.75 20.82 -14.28
CA ASN F 190 -12.88 20.55 -13.15
C ASN F 190 -12.87 19.09 -12.73
N VAL F 191 -13.59 18.20 -13.43
CA VAL F 191 -13.46 16.78 -13.18
C VAL F 191 -12.30 16.17 -13.97
N SER F 192 -11.75 16.92 -14.92
CA SER F 192 -10.70 16.42 -15.81
C SER F 192 -9.32 16.62 -15.21
N ALA F 193 -8.43 15.69 -15.50
CA ALA F 193 -7.04 15.77 -15.07
C ALA F 193 -6.14 16.48 -16.07
N GLU F 194 -6.68 16.96 -17.17
CA GLU F 194 -5.88 17.70 -18.14
C GLU F 194 -5.42 19.03 -17.55
N ILE F 195 -4.19 19.41 -17.87
CA ILE F 195 -3.64 20.71 -17.49
C ILE F 195 -2.89 21.27 -18.69
N PHE F 196 -3.08 22.57 -18.95
CA PHE F 196 -2.48 23.19 -20.12
C PHE F 196 -1.25 23.96 -19.69
N VAL F 197 -0.09 23.53 -20.17
CA VAL F 197 1.18 24.19 -19.84
C VAL F 197 1.66 24.96 -21.06
N VAL F 198 2.02 26.22 -20.84
CA VAL F 198 2.52 27.10 -21.88
C VAL F 198 3.93 27.51 -21.51
N CYS F 199 4.81 27.56 -22.50
CA CYS F 199 6.20 27.93 -22.30
C CYS F 199 6.61 28.93 -23.35
N LYS F 200 7.14 30.06 -22.90
CA LYS F 200 7.52 31.17 -23.75
C LYS F 200 9.01 31.42 -23.65
N GLY F 201 9.56 32.06 -24.69
CA GLY F 201 10.97 32.34 -24.75
C GLY F 201 11.79 31.14 -25.18
N PHE F 202 11.55 30.65 -26.40
CA PHE F 202 12.30 29.52 -26.91
C PHE F 202 13.79 29.85 -26.98
N LYS F 203 14.62 28.96 -26.45
CA LYS F 203 16.06 29.21 -26.44
C LYS F 203 16.67 29.03 -27.82
N ALA F 204 16.18 28.07 -28.60
CA ALA F 204 16.67 27.78 -29.93
C ALA F 204 18.19 27.56 -29.95
N PRO F 205 18.69 26.54 -29.26
CA PRO F 205 20.13 26.33 -29.21
C PRO F 205 20.69 25.89 -30.55
N LYS F 206 21.95 26.29 -30.80
CA LYS F 206 22.61 25.88 -32.03
C LYS F 206 22.88 24.38 -32.05
N ARG F 207 23.31 23.82 -30.92
CA ARG F 207 23.64 22.40 -30.80
C ARG F 207 22.82 21.82 -29.66
N LEU F 208 21.60 21.39 -29.97
CA LEU F 208 20.72 20.80 -28.97
C LEU F 208 21.05 19.32 -28.76
N ASP F 209 20.89 18.87 -27.53
CA ASP F 209 21.15 17.47 -27.19
C ASP F 209 19.96 16.61 -27.57
N PRO F 210 20.09 15.69 -28.52
CA PRO F 210 18.94 14.84 -28.89
C PRO F 210 18.43 14.00 -27.73
N ARG F 211 19.32 13.56 -26.84
CA ARG F 211 18.92 12.72 -25.72
C ARG F 211 18.03 13.45 -24.72
N LEU F 212 17.98 14.79 -24.79
CA LEU F 212 17.05 15.54 -23.96
C LEU F 212 15.61 15.42 -24.45
N LEU F 213 15.42 15.02 -25.70
CA LEU F 213 14.07 14.81 -26.25
C LEU F 213 13.81 13.35 -26.59
N ASP F 214 14.64 12.44 -26.06
CA ASP F 214 14.48 11.02 -26.32
C ASP F 214 13.69 10.40 -25.18
N PRO F 215 12.51 9.82 -25.44
CA PRO F 215 11.72 9.24 -24.33
C PRO F 215 12.40 8.10 -23.63
N LYS F 216 13.43 7.49 -24.24
CA LYS F 216 14.10 6.35 -23.64
C LYS F 216 14.69 6.68 -22.27
N GLU F 217 15.07 7.93 -22.05
CA GLU F 217 15.65 8.31 -20.76
C GLU F 217 15.13 9.63 -20.21
N VAL F 218 14.17 10.27 -20.87
CA VAL F 218 13.46 11.38 -20.25
C VAL F 218 12.55 10.88 -19.15
N PHE F 219 11.90 9.74 -19.38
CA PHE F 219 10.99 9.12 -18.42
C PHE F 219 11.67 8.09 -17.54
N GLU F 220 12.97 8.24 -17.28
CA GLU F 220 13.69 7.29 -16.44
C GLU F 220 13.17 7.33 -15.02
N GLU F 221 13.03 6.15 -14.41
CA GLU F 221 12.53 6.05 -13.05
C GLU F 221 13.60 6.47 -12.04
N LEU F 222 13.16 6.71 -10.81
CA LEU F 222 14.04 7.16 -9.75
C LEU F 222 14.21 6.06 -8.69
N PRO F 223 15.39 5.98 -8.06
CA PRO F 223 15.62 4.93 -7.05
C PRO F 223 15.01 5.26 -5.71
N ASP F 224 15.26 4.43 -4.71
CA ASP F 224 14.74 4.63 -3.36
C ASP F 224 15.88 4.65 -2.36
N GLY F 225 15.68 5.37 -1.27
CA GLY F 225 16.69 5.53 -0.23
C GLY F 225 16.14 5.39 1.17
N GLN F 226 15.15 4.50 1.34
CA GLN F 226 14.44 4.39 2.60
C GLN F 226 15.37 4.07 3.76
N GLN F 227 14.95 4.46 4.96
CA GLN F 227 15.80 4.34 6.14
C GLN F 227 16.00 2.88 6.56
N ASN F 228 15.03 2.01 6.27
CA ASN F 228 15.09 0.61 6.69
C ASN F 228 15.25 0.52 8.21
N MET F 229 14.46 1.31 8.93
CA MET F 229 14.55 1.39 10.38
C MET F 229 13.41 0.64 11.07
N GLU F 230 12.21 0.64 10.48
CA GLU F 230 11.09 -0.07 11.07
C GLU F 230 11.29 -1.58 11.06
N SER F 231 12.18 -2.09 10.22
CA SER F 231 12.40 -3.53 10.14
C SER F 231 13.08 -4.10 11.36
N LYS F 232 13.63 -3.27 12.24
CA LYS F 232 14.27 -3.74 13.46
C LYS F 232 13.33 -3.69 14.65
N ILE F 233 12.57 -2.62 14.79
CA ILE F 233 11.65 -2.48 15.91
C ILE F 233 10.27 -3.06 15.58
N TYR F 234 9.69 -2.63 14.47
CA TYR F 234 8.34 -3.05 14.09
C TYR F 234 8.40 -4.21 13.08
N ASN F 235 8.94 -5.33 13.53
CA ASN F 235 8.95 -6.54 12.70
C ASN F 235 7.55 -7.07 12.39
N PRO F 236 6.62 -7.24 13.39
CA PRO F 236 5.27 -7.71 13.08
C PRO F 236 4.32 -6.58 12.68
N GLU F 237 4.80 -5.69 11.81
CA GLU F 237 4.01 -4.55 11.37
C GLU F 237 3.26 -4.83 10.08
N LYS F 238 3.39 -6.02 9.52
CA LYS F 238 2.80 -6.36 8.22
C LYS F 238 3.18 -5.32 7.18
N LYS F 239 4.49 -5.28 6.91
CA LYS F 239 5.09 -4.25 6.08
C LYS F 239 4.30 -4.05 4.79
N VAL F 240 4.30 -2.81 4.29
CA VAL F 240 3.53 -2.47 3.10
C VAL F 240 3.87 -3.43 1.98
N ARG F 241 2.84 -3.93 1.30
CA ARG F 241 3.00 -4.95 0.29
C ARG F 241 4.05 -4.54 -0.74
N LYS F 242 5.12 -5.33 -0.83
CA LYS F 242 6.20 -5.01 -1.75
C LYS F 242 5.74 -5.27 -3.19
N ARG F 243 5.25 -4.23 -3.85
CA ARG F 243 4.79 -4.31 -5.22
C ARG F 243 5.55 -3.32 -6.11
N GLN F 244 6.86 -3.22 -5.88
CA GLN F 244 7.72 -2.32 -6.63
C GLN F 244 8.87 -3.05 -7.32
N GLY F 245 8.75 -4.37 -7.50
CA GLY F 245 9.78 -5.12 -8.17
C GLY F 245 10.96 -5.42 -7.28
N TYR F 246 11.99 -5.99 -7.89
CA TYR F 246 13.20 -6.39 -7.20
C TYR F 246 14.40 -5.66 -7.81
N GLU F 247 15.55 -5.82 -7.17
CA GLU F 247 16.78 -5.17 -7.64
C GLU F 247 17.26 -5.82 -8.93
N GLU F 248 17.91 -5.01 -9.76
CA GLU F 248 18.37 -5.49 -11.07
C GLU F 248 19.40 -6.60 -10.93
N GLY F 249 20.35 -6.45 -10.00
CA GLY F 249 21.41 -7.42 -9.86
C GLY F 249 21.12 -8.50 -8.84
N ASP F 250 19.85 -8.67 -8.50
CA ASP F 250 19.43 -9.65 -7.50
C ASP F 250 18.75 -10.82 -8.21
N ASN F 251 19.27 -12.02 -7.99
CA ASN F 251 18.71 -13.23 -8.59
C ASN F 251 18.21 -14.21 -7.56
N LEU F 252 18.99 -14.51 -6.52
CA LEU F 252 18.54 -15.39 -5.46
C LEU F 252 17.57 -14.70 -4.51
N LEU F 253 17.50 -13.36 -4.54
CA LEU F 253 16.72 -12.60 -3.57
C LEU F 253 17.15 -12.94 -2.15
N TYR F 254 18.45 -13.15 -1.96
CA TYR F 254 18.99 -13.64 -0.70
C TYR F 254 20.38 -13.02 -0.51
N HIS F 255 20.68 -12.66 0.74
CA HIS F 255 21.96 -12.04 1.08
C HIS F 255 22.54 -12.69 2.32
N GLU F 256 23.87 -12.77 2.37
CA GLU F 256 24.55 -13.29 3.54
C GLU F 256 25.95 -12.67 3.60
N THR F 257 26.40 -12.39 4.82
CA THR F 257 27.72 -11.82 5.06
C THR F 257 28.34 -12.48 6.28
N SER F 258 29.61 -12.19 6.49
CA SER F 258 30.28 -12.67 7.69
C SER F 258 29.85 -11.85 8.90
N ILE F 259 29.89 -12.49 10.07
CA ILE F 259 29.52 -11.79 11.30
C ILE F 259 30.53 -10.67 11.60
N LEU F 260 31.81 -10.91 11.29
CA LEU F 260 32.82 -9.88 11.50
C LEU F 260 32.56 -8.64 10.65
N ASP F 261 31.97 -8.81 9.46
CA ASP F 261 31.57 -7.66 8.67
C ASP F 261 30.49 -6.86 9.39
N PHE F 262 29.57 -7.55 10.07
CA PHE F 262 28.58 -6.85 10.89
C PHE F 262 29.25 -6.12 12.04
N VAL F 263 30.27 -6.74 12.65
CA VAL F 263 30.95 -6.11 13.78
C VAL F 263 31.66 -4.84 13.33
N ARG F 264 32.34 -4.90 12.19
CA ARG F 264 33.19 -3.79 11.75
C ARG F 264 32.43 -2.71 10.99
N THR F 265 31.17 -2.96 10.61
CA THR F 265 30.46 -1.97 9.81
C THR F 265 30.07 -0.77 10.66
N GLU F 266 29.87 0.37 9.99
CA GLU F 266 29.43 1.57 10.67
C GLU F 266 27.92 1.69 10.78
N ASP F 267 27.18 1.03 9.88
CA ASP F 267 25.72 1.08 9.89
C ASP F 267 25.17 -0.29 10.24
N PRO F 268 24.79 -0.55 11.49
CA PRO F 268 24.25 -1.86 11.83
C PRO F 268 22.77 -1.98 11.52
N ILE F 269 22.05 -0.86 11.58
CA ILE F 269 20.61 -0.87 11.32
C ILE F 269 20.34 -1.26 9.87
N SER F 270 21.08 -0.67 8.94
CA SER F 270 20.88 -0.96 7.53
C SER F 270 21.23 -2.41 7.22
N MET F 271 22.30 -2.93 7.82
CA MET F 271 22.70 -4.30 7.52
C MET F 271 21.79 -5.33 8.17
N LEU F 272 21.23 -5.03 9.35
CA LEU F 272 20.32 -5.96 9.98
C LEU F 272 19.00 -6.08 9.22
N GLY F 273 18.52 -4.99 8.63
CA GLY F 273 17.28 -4.99 7.90
C GLY F 273 17.38 -5.42 6.46
N GLU F 274 18.57 -5.77 5.97
CA GLU F 274 18.76 -6.18 4.59
C GLU F 274 19.24 -7.61 4.46
N MET F 275 20.17 -8.04 5.31
CA MET F 275 20.72 -9.38 5.19
C MET F 275 19.72 -10.43 5.64
N ASN F 276 19.90 -11.65 5.14
CA ASN F 276 19.11 -12.80 5.57
C ASN F 276 19.86 -13.68 6.56
N LYS F 277 21.18 -13.54 6.64
CA LYS F 277 21.98 -14.42 7.47
C LYS F 277 23.33 -13.76 7.71
N PHE F 278 23.94 -14.10 8.85
CA PHE F 278 25.32 -13.73 9.14
C PHE F 278 26.13 -15.02 9.23
N THR F 279 27.19 -15.10 8.43
CA THR F 279 27.99 -16.31 8.34
C THR F 279 29.05 -16.33 9.43
N ILE F 280 29.30 -17.53 9.98
CA ILE F 280 30.29 -17.73 11.03
C ILE F 280 31.45 -18.52 10.46
N ASP F 281 32.66 -18.01 10.66
CA ASP F 281 33.88 -18.70 10.23
C ASP F 281 34.55 -19.29 11.47
N GLU F 282 34.74 -20.61 11.45
CA GLU F 282 35.26 -21.33 12.61
C GLU F 282 36.78 -21.44 12.61
N ASN F 283 37.46 -20.93 11.58
CA ASN F 283 38.92 -20.96 11.50
C ASN F 283 39.50 -19.55 11.44
N ASP F 284 38.82 -18.59 12.05
CA ASP F 284 39.27 -17.20 12.09
C ASP F 284 39.67 -16.86 13.52
N HIS F 285 40.81 -16.17 13.65
CA HIS F 285 41.31 -15.82 14.98
C HIS F 285 40.37 -14.85 15.68
N GLU F 286 39.77 -13.92 14.93
CA GLU F 286 38.83 -12.98 15.53
C GLU F 286 37.62 -13.72 16.09
N TRP F 287 37.08 -14.68 15.35
CA TRP F 287 35.98 -15.47 15.87
C TRP F 287 36.43 -16.37 17.01
N LYS F 288 37.70 -16.80 17.00
CA LYS F 288 38.22 -17.56 18.12
C LYS F 288 38.22 -16.72 19.39
N ILE F 289 38.59 -15.45 19.28
CA ILE F 289 38.54 -14.54 20.43
C ILE F 289 37.10 -14.32 20.86
N LEU F 290 36.19 -14.10 19.90
CA LEU F 290 34.81 -13.76 20.23
C LEU F 290 34.01 -14.95 20.73
N LYS F 291 34.45 -16.18 20.47
CA LYS F 291 33.67 -17.35 20.84
C LYS F 291 33.67 -17.56 22.35
N LYS F 292 34.80 -17.33 23.01
CA LYS F 292 34.94 -17.60 24.44
C LYS F 292 34.45 -16.40 25.26
N LEU F 293 33.19 -16.05 25.07
CA LEU F 293 32.56 -14.95 25.76
C LEU F 293 31.31 -15.44 26.49
N LYS F 294 30.85 -14.64 27.45
CA LYS F 294 29.58 -14.94 28.12
C LYS F 294 28.43 -14.87 27.13
N GLN F 295 28.58 -14.10 26.06
CA GLN F 295 27.63 -14.09 24.95
C GLN F 295 27.92 -15.29 24.05
N THR F 296 27.35 -15.27 22.84
CA THR F 296 27.46 -16.38 21.90
C THR F 296 26.95 -17.68 22.52
N THR F 297 25.87 -17.57 23.27
CA THR F 297 25.19 -18.70 23.89
C THR F 297 23.82 -18.21 24.32
N ASP F 298 23.01 -19.15 24.84
CA ASP F 298 21.64 -18.87 25.26
C ASP F 298 20.81 -18.31 24.10
N GLU F 299 20.61 -19.18 23.11
CA GLU F 299 19.91 -18.89 21.86
C GLU F 299 20.37 -17.56 21.26
N PHE F 300 21.64 -17.52 20.87
CA PHE F 300 22.19 -16.44 20.07
C PHE F 300 22.52 -16.88 18.66
N ARG F 301 23.19 -18.03 18.51
CA ARG F 301 23.56 -18.50 17.18
C ARG F 301 22.33 -18.80 16.33
N SER F 302 21.31 -19.40 16.93
CA SER F 302 20.09 -19.71 16.18
C SER F 302 19.41 -18.44 15.68
N CYS F 303 19.48 -17.35 16.45
CA CYS F 303 18.94 -16.09 15.98
C CYS F 303 19.76 -15.51 14.84
N ILE F 304 21.00 -15.95 14.67
CA ILE F 304 21.84 -15.45 13.59
C ILE F 304 21.54 -16.15 12.27
N GLU F 305 21.19 -17.43 12.32
CA GLU F 305 20.96 -18.20 11.10
C GLU F 305 19.78 -17.68 10.29
N ASP F 306 18.90 -16.88 10.89
CA ASP F 306 17.74 -16.35 10.18
C ASP F 306 17.41 -14.99 10.77
N LEU F 307 17.71 -13.92 10.03
CA LEU F 307 17.42 -12.56 10.45
C LEU F 307 16.05 -12.08 10.01
N LYS F 308 15.14 -13.00 9.70
CA LYS F 308 13.81 -12.63 9.22
C LYS F 308 12.70 -13.09 10.16
N VAL F 309 13.03 -13.76 11.26
CA VAL F 309 12.02 -14.34 12.15
C VAL F 309 12.29 -13.94 13.59
N LEU F 310 12.97 -12.81 13.81
CA LEU F 310 13.52 -12.52 15.13
C LEU F 310 12.60 -11.66 15.99
N GLY F 311 12.31 -10.44 15.56
CA GLY F 311 11.62 -9.48 16.38
C GLY F 311 12.57 -8.52 17.10
N LYS F 312 11.98 -7.51 17.74
CA LYS F 312 12.78 -6.44 18.33
C LYS F 312 13.63 -6.94 19.49
N LYS F 313 13.08 -7.84 20.32
CA LYS F 313 13.80 -8.30 21.50
C LYS F 313 15.07 -9.06 21.15
N ASP F 314 15.14 -9.66 19.96
CA ASP F 314 16.34 -10.34 19.50
C ASP F 314 17.28 -9.42 18.73
N PHE F 315 16.73 -8.49 17.96
CA PHE F 315 17.57 -7.52 17.25
C PHE F 315 18.33 -6.65 18.24
N LYS F 316 17.68 -6.25 19.35
CA LYS F 316 18.37 -5.47 20.36
C LYS F 316 19.48 -6.28 21.01
N MET F 317 19.25 -7.57 21.24
CA MET F 317 20.29 -8.43 21.78
C MET F 317 21.48 -8.52 20.83
N ILE F 318 21.21 -8.67 19.53
CA ILE F 318 22.30 -8.75 18.56
C ILE F 318 23.06 -7.43 18.50
N LEU F 319 22.36 -6.30 18.59
CA LEU F 319 23.03 -5.01 18.60
C LEU F 319 23.91 -4.85 19.83
N ARG F 320 23.43 -5.30 20.99
CA ARG F 320 24.25 -5.25 22.19
C ARG F 320 25.48 -6.14 22.06
N TRP F 321 25.32 -7.30 21.44
CA TRP F 321 26.47 -8.18 21.20
C TRP F 321 27.48 -7.50 20.28
N ARG F 322 27.00 -6.81 19.24
CA ARG F 322 27.91 -6.10 18.35
C ARG F 322 28.64 -4.99 19.10
N LYS F 323 27.94 -4.28 19.98
CA LYS F 323 28.59 -3.25 20.78
C LYS F 323 29.68 -3.85 21.67
N ILE F 324 29.40 -5.00 22.29
CA ILE F 324 30.39 -5.66 23.12
C ILE F 324 31.60 -6.07 22.28
N ALA F 325 31.36 -6.63 21.09
CA ALA F 325 32.45 -7.05 20.23
C ALA F 325 33.31 -5.86 19.80
N ARG F 326 32.66 -4.74 19.43
CA ARG F 326 33.41 -3.55 19.05
C ARG F 326 34.23 -3.02 20.21
N GLU F 327 33.69 -3.07 21.43
CA GLU F 327 34.45 -2.67 22.60
C GLU F 327 35.67 -3.56 22.80
N ILE F 328 35.50 -4.87 22.63
CA ILE F 328 36.62 -5.80 22.83
C ILE F 328 37.71 -5.53 21.81
N LEU F 329 37.33 -5.36 20.55
CA LEU F 329 38.30 -5.12 19.49
C LEU F 329 38.73 -3.66 19.46
N GLY F 358 43.00 42.56 31.11
CA GLY F 358 42.00 41.96 31.97
C GLY F 358 41.48 42.92 33.03
N LEU F 359 42.34 43.27 33.99
CA LEU F 359 41.96 44.25 35.00
C LEU F 359 41.74 45.63 34.40
N GLN F 360 42.54 46.01 33.41
CA GLN F 360 42.34 47.29 32.75
C GLN F 360 41.01 47.33 32.01
N GLU F 361 40.66 46.24 31.32
CA GLU F 361 39.37 46.17 30.64
C GLU F 361 38.22 46.25 31.63
N LYS F 362 38.33 45.54 32.76
CA LYS F 362 37.30 45.60 33.79
C LYS F 362 37.19 47.00 34.37
N GLN F 363 38.33 47.67 34.58
CA GLN F 363 38.30 49.04 35.09
C GLN F 363 37.64 50.00 34.10
N ARG F 364 37.92 49.83 32.81
CA ARG F 364 37.28 50.66 31.81
C ARG F 364 35.78 50.42 31.76
N LEU F 365 35.36 49.15 31.86
CA LEU F 365 33.94 48.84 31.92
C LEU F 365 33.29 49.48 33.14
N ASN F 366 33.97 49.42 34.29
CA ASN F 366 33.43 50.04 35.50
C ASN F 366 33.31 51.55 35.32
N VAL F 367 34.31 52.18 34.70
CA VAL F 367 34.28 53.62 34.52
C VAL F 367 33.13 54.03 33.61
N LYS F 368 32.98 53.33 32.48
CA LYS F 368 31.91 53.68 31.54
C LYS F 368 30.53 53.40 32.15
N ARG F 369 30.41 52.30 32.91
CA ARG F 369 29.15 52.01 33.58
C ARG F 369 28.82 53.07 34.62
N GLU F 370 29.82 53.51 35.37
CA GLU F 370 29.60 54.57 36.35
C GLU F 370 29.17 55.86 35.69
N ARG F 371 29.80 56.21 34.56
CA ARG F 371 29.40 57.40 33.83
C ARG F 371 27.96 57.29 33.33
N ARG F 372 27.60 56.13 32.77
CA ARG F 372 26.24 55.94 32.29
C ARG F 372 25.23 56.02 33.42
N ARG F 373 25.54 55.39 34.56
CA ARG F 373 24.63 55.45 35.70
C ARG F 373 24.49 56.87 36.22
N LYS F 374 25.59 57.62 36.29
CA LYS F 374 25.51 59.00 36.75
C LYS F 374 24.65 59.84 35.81
N ASN F 375 24.82 59.67 34.49
CA ASN F 375 23.99 60.42 33.54
C ASN F 375 22.53 60.05 33.69
N GLU F 376 22.23 58.76 33.84
CA GLU F 376 20.84 58.32 33.97
C GLU F 376 20.22 58.85 35.26
N MET F 377 20.96 58.81 36.36
CA MET F 377 20.45 59.34 37.62
C MET F 377 20.20 60.84 37.54
N LYS F 378 21.11 61.57 36.89
CA LYS F 378 20.92 63.01 36.73
C LYS F 378 19.68 63.29 35.90
N GLN F 379 19.49 62.55 34.81
CA GLN F 379 18.31 62.75 33.98
C GLN F 379 17.03 62.42 34.73
N LYS F 380 17.04 61.32 35.50
CA LYS F 380 15.86 60.93 36.26
C LYS F 380 15.51 61.97 37.32
N GLU F 381 16.53 62.49 38.00
CA GLU F 381 16.29 63.52 39.01
C GLU F 381 15.76 64.81 38.38
N LEU F 382 16.31 65.20 37.23
CA LEU F 382 15.81 66.38 36.55
C LEU F 382 14.37 66.18 36.10
N GLN F 383 14.03 64.96 35.66
CA GLN F 383 12.66 64.68 35.24
C GLN F 383 11.71 64.72 36.44
N ARG F 384 12.10 64.11 37.55
CA ARG F 384 11.28 64.16 38.75
C ARG F 384 11.15 65.57 39.30
N MET F 385 12.12 66.44 39.01
CA MET F 385 11.99 67.85 39.37
C MET F 385 10.77 68.49 38.74
N GLN F 386 10.30 67.95 37.60
CA GLN F 386 9.28 68.60 36.80
C GLN F 386 8.08 67.68 36.55
N MET F 387 7.74 66.80 37.48
CA MET F 387 6.50 66.02 37.41
C MET F 387 5.59 66.31 38.60
N ASN F 388 5.53 67.57 39.01
CA ASN F 388 4.55 68.06 39.98
C ASN F 388 4.00 69.40 39.52
N MET F 389 3.67 69.49 38.23
CA MET F 389 3.28 70.73 37.61
C MET F 389 1.82 71.06 37.90
N ILE G 1 -32.33 -9.41 -48.22
CA ILE G 1 -31.41 -9.62 -47.10
C ILE G 1 -31.38 -8.40 -46.19
N VAL G 2 -31.04 -7.25 -46.76
CA VAL G 2 -30.97 -6.02 -45.97
C VAL G 2 -32.36 -5.63 -45.47
N LEU G 3 -33.35 -5.65 -46.35
CA LEU G 3 -34.70 -5.28 -45.94
C LEU G 3 -35.30 -6.32 -45.01
N ASN G 4 -35.05 -7.60 -45.27
CA ASN G 4 -35.52 -8.63 -44.35
C ASN G 4 -34.82 -8.54 -43.00
N ARG G 5 -33.53 -8.19 -43.00
CA ARG G 5 -32.83 -7.95 -41.75
C ARG G 5 -33.44 -6.78 -41.01
N THR G 6 -33.80 -5.72 -41.73
CA THR G 6 -34.43 -4.55 -41.10
C THR G 6 -35.77 -4.92 -40.47
N GLN G 7 -36.58 -5.71 -41.19
CA GLN G 7 -37.90 -6.04 -40.67
C GLN G 7 -37.82 -7.03 -39.51
N ARG G 8 -36.89 -7.99 -39.58
CA ARG G 8 -36.84 -9.02 -38.56
C ARG G 8 -36.26 -8.50 -37.24
N LYS G 9 -35.21 -7.71 -37.31
CA LYS G 9 -34.45 -7.30 -36.12
C LYS G 9 -34.76 -5.87 -35.69
N THR G 10 -36.02 -5.46 -35.83
CA THR G 10 -36.46 -4.12 -35.43
C THR G 10 -37.94 -4.22 -35.12
N PRO G 11 -38.45 -3.50 -34.12
CA PRO G 11 -39.88 -3.55 -33.84
C PRO G 11 -40.70 -3.17 -35.06
N THR G 12 -41.84 -3.84 -35.23
CA THR G 12 -42.67 -3.65 -36.40
C THR G 12 -44.08 -3.14 -36.09
N VAL G 13 -44.43 -2.99 -34.82
CA VAL G 13 -45.79 -2.62 -34.42
C VAL G 13 -45.76 -1.19 -33.91
N ILE G 14 -46.44 -0.30 -34.62
CA ILE G 14 -46.64 1.08 -34.20
C ILE G 14 -48.10 1.43 -34.42
N ARG G 15 -48.65 2.30 -33.57
CA ARG G 15 -50.06 2.62 -33.66
C ARG G 15 -50.26 4.12 -33.83
N PRO G 16 -51.33 4.53 -34.52
CA PRO G 16 -51.57 5.97 -34.69
C PRO G 16 -51.85 6.69 -33.38
N GLY G 17 -52.32 5.99 -32.36
CA GLY G 17 -52.67 6.63 -31.11
C GLY G 17 -51.50 6.96 -30.20
N PHE G 18 -50.29 6.56 -30.57
CA PHE G 18 -49.12 6.85 -29.75
C PHE G 18 -48.71 8.31 -29.92
N LYS G 19 -47.71 8.72 -29.15
CA LYS G 19 -47.15 10.05 -29.28
C LYS G 19 -46.53 10.23 -30.65
N ILE G 20 -46.68 11.43 -31.22
CA ILE G 20 -46.09 11.69 -32.53
C ILE G 20 -44.58 11.56 -32.49
N THR G 21 -43.96 11.95 -31.37
CA THR G 21 -42.51 11.80 -31.23
C THR G 21 -42.11 10.32 -31.27
N ARG G 22 -42.92 9.45 -30.66
CA ARG G 22 -42.61 8.03 -30.67
C ARG G 22 -42.70 7.46 -32.08
N ILE G 23 -43.71 7.86 -32.86
CA ILE G 23 -43.82 7.40 -34.24
C ILE G 23 -42.64 7.90 -35.07
N ARG G 24 -42.27 9.17 -34.87
CA ARG G 24 -41.12 9.71 -35.59
C ARG G 24 -39.85 8.97 -35.23
N ALA G 25 -39.67 8.63 -33.96
CA ALA G 25 -38.50 7.86 -33.55
C ALA G 25 -38.51 6.47 -34.18
N PHE G 26 -39.69 5.85 -34.25
CA PHE G 26 -39.80 4.53 -34.89
C PHE G 26 -39.36 4.59 -36.34
N TYR G 27 -39.90 5.55 -37.10
CA TYR G 27 -39.55 5.63 -38.51
C TYR G 27 -38.10 6.06 -38.73
N MET G 28 -37.58 6.93 -37.87
CA MET G 28 -36.18 7.31 -37.96
C MET G 28 -35.27 6.10 -37.71
N ARG G 29 -35.61 5.29 -36.70
CA ARG G 29 -34.82 4.09 -36.45
C ARG G 29 -34.87 3.14 -37.64
N LYS G 30 -36.06 2.99 -38.25
CA LYS G 30 -36.17 2.16 -39.44
C LYS G 30 -35.26 2.67 -40.55
N VAL G 31 -35.31 3.96 -40.83
CA VAL G 31 -34.55 4.53 -41.94
C VAL G 31 -33.05 4.39 -41.70
N LYS G 32 -32.58 4.76 -40.50
CA LYS G 32 -31.15 4.67 -40.22
C LYS G 32 -30.66 3.23 -40.17
N TYR G 33 -31.47 2.31 -39.62
CA TYR G 33 -31.05 0.92 -39.58
C TYR G 33 -30.94 0.33 -40.99
N THR G 34 -31.91 0.62 -41.86
CA THR G 34 -31.81 0.09 -43.22
C THR G 34 -30.71 0.80 -44.00
N GLY G 35 -30.39 2.04 -43.66
CA GLY G 35 -29.25 2.70 -44.27
C GLY G 35 -27.93 2.07 -43.87
N GLU G 36 -27.78 1.70 -42.60
CA GLU G 36 -26.58 1.04 -42.13
C GLU G 36 -26.46 -0.40 -42.60
N GLY G 37 -27.52 -0.95 -43.19
CA GLY G 37 -27.49 -2.32 -43.67
C GLY G 37 -26.62 -2.51 -44.89
N MET G 38 4.22 -50.45 -0.54
CA MET G 38 5.25 -49.98 0.36
C MET G 38 4.68 -49.05 1.44
N PRO G 39 4.74 -49.48 2.69
CA PRO G 39 4.22 -48.64 3.78
C PRO G 39 5.02 -47.36 3.90
N GLU G 40 4.33 -46.29 4.31
CA GLU G 40 4.95 -44.98 4.38
C GLU G 40 4.82 -44.37 5.77
N ILE G 41 3.75 -44.72 6.48
CA ILE G 41 3.46 -44.19 7.80
C ILE G 41 3.32 -45.35 8.78
N LEU G 42 3.87 -45.18 9.98
CA LEU G 42 3.75 -46.21 11.01
C LEU G 42 3.71 -45.51 12.36
N ASP G 43 2.52 -45.47 12.97
CA ASP G 43 2.32 -44.90 14.30
C ASP G 43 2.79 -43.45 14.36
N GLY G 44 2.52 -42.68 13.30
CA GLY G 44 2.88 -41.29 13.26
C GLY G 44 4.31 -41.00 12.86
N LYS G 45 5.03 -41.99 12.36
CA LYS G 45 6.42 -41.81 11.92
C LYS G 45 6.57 -42.27 10.48
N ASN G 46 7.30 -41.49 9.69
CA ASN G 46 7.52 -41.85 8.30
C ASN G 46 8.40 -43.09 8.19
N VAL G 47 8.01 -44.01 7.33
CA VAL G 47 8.83 -45.21 7.10
C VAL G 47 10.11 -44.83 6.37
N TYR G 48 10.02 -43.97 5.37
CA TYR G 48 11.20 -43.53 4.62
C TYR G 48 12.14 -42.72 5.49
N ILE G 49 -3.16 -28.14 57.75
CA ILE G 49 -2.90 -26.72 57.96
C ILE G 49 -3.31 -25.92 56.72
N ARG G 50 -2.91 -26.43 55.54
CA ARG G 50 -3.26 -25.75 54.29
C ARG G 50 -4.76 -25.72 54.07
N ASN G 51 -5.43 -26.84 54.32
CA ASN G 51 -6.88 -26.91 54.11
C ASN G 51 -7.62 -25.98 55.04
N ARG G 52 -7.25 -25.95 56.32
CA ARG G 52 -7.93 -25.07 57.27
C ARG G 52 -7.62 -23.61 56.97
N GLN G 53 -6.39 -23.30 56.53
CA GLN G 53 -6.08 -21.94 56.14
C GLN G 53 -6.91 -21.49 54.95
N LYS G 54 -7.05 -22.37 53.95
CA LYS G 54 -7.88 -22.04 52.80
C LYS G 54 -9.34 -21.84 53.20
N THR G 55 -9.84 -22.69 54.10
CA THR G 55 -11.20 -22.55 54.58
C THR G 55 -11.39 -21.23 55.33
N MET G 56 -10.41 -20.85 56.16
CA MET G 56 -10.49 -19.58 56.88
C MET G 56 -10.46 -18.39 55.92
N ILE G 57 -9.63 -18.47 54.89
CA ILE G 57 -9.60 -17.40 53.90
C ILE G 57 -10.95 -17.30 53.18
N ALA G 58 -11.52 -18.45 52.83
CA ALA G 58 -12.83 -18.44 52.17
C ALA G 58 -13.90 -17.86 53.09
N GLU G 59 -13.86 -18.20 54.38
CA GLU G 59 -14.83 -17.67 55.33
C GLU G 59 -14.68 -16.15 55.49
N ALA G 60 -13.43 -15.67 55.54
CA ALA G 60 -13.20 -14.24 55.62
C ALA G 60 -13.72 -13.54 54.37
N ARG G 61 -13.50 -14.13 53.19
CA ARG G 61 -14.03 -13.57 51.95
C ARG G 61 -15.55 -13.54 51.98
N ASN G 62 -16.17 -14.60 52.49
CA ASN G 62 -17.63 -14.65 52.58
C ASN G 62 -18.16 -13.56 53.50
N ARG G 63 -17.52 -13.37 54.66
CA ARG G 63 -17.93 -12.31 55.57
C ARG G 63 -17.67 -10.93 54.97
N LYS G 64 -16.54 -10.77 54.28
CA LYS G 64 -16.23 -9.49 53.68
C LYS G 64 -17.20 -9.16 52.55
N SER G 65 -17.57 -7.89 52.45
CA SER G 65 -18.52 -7.42 51.44
C SER G 65 -17.80 -6.57 50.41
N LEU G 66 -18.57 -6.01 49.49
CA LEU G 66 -18.09 -5.06 48.50
C LEU G 66 -17.98 -3.69 49.16
N LYS G 67 -17.89 -2.64 48.34
CA LYS G 67 -17.63 -1.27 48.79
C LYS G 67 -18.31 -0.98 50.12
N ASN G 68 -17.51 -0.43 51.05
CA ASN G 68 -17.82 -0.49 52.47
C ASN G 68 -19.14 0.20 52.80
N LYS G 69 -19.92 -0.44 53.66
CA LYS G 69 -21.18 0.07 54.17
C LYS G 69 -21.02 0.37 55.67
N ALA G 70 -22.14 0.75 56.29
CA ALA G 70 -22.12 1.05 57.72
C ALA G 70 -21.80 -0.21 58.52
N ILE G 71 -21.11 -0.01 59.64
CA ILE G 71 -20.61 -1.11 60.47
C ILE G 71 -21.42 -1.15 61.76
N MET G 72 -21.86 -2.35 62.13
CA MET G 72 -22.55 -2.56 63.39
C MET G 72 -21.53 -3.01 64.43
N PRO G 73 -21.25 -2.20 65.44
CA PRO G 73 -20.24 -2.59 66.44
C PRO G 73 -20.67 -3.81 67.24
N ARG G 74 -19.67 -4.58 67.69
CA ARG G 74 -19.92 -5.75 68.51
C ARG G 74 -20.47 -5.34 69.88
N THR H 1 -22.82 -30.19 45.05
CA THR H 1 -22.25 -29.31 44.01
C THR H 1 -23.26 -29.07 42.91
N ILE H 2 -23.56 -27.80 42.65
CA ILE H 2 -24.41 -27.40 41.54
C ILE H 2 -23.55 -26.72 40.49
N ASN H 3 -23.61 -27.22 39.26
CA ASN H 3 -22.83 -26.68 38.15
C ASN H 3 -23.62 -25.53 37.54
N LEU H 4 -23.38 -24.33 38.06
CA LEU H 4 -24.05 -23.15 37.53
C LEU H 4 -23.43 -22.63 36.24
N HIS H 5 -22.24 -23.12 35.88
CA HIS H 5 -21.67 -22.78 34.59
C HIS H 5 -22.54 -23.31 33.45
N LYS H 6 -22.99 -24.55 33.58
CA LYS H 6 -23.86 -25.14 32.58
C LYS H 6 -25.26 -24.55 32.62
N ARG H 7 -25.82 -24.38 33.82
CA ARG H 7 -27.20 -23.90 33.93
C ARG H 7 -27.34 -22.45 33.49
N LEU H 8 -26.35 -21.61 33.76
CA LEU H 8 -26.38 -20.21 33.37
C LEU H 8 -25.73 -19.95 32.03
N HIS H 9 -25.29 -20.98 31.32
CA HIS H 9 -24.63 -20.80 30.05
C HIS H 9 -25.56 -20.16 29.04
N GLY H 10 -25.09 -19.11 28.37
CA GLY H 10 -25.85 -18.42 27.37
C GLY H 10 -26.76 -17.32 27.89
N VAL H 11 -26.85 -17.15 29.20
CA VAL H 11 -27.69 -16.10 29.78
C VAL H 11 -26.93 -14.78 29.76
N SER H 12 -27.64 -13.70 29.49
CA SER H 12 -27.01 -12.38 29.46
C SER H 12 -26.48 -12.01 30.85
N PHE H 13 -25.44 -11.18 30.87
CA PHE H 13 -24.79 -10.84 32.13
C PHE H 13 -25.75 -10.13 33.07
N LYS H 14 -26.54 -9.20 32.56
CA LYS H 14 -27.36 -8.34 33.41
C LYS H 14 -28.32 -9.12 34.29
N LYS H 15 -28.65 -10.35 33.92
CA LYS H 15 -29.58 -11.17 34.70
C LYS H 15 -28.95 -12.45 35.22
N ARG H 16 -27.62 -12.53 35.25
CA ARG H 16 -27.00 -13.78 35.66
C ARG H 16 -27.25 -14.08 37.14
N ALA H 17 -26.99 -13.10 38.02
CA ALA H 17 -27.20 -13.35 39.45
C ALA H 17 -28.65 -13.59 39.81
N PRO H 18 -29.62 -12.77 39.36
CA PRO H 18 -31.03 -13.11 39.66
C PRO H 18 -31.42 -14.48 39.17
N ARG H 19 -31.22 -14.73 37.87
CA ARG H 19 -31.61 -16.03 37.29
C ARG H 19 -30.92 -17.18 38.00
N ALA H 20 -29.73 -16.96 38.56
CA ALA H 20 -29.05 -18.03 39.30
C ALA H 20 -29.94 -18.57 40.41
N VAL H 21 -30.61 -17.69 41.15
CA VAL H 21 -31.48 -18.13 42.22
C VAL H 21 -32.56 -19.05 41.67
N LYS H 22 -33.03 -18.77 40.45
CA LYS H 22 -34.06 -19.61 39.83
C LYS H 22 -33.58 -21.02 39.57
N GLU H 23 -32.28 -21.21 39.30
CA GLU H 23 -31.75 -22.57 39.19
C GLU H 23 -31.35 -23.19 40.52
N ILE H 24 -31.59 -22.50 41.63
CA ILE H 24 -31.45 -23.10 42.96
C ILE H 24 -32.81 -23.35 43.59
N LYS H 25 -33.76 -22.43 43.38
CA LYS H 25 -35.12 -22.62 43.86
C LYS H 25 -35.84 -23.69 43.07
N GLU H 42 -27.96 -16.73 53.85
CA GLU H 42 -26.58 -16.42 53.52
C GLU H 42 -26.23 -16.88 52.12
N LEU H 43 -27.07 -17.76 51.55
CA LEU H 43 -26.85 -18.23 50.19
C LEU H 43 -27.03 -17.10 49.18
N ASN H 44 -27.94 -16.17 49.45
CA ASN H 44 -28.08 -15.01 48.57
C ASN H 44 -26.80 -14.20 48.51
N GLN H 45 -26.10 -14.10 49.65
CA GLN H 45 -24.81 -13.42 49.66
C GLN H 45 -23.81 -14.14 48.79
N ALA H 46 -23.77 -15.48 48.86
CA ALA H 46 -22.85 -16.23 48.01
C ALA H 46 -23.22 -16.07 46.54
N ILE H 47 -24.50 -15.91 46.24
CA ILE H 47 -24.92 -15.71 44.86
C ILE H 47 -24.47 -14.34 44.35
N TRP H 48 -24.68 -13.30 45.16
CA TRP H 48 -24.44 -11.93 44.72
C TRP H 48 -23.06 -11.42 45.14
N LYS H 49 -22.17 -12.29 45.58
CA LYS H 49 -20.83 -11.87 45.99
C LYS H 49 -20.11 -11.09 44.88
N ARG H 50 -20.24 -11.54 43.64
CA ARG H 50 -19.52 -10.91 42.54
C ARG H 50 -20.42 -10.04 41.66
N GLY H 51 -21.63 -9.71 42.13
CA GLY H 51 -22.52 -8.83 41.40
C GLY H 51 -23.45 -9.58 40.47
N VAL H 52 -24.18 -8.80 39.67
CA VAL H 52 -25.12 -9.39 38.73
C VAL H 52 -24.39 -10.21 37.68
N LYS H 53 -23.28 -9.69 37.16
CA LYS H 53 -22.57 -10.35 36.07
C LYS H 53 -21.67 -11.48 36.54
N GLY H 54 -21.47 -11.63 37.85
CA GLY H 54 -20.53 -12.64 38.32
C GLY H 54 -21.14 -13.64 39.27
N VAL H 55 -21.20 -14.90 38.84
CA VAL H 55 -21.64 -16.02 39.66
C VAL H 55 -20.63 -17.15 39.50
N GLU H 56 -20.16 -17.68 40.63
CA GLU H 56 -19.16 -18.74 40.59
C GLU H 56 -19.73 -19.98 39.90
N TYR H 57 -18.88 -20.66 39.14
CA TYR H 57 -19.33 -21.77 38.30
C TYR H 57 -19.92 -22.91 39.13
N ARG H 58 -19.25 -23.26 40.22
CA ARG H 58 -19.69 -24.36 41.08
C ARG H 58 -19.94 -23.84 42.48
N LEU H 59 -21.05 -24.26 43.08
CA LEU H 59 -21.43 -23.84 44.43
C LEU H 59 -21.74 -25.07 45.26
N ARG H 60 -21.50 -24.94 46.57
CA ARG H 60 -21.79 -26.04 47.50
C ARG H 60 -22.82 -25.62 48.54
N LYS I 1 -3.14 2.81 72.82
CA LYS I 1 -3.67 2.40 71.53
C LYS I 1 -2.85 1.25 70.95
N TYR I 2 -1.52 1.38 71.02
CA TYR I 2 -0.65 0.32 70.54
C TYR I 2 -0.85 -0.96 71.35
N LEU I 3 -0.99 -0.83 72.67
CA LEU I 3 -1.27 -2.01 73.49
C LEU I 3 -2.60 -2.62 73.10
N LYS I 4 -3.62 -1.80 72.85
CA LYS I 4 -4.91 -2.32 72.42
C LYS I 4 -4.80 -3.03 71.08
N TYR I 5 -4.05 -2.45 70.15
CA TYR I 5 -3.85 -3.07 68.84
C TYR I 5 -3.16 -4.42 68.98
N LEU I 6 -2.10 -4.48 69.80
CA LEU I 6 -1.39 -5.73 69.99
C LEU I 6 -2.27 -6.78 70.65
N THR I 7 -3.07 -6.38 71.64
CA THR I 7 -3.95 -7.34 72.30
C THR I 7 -5.01 -7.86 71.35
N LYS I 8 -5.58 -6.97 70.51
CA LYS I 8 -6.55 -7.41 69.53
C LYS I 8 -5.94 -8.37 68.53
N LYS I 9 -4.71 -8.09 68.08
CA LYS I 9 -4.04 -8.98 67.16
C LYS I 9 -3.77 -10.34 67.80
N TYR I 10 -3.38 -10.35 69.07
CA TYR I 10 -3.11 -11.60 69.77
C TYR I 10 -4.39 -12.41 69.95
N LEU I 11 -5.50 -11.73 70.27
CA LEU I 11 -6.77 -12.42 70.37
C LEU I 11 -7.21 -13.00 69.03
N LYS I 12 -7.03 -12.25 67.95
CA LYS I 12 -7.39 -12.76 66.63
C LYS I 12 -6.52 -13.94 66.24
N LYS I 13 -5.23 -13.91 66.58
CA LYS I 13 -4.35 -15.04 66.33
C LYS I 13 -4.86 -16.30 67.03
N ASN I 14 -5.42 -16.16 68.23
CA ASN I 14 -5.96 -17.27 68.98
C ASN I 14 -7.47 -17.44 68.76
N GLN I 15 -8.05 -16.68 67.83
CA GLN I 15 -9.47 -16.78 67.48
C GLN I 15 -10.35 -16.46 68.69
N LEU I 16 -10.17 -15.26 69.24
CA LEU I 16 -10.96 -14.80 70.37
C LEU I 16 -11.43 -13.36 70.21
N ARG I 17 -11.31 -12.79 69.00
CA ARG I 17 -11.72 -11.40 68.80
C ARG I 17 -13.22 -11.23 68.99
N ASP I 18 -14.01 -12.19 68.50
CA ASP I 18 -15.46 -12.10 68.59
C ASP I 18 -15.94 -12.24 70.03
N LYS J 1 -24.96 2.37 64.19
CA LYS J 1 -24.11 2.05 63.05
C LYS J 1 -22.98 3.06 62.89
N ALA J 2 -21.75 2.58 63.04
CA ALA J 2 -20.59 3.45 62.93
C ALA J 2 -20.37 3.90 61.49
N VAL J 3 -19.64 5.01 61.35
CA VAL J 3 -19.33 5.53 60.02
C VAL J 3 -18.47 4.51 59.27
N THR J 4 -18.63 4.49 57.94
CA THR J 4 -17.93 3.51 57.11
C THR J 4 -16.43 3.64 57.27
N VAL J 5 -15.75 2.50 57.42
CA VAL J 5 -14.30 2.48 57.54
C VAL J 5 -13.71 2.48 56.14
N HIS J 6 -13.54 3.68 55.57
CA HIS J 6 -13.01 3.84 54.22
C HIS J 6 -11.88 4.85 54.26
N SER J 7 -10.72 4.47 53.73
CA SER J 7 -9.56 5.35 53.74
C SER J 7 -9.81 6.59 52.90
N LYS J 8 -9.26 7.71 53.34
CA LYS J 8 -9.40 8.97 52.63
C LYS J 8 -8.48 9.01 51.42
N ARG J 9 6.90 23.85 40.62
CA ARG J 9 5.54 23.78 41.14
C ARG J 9 5.06 25.18 41.56
N LEU J 10 5.85 25.87 42.35
CA LEU J 10 5.50 27.21 42.76
C LEU J 10 5.51 28.14 41.55
N PRO J 11 4.52 29.03 41.42
CA PRO J 11 4.52 29.98 40.31
C PRO J 11 5.65 30.98 40.43
N SER J 12 5.95 31.63 39.31
CA SER J 12 7.10 32.52 39.24
C SER J 12 6.96 33.70 40.20
N GLN J 13 5.76 34.26 40.30
CA GLN J 13 5.57 35.44 41.14
C GLN J 13 5.88 35.13 42.61
N VAL J 14 5.43 33.99 43.11
CA VAL J 14 5.61 33.67 44.52
C VAL J 14 7.10 33.50 44.85
N VAL J 15 7.81 32.72 44.03
CA VAL J 15 9.22 32.47 44.31
C VAL J 15 10.04 33.75 44.13
N TRP J 16 9.69 34.57 43.14
CA TRP J 16 10.36 35.85 42.98
C TRP J 16 10.14 36.75 44.18
N ILE J 17 8.91 36.79 44.70
CA ILE J 17 8.61 37.61 45.86
C ILE J 17 9.42 37.15 47.06
N ARG J 18 9.46 35.82 47.28
CA ARG J 18 10.22 35.29 48.41
C ARG J 18 11.70 35.61 48.30
N ARG J 19 12.26 35.43 47.10
CA ARG J 19 13.68 35.69 46.91
C ARG J 19 14.01 37.18 47.09
N LEU J 20 13.20 38.06 46.52
CA LEU J 20 13.43 39.48 46.69
C LEU J 20 13.28 39.89 48.15
N ARG J 21 12.30 39.31 48.85
CA ARG J 21 12.11 39.65 50.25
C ARG J 21 13.30 39.23 51.09
N VAL J 22 13.83 38.03 50.88
CA VAL J 22 14.98 37.61 51.67
C VAL J 22 16.21 38.43 51.33
N LEU J 23 16.40 38.77 50.04
CA LEU J 23 17.52 39.61 49.66
C LEU J 23 17.43 40.99 50.31
N ARG J 24 16.24 41.60 50.27
CA ARG J 24 16.06 42.91 50.87
C ARG J 24 16.24 42.87 52.37
N ARG J 25 15.73 41.82 53.01
CA ARG J 25 15.89 41.68 54.45
C ARG J 25 17.37 41.59 54.83
N LEU J 26 18.14 40.79 54.10
CA LEU J 26 19.56 40.69 54.42
C LEU J 26 20.29 42.00 54.14
N LEU J 27 19.96 42.68 53.04
CA LEU J 27 20.64 43.93 52.74
C LEU J 27 20.25 45.05 53.71
N ALA J 28 19.07 44.96 54.32
CA ALA J 28 18.73 45.90 55.38
C ALA J 28 19.43 45.54 56.69
N LYS J 29 19.57 44.24 56.98
CA LYS J 29 20.29 43.82 58.17
C LYS J 29 21.75 44.23 58.11
N TYR J 30 22.39 44.05 56.95
CA TYR J 30 23.79 44.43 56.80
C TYR J 30 23.97 45.94 56.90
N ARG J 31 23.05 46.70 56.33
CA ARG J 31 23.11 48.16 56.40
C ARG J 31 22.84 48.62 57.82
N ILE J 32 28.61 47.28 54.94
CA ILE J 32 27.99 48.00 53.82
C ILE J 32 27.51 49.38 54.26
N ASP J 33 27.99 50.41 53.56
CA ASP J 33 27.63 51.78 53.86
C ASP J 33 26.33 52.15 53.16
N LYS J 34 25.95 53.43 53.29
CA LYS J 34 24.70 53.89 52.66
C LYS J 34 24.76 53.79 51.15
N HIS J 35 25.88 54.18 50.54
CA HIS J 35 25.98 54.19 49.10
C HIS J 35 26.08 52.79 48.52
N LEU J 36 26.85 51.91 49.16
CA LEU J 36 26.91 50.53 48.71
C LEU J 36 25.56 49.85 48.85
N TYR J 37 24.85 50.12 49.97
CA TYR J 37 23.52 49.56 50.15
C TYR J 37 22.55 50.09 49.10
N HIS J 38 22.65 51.37 48.77
CA HIS J 38 21.76 51.93 47.76
C HIS J 38 22.07 51.40 46.37
N VAL J 39 23.32 51.06 46.09
CA VAL J 39 23.66 50.41 44.83
C VAL J 39 23.11 49.00 44.80
N LEU J 40 23.31 48.25 45.88
CA LEU J 40 22.81 46.88 45.95
C LEU J 40 21.29 46.83 45.94
N TYR J 41 20.64 47.90 46.40
CA TYR J 41 19.21 48.11 46.23
C TYR J 41 18.78 47.85 44.79
N LYS J 42 19.30 48.67 43.88
CA LYS J 42 18.92 48.54 42.47
C LYS J 42 19.45 47.24 41.88
N GLU J 43 20.64 46.81 42.31
CA GLU J 43 21.21 45.58 41.76
C GLU J 43 20.33 44.38 42.07
N SER J 44 19.83 44.29 43.31
CA SER J 44 18.94 43.19 43.67
C SER J 44 17.57 43.34 43.04
N LYS J 45 17.08 44.58 42.94
CA LYS J 45 15.81 44.79 42.24
C LYS J 45 15.90 44.42 40.76
N GLY J 46 17.09 44.43 40.19
CA GLY J 46 17.25 44.13 38.78
C GLY J 46 17.62 42.70 38.46
N ASN J 47 17.39 41.79 39.40
CA ASN J 47 17.61 40.35 39.24
C ASN J 47 19.08 40.01 39.00
N ALA J 48 20.00 40.88 39.43
CA ALA J 48 21.42 40.60 39.23
C ALA J 48 21.87 39.38 40.03
N PHE J 49 21.40 39.24 41.26
CA PHE J 49 21.78 38.14 42.13
C PHE J 49 20.77 37.00 41.99
N LYS J 50 21.28 35.78 41.86
CA LYS J 50 20.41 34.62 41.70
C LYS J 50 20.00 34.01 43.02
N HIS J 51 20.87 34.06 44.03
CA HIS J 51 20.56 33.49 45.33
C HIS J 51 21.50 34.11 46.37
N LYS J 52 21.54 33.49 47.56
CA LYS J 52 22.31 34.05 48.67
C LYS J 52 23.79 34.12 48.34
N ARG J 53 24.33 33.04 47.76
CA ARG J 53 25.77 32.96 47.51
C ARG J 53 26.23 34.04 46.55
N ALA J 54 25.44 34.32 45.50
CA ALA J 54 25.82 35.36 44.55
C ALA J 54 25.87 36.71 45.22
N LEU J 55 24.88 37.01 46.08
CA LEU J 55 24.88 38.28 46.80
C LEU J 55 26.09 38.40 47.72
N VAL J 56 26.41 37.33 48.45
CA VAL J 56 27.56 37.37 49.34
C VAL J 56 28.85 37.56 48.53
N GLU J 57 28.96 36.87 47.40
CA GLU J 57 30.15 36.99 46.56
C GLU J 57 30.31 38.40 46.02
N HIS J 58 29.21 39.01 45.57
CA HIS J 58 29.32 40.37 45.07
C HIS J 58 29.61 41.36 46.19
N ILE J 59 29.12 41.09 47.40
CA ILE J 59 29.42 41.97 48.53
C ILE J 59 30.91 41.90 48.88
N ILE J 60 31.45 40.68 48.99
CA ILE J 60 32.85 40.55 49.37
C ILE J 60 33.77 41.02 48.24
N GLN J 61 33.34 40.88 46.99
CA GLN J 61 34.15 41.33 45.87
C GLN J 61 34.16 42.85 45.76
N ALA J 62 33.08 43.50 46.18
CA ALA J 62 33.01 44.96 46.13
C ALA J 62 33.79 45.60 47.26
N LEU K 1 17.12 78.38 53.18
CA LEU K 1 17.04 77.13 52.43
C LEU K 1 15.87 76.30 52.96
N GLY K 2 14.66 76.62 52.48
CA GLY K 2 13.46 75.96 52.96
C GLY K 2 12.65 76.87 53.87
N TYR K 3 11.54 76.32 54.34
CA TYR K 3 10.65 77.05 55.23
C TYR K 3 10.64 76.39 56.61
N ILE K 4 14.63 87.70 52.84
CA ILE K 4 14.16 86.41 52.36
C ILE K 4 13.79 86.51 50.89
N ILE K 5 13.93 85.39 50.17
CA ILE K 5 13.54 85.29 48.77
C ILE K 5 12.32 84.38 48.69
N ILE K 6 11.31 84.83 47.96
CA ILE K 6 10.02 84.14 47.87
C ILE K 6 9.83 83.68 46.43
N ALA K 7 9.57 82.39 46.25
CA ALA K 7 9.26 81.88 44.93
C ALA K 7 7.88 82.37 44.47
N ALA K 8 7.65 82.26 43.17
CA ALA K 8 6.39 82.72 42.58
C ALA K 8 5.29 81.67 42.62
N ASN K 9 5.59 80.47 43.14
CA ASN K 9 4.62 79.39 43.18
C ASN K 9 4.28 78.93 44.59
N THR K 10 4.83 79.56 45.62
CA THR K 10 4.55 79.15 46.99
C THR K 10 3.10 79.43 47.34
N PRO K 11 2.50 78.64 48.23
CA PRO K 11 1.11 78.89 48.62
C PRO K 11 0.92 80.27 49.20
N VAL K 12 -0.25 80.85 48.92
CA VAL K 12 -0.51 82.23 49.34
C VAL K 12 -0.52 82.34 50.85
N LEU K 13 -1.05 81.33 51.54
CA LEU K 13 -1.05 81.35 53.00
C LEU K 13 0.36 81.31 53.55
N ARG K 14 1.22 80.45 52.99
CA ARG K 14 2.60 80.38 53.43
C ARG K 14 3.39 81.61 53.01
N LYS K 15 3.05 82.19 51.86
CA LYS K 15 3.73 83.41 51.40
C LYS K 15 3.47 84.57 52.34
N SER K 16 2.23 84.74 52.79
CA SER K 16 1.88 85.85 53.66
C SER K 16 1.64 85.38 55.10
N VAL K 17 12.36 90.56 52.09
CA VAL K 17 11.30 90.20 51.15
C VAL K 17 11.75 90.49 49.72
N TYR K 18 12.11 89.44 49.00
CA TYR K 18 12.49 89.54 47.59
C TYR K 18 11.61 88.60 46.78
N TYR K 19 10.75 89.17 45.95
CA TYR K 19 9.84 88.37 45.10
C TYR K 19 10.65 87.82 43.94
N PHE K 20 11.13 86.59 44.10
CA PHE K 20 11.93 85.95 43.05
C PHE K 20 11.09 85.75 41.80
N GLN K 21 11.71 85.96 40.64
CA GLN K 21 11.03 85.78 39.36
C GLN K 21 11.30 84.39 38.79
N GLY K 22 10.84 83.39 39.52
CA GLY K 22 11.02 82.01 39.10
C GLY K 22 10.39 81.07 40.11
N GLY K 23 10.13 79.85 39.64
CA GLY K 23 9.48 78.86 40.47
C GLY K 23 10.42 78.20 41.45
N ASN K 24 9.83 77.35 42.30
CA ASN K 24 10.60 76.67 43.33
C ASN K 24 11.62 75.72 42.70
N ASN K 25 11.23 75.00 41.64
CA ASN K 25 12.22 74.21 40.91
C ASN K 25 13.22 75.11 40.22
N GLU K 26 12.76 76.22 39.63
CA GLU K 26 13.67 77.17 39.02
C GLU K 26 14.61 77.78 40.06
N LEU K 27 14.09 78.11 41.24
CA LEU K 27 14.95 78.63 42.30
C LEU K 27 15.97 77.58 42.74
N GLY K 28 15.54 76.32 42.84
CA GLY K 28 16.46 75.27 43.23
C GLY K 28 17.58 75.05 42.22
N THR K 29 17.23 75.08 40.93
CA THR K 29 18.27 74.88 39.91
C THR K 29 19.15 76.11 39.77
N ALA K 30 18.62 77.30 40.07
CA ALA K 30 19.47 78.49 40.11
C ALA K 30 20.46 78.42 41.27
N VAL K 31 19.98 78.01 42.44
CA VAL K 31 20.89 77.73 43.54
C VAL K 31 21.72 76.48 43.24
N GLY K 32 21.15 75.55 42.48
CA GLY K 32 21.85 74.31 42.16
C GLY K 32 21.46 73.12 43.00
N LYS K 33 20.42 73.23 43.82
CA LYS K 33 20.03 72.13 44.68
C LYS K 33 19.39 71.01 43.87
N LEU K 34 19.64 69.77 44.30
CA LEU K 34 19.07 68.61 43.63
C LEU K 34 17.57 68.46 43.87
N PHE K 35 17.02 69.18 44.84
CA PHE K 35 15.61 69.06 45.17
C PHE K 35 14.99 70.44 45.30
N ARG K 36 13.66 70.48 45.29
CA ARG K 36 12.93 71.73 45.27
C ARG K 36 13.14 72.51 46.56
N VAL K 37 13.24 73.83 46.42
CA VAL K 37 13.28 74.75 47.57
C VAL K 37 12.35 75.91 47.27
N GLY K 38 11.47 76.23 48.23
CA GLY K 38 10.49 77.28 48.03
C GLY K 38 10.97 78.64 48.45
N VAL K 39 11.51 78.73 49.66
CA VAL K 39 12.02 79.99 50.22
C VAL K 39 13.39 79.73 50.81
N VAL K 40 14.30 80.69 50.64
CA VAL K 40 15.65 80.61 51.18
C VAL K 40 15.89 81.85 52.02
N SER K 41 16.39 81.66 53.24
CA SER K 41 16.70 82.77 54.13
C SER K 41 18.21 82.97 54.25
N GLY L 1 -34.79 -19.53 -6.84
CA GLY L 1 -33.76 -20.42 -7.31
C GLY L 1 -34.27 -21.49 -8.25
N HIS L 2 -34.12 -22.75 -7.86
CA HIS L 2 -34.62 -23.86 -8.65
C HIS L 2 -36.12 -24.03 -8.41
N LEU L 3 -36.89 -24.06 -9.49
CA LEU L 3 -38.34 -24.20 -9.38
C LEU L 3 -38.78 -25.65 -9.22
N GLY L 4 -37.88 -26.62 -9.42
CA GLY L 4 -38.22 -28.01 -9.19
C GLY L 4 -38.34 -28.37 -7.72
N PHE L 5 -37.73 -27.57 -6.84
CA PHE L 5 -37.85 -27.72 -5.39
C PHE L 5 -38.80 -26.67 -4.81
N LEU L 6 -39.88 -26.36 -5.55
CA LEU L 6 -40.72 -25.22 -5.21
C LEU L 6 -41.32 -25.29 -3.80
N PRO L 7 -41.88 -26.42 -3.34
CA PRO L 7 -42.37 -26.43 -1.95
C PRO L 7 -41.24 -26.37 -0.95
N ARG L 8 -41.10 -25.22 -0.28
CA ARG L 8 -40.06 -25.00 0.71
C ARG L 8 -40.54 -25.28 2.13
N LYS L 9 -41.51 -26.16 2.29
CA LYS L 9 -42.04 -26.49 3.60
C LYS L 9 -41.25 -27.63 4.24
N ARG L 10 -41.48 -27.83 5.53
CA ARG L 10 -40.78 -28.87 6.26
C ARG L 10 -41.20 -30.26 5.77
N ALA L 11 -40.28 -31.21 5.93
CA ALA L 11 -40.58 -32.58 5.54
C ALA L 11 -41.59 -33.21 6.49
N ALA L 12 -42.26 -34.25 6.01
CA ALA L 12 -43.25 -34.94 6.83
C ALA L 12 -42.60 -35.64 8.01
N SER L 13 -41.43 -36.24 7.81
CA SER L 13 -40.74 -36.96 8.88
C SER L 13 -39.25 -36.97 8.59
N ILE L 14 -38.48 -37.28 9.63
CA ILE L 14 -37.03 -37.37 9.48
C ILE L 14 -36.59 -38.55 8.62
N ARG L 15 -37.49 -39.47 8.33
CA ARG L 15 -37.19 -40.64 7.50
C ARG L 15 -37.73 -40.35 6.11
N ALA L 16 -36.88 -39.76 5.26
CA ALA L 16 -37.27 -39.43 3.91
C ALA L 16 -37.50 -40.71 3.10
N ARG L 17 -38.57 -40.71 2.31
CA ARG L 17 -38.94 -41.88 1.52
C ARG L 17 -38.09 -42.01 0.26
N LEU L 36 -30.74 -48.88 5.24
CA LEU L 36 -30.89 -47.62 5.98
C LEU L 36 -29.84 -47.53 7.09
N GLY L 37 -29.23 -46.34 7.23
CA GLY L 37 -28.20 -46.14 8.21
C GLY L 37 -28.30 -44.75 8.81
N TYR L 38 -27.50 -44.53 9.85
CA TYR L 38 -27.48 -43.28 10.59
C TYR L 38 -26.19 -42.54 10.29
N LYS L 39 -26.31 -41.26 9.91
CA LYS L 39 -25.14 -40.46 9.59
C LYS L 39 -24.31 -40.22 10.84
N ALA L 40 -23.02 -40.51 10.74
CA ALA L 40 -22.11 -40.35 11.88
C ALA L 40 -21.34 -39.04 11.82
N GLY L 41 -20.68 -38.78 10.70
CA GLY L 41 -19.89 -37.55 10.60
C GLY L 41 -19.08 -37.51 9.34
N MET L 42 -18.00 -36.73 9.38
CA MET L 42 -17.11 -36.59 8.23
C MET L 42 -15.66 -36.69 8.70
N THR L 43 -14.79 -37.03 7.76
CA THR L 43 -13.35 -37.06 7.98
C THR L 43 -12.66 -36.86 6.64
N THR L 44 -11.33 -37.01 6.63
CA THR L 44 -10.52 -36.76 5.46
C THR L 44 -9.68 -37.98 5.15
N ILE L 45 -9.48 -38.25 3.85
CA ILE L 45 -8.64 -39.36 3.41
C ILE L 45 -7.70 -38.85 2.34
N VAL L 46 -6.63 -39.61 2.12
CA VAL L 46 -5.75 -39.43 0.97
C VAL L 46 -5.61 -40.78 0.27
N ARG L 47 -5.73 -40.76 -1.06
CA ARG L 47 -5.74 -41.96 -1.89
C ARG L 47 -4.79 -41.78 -3.06
N ASP L 48 -4.22 -42.90 -3.51
CA ASP L 48 -3.40 -42.93 -4.71
C ASP L 48 -4.31 -43.01 -5.93
N LEU L 49 -4.30 -41.97 -6.75
CA LEU L 49 -5.20 -41.87 -7.89
C LEU L 49 -4.61 -42.59 -9.09
N ASP L 50 -5.44 -43.39 -9.76
CA ASP L 50 -5.11 -44.01 -11.03
C ASP L 50 -6.27 -43.72 -11.98
N ARG L 51 -6.22 -42.57 -12.64
CA ARG L 51 -7.25 -42.13 -13.57
C ARG L 51 -6.57 -41.79 -14.90
N PRO L 52 -6.53 -42.74 -15.84
CA PRO L 52 -5.84 -42.47 -17.10
C PRO L 52 -6.48 -41.32 -17.86
N GLY L 53 -5.63 -40.53 -18.51
CA GLY L 53 -6.07 -39.33 -19.19
C GLY L 53 -6.22 -38.12 -18.31
N SER L 54 -6.15 -38.27 -17.01
CA SER L 54 -6.31 -37.16 -16.08
C SER L 54 -4.94 -36.58 -15.72
N LYS L 55 -4.93 -35.28 -15.41
CA LYS L 55 -3.69 -34.62 -15.01
C LYS L 55 -3.20 -35.10 -13.65
N PHE L 56 -4.06 -35.76 -12.88
CA PHE L 56 -3.67 -36.33 -11.59
C PHE L 56 -3.48 -37.83 -11.65
N HIS L 57 -3.17 -38.36 -12.84
CA HIS L 57 -2.89 -39.78 -12.98
C HIS L 57 -1.59 -40.13 -12.27
N LYS L 58 -1.60 -41.30 -11.61
CA LYS L 58 -0.43 -41.80 -10.87
C LYS L 58 0.04 -40.81 -9.82
N ARG L 59 -0.90 -40.16 -9.14
CA ARG L 59 -0.57 -39.19 -8.11
C ARG L 59 -1.39 -39.41 -6.85
N GLU L 60 -1.31 -38.46 -5.91
CA GLU L 60 -1.98 -38.57 -4.62
C GLU L 60 -2.99 -37.45 -4.50
N VAL L 61 -4.20 -37.78 -4.03
CA VAL L 61 -5.24 -36.77 -3.85
C VAL L 61 -5.85 -36.92 -2.46
N VAL L 62 -6.05 -35.79 -1.80
CA VAL L 62 -6.71 -35.72 -0.49
C VAL L 62 -8.12 -35.22 -0.71
N GLU L 63 -9.07 -35.78 0.05
CA GLU L 63 -10.46 -35.40 -0.16
C GLU L 63 -11.30 -35.76 1.07
N ALA L 64 -12.47 -35.13 1.14
CA ALA L 64 -13.39 -35.30 2.26
C ALA L 64 -14.30 -36.50 2.02
N VAL L 65 -14.49 -37.30 3.07
CA VAL L 65 -15.42 -38.41 3.04
C VAL L 65 -16.34 -38.27 4.25
N THR L 66 -17.50 -38.91 4.16
CA THR L 66 -18.46 -38.93 5.24
C THR L 66 -18.70 -40.36 5.70
N VAL L 67 -18.67 -40.57 7.00
CA VAL L 67 -18.88 -41.88 7.60
C VAL L 67 -20.33 -41.94 8.05
N VAL L 68 -21.05 -42.95 7.56
CA VAL L 68 -22.43 -43.21 7.94
C VAL L 68 -22.46 -44.52 8.70
N ASP L 69 -22.96 -44.47 9.93
CA ASP L 69 -23.03 -45.66 10.77
C ASP L 69 -24.21 -46.52 10.32
N THR L 70 -23.91 -47.76 9.92
CA THR L 70 -24.91 -48.70 9.42
C THR L 70 -24.83 -49.98 10.24
N PRO L 71 -25.49 -50.04 11.40
CA PRO L 71 -25.48 -51.23 12.26
C PRO L 71 -26.21 -52.41 11.63
N THR L 158 -25.46 -48.06 17.38
CA THR L 158 -25.40 -46.61 17.43
C THR L 158 -25.46 -46.10 18.87
N PRO L 159 -24.67 -45.07 19.18
CA PRO L 159 -24.69 -44.51 20.54
C PRO L 159 -25.79 -43.49 20.72
N LEU L 160 -26.76 -43.48 19.80
CA LEU L 160 -27.89 -42.56 19.91
C LEU L 160 -28.72 -42.89 21.14
N ALA L 161 -29.37 -41.86 21.69
CA ALA L 161 -30.19 -42.00 22.88
C ALA L 161 -31.64 -42.37 22.56
N GLN L 162 -32.00 -42.46 21.29
CA GLN L 162 -33.38 -42.81 20.91
C GLN L 162 -33.59 -44.31 21.00
N PHE L 198 -24.10 -53.78 -0.65
CA PHE L 198 -23.15 -52.75 -1.03
C PHE L 198 -21.73 -53.30 -1.05
N GLU L 199 -20.85 -52.60 -1.77
CA GLU L 199 -19.46 -53.03 -1.87
C GLU L 199 -18.60 -51.82 -2.20
N GLN L 200 -17.29 -51.98 -1.99
CA GLN L 200 -16.34 -50.93 -2.31
C GLN L 200 -16.28 -50.70 -3.81
N ASN L 201 -15.93 -49.47 -4.19
CA ASN L 201 -15.85 -49.05 -5.60
C ASN L 201 -17.23 -49.11 -6.25
N GLU L 202 -18.23 -48.57 -5.58
CA GLU L 202 -19.60 -48.53 -6.09
C GLU L 202 -20.24 -47.21 -5.74
N MET L 203 -21.05 -46.69 -6.66
CA MET L 203 -21.74 -45.42 -6.46
C MET L 203 -23.16 -45.68 -5.98
N ILE L 204 -23.55 -45.00 -4.89
CA ILE L 204 -24.87 -45.13 -4.31
C ILE L 204 -25.44 -43.73 -4.12
N ASP L 205 -26.77 -43.66 -4.02
CA ASP L 205 -27.43 -42.39 -3.77
C ASP L 205 -28.09 -42.39 -2.41
N ALA L 206 -27.92 -41.29 -1.69
CA ALA L 206 -28.42 -41.16 -0.33
C ALA L 206 -29.63 -40.25 -0.30
N ILE L 207 -30.71 -40.72 0.33
CA ILE L 207 -31.94 -39.95 0.47
C ILE L 207 -32.07 -39.60 1.95
N ALA L 208 -32.19 -38.31 2.24
CA ALA L 208 -32.26 -37.88 3.63
C ALA L 208 -32.90 -36.50 3.69
N VAL L 209 -33.29 -36.10 4.88
CA VAL L 209 -33.95 -34.81 5.10
C VAL L 209 -32.88 -33.76 5.37
N THR L 210 -32.96 -32.65 4.64
CA THR L 210 -32.01 -31.56 4.79
C THR L 210 -32.07 -31.01 6.21
N LYS L 211 -30.90 -30.60 6.73
CA LYS L 211 -30.87 -29.94 8.02
C LYS L 211 -31.64 -28.62 7.95
N GLY L 212 -32.49 -28.39 8.94
CA GLY L 212 -33.34 -27.21 8.98
C GLY L 212 -32.72 -26.08 9.78
N HIS L 213 -33.03 -24.84 9.38
CA HIS L 213 -32.51 -23.66 10.05
C HIS L 213 -33.63 -22.73 10.52
N GLY L 214 -34.88 -23.14 10.39
CA GLY L 214 -35.98 -22.34 10.86
C GLY L 214 -36.30 -21.19 9.93
N PHE L 215 -37.20 -20.33 10.41
CA PHE L 215 -37.65 -19.19 9.62
C PHE L 215 -36.50 -18.21 9.38
N GLU L 216 -36.43 -17.70 8.16
CA GLU L 216 -35.47 -16.65 7.81
C GLU L 216 -36.13 -15.64 6.89
N GLY L 217 -35.82 -14.37 7.10
CA GLY L 217 -36.37 -13.30 6.29
C GLY L 217 -35.52 -12.95 5.09
N VAL L 253 -35.27 -15.24 -4.31
CA VAL L 253 -36.67 -14.98 -4.64
C VAL L 253 -37.23 -13.88 -3.74
N ALA L 254 -36.40 -13.41 -2.81
CA ALA L 254 -36.78 -12.36 -1.86
C ALA L 254 -38.06 -12.74 -1.11
N ARG L 255 -38.13 -14.00 -0.68
CA ARG L 255 -39.26 -14.52 0.07
C ARG L 255 -38.78 -15.09 1.39
N ALA L 256 -39.57 -14.87 2.44
CA ALA L 256 -39.24 -15.32 3.78
C ALA L 256 -40.07 -16.55 4.13
N GLY L 257 -39.45 -17.51 4.81
CA GLY L 257 -40.18 -18.70 5.21
C GLY L 257 -39.22 -19.79 5.67
N GLN L 258 -39.76 -20.99 5.75
CA GLN L 258 -39.00 -22.15 6.19
C GLN L 258 -37.78 -22.38 5.30
N ARG L 259 -36.64 -22.63 5.92
CA ARG L 259 -35.42 -22.97 5.21
C ARG L 259 -34.86 -24.26 5.80
N GLY L 260 -34.60 -25.23 4.95
CA GLY L 260 -34.14 -26.51 5.43
C GLY L 260 -35.28 -27.42 5.83
N TYR L 261 -34.89 -28.58 6.38
CA TYR L 261 -35.82 -29.66 6.70
C TYR L 261 -36.62 -30.08 5.47
N HIS L 262 -35.93 -30.11 4.32
CA HIS L 262 -36.46 -30.65 3.08
C HIS L 262 -35.91 -32.03 2.85
N SER L 263 -36.64 -32.83 2.09
CA SER L 263 -36.22 -34.18 1.72
C SER L 263 -35.48 -34.12 0.39
N ARG L 264 -34.24 -34.60 0.37
CA ARG L 264 -33.38 -34.50 -0.79
C ARG L 264 -32.72 -35.84 -1.08
N THR L 265 -32.59 -36.14 -2.37
CA THR L 265 -31.90 -37.32 -2.88
C THR L 265 -30.64 -36.88 -3.61
N SER L 266 -29.49 -37.39 -3.18
CA SER L 266 -28.21 -37.04 -3.78
C SER L 266 -27.61 -38.28 -4.42
N ILE L 267 -27.26 -38.18 -5.70
CA ILE L 267 -26.97 -39.33 -6.54
C ILE L 267 -25.48 -39.34 -6.86
N ASN L 268 -24.95 -40.53 -7.14
CA ASN L 268 -23.57 -40.73 -7.58
C ASN L 268 -22.57 -40.34 -6.49
N HIS L 269 -22.61 -41.08 -5.40
CA HIS L 269 -21.69 -40.92 -4.28
C HIS L 269 -20.92 -42.22 -4.12
N LYS L 270 -19.63 -42.18 -4.44
CA LYS L 270 -18.82 -43.39 -4.49
C LYS L 270 -18.49 -43.86 -3.08
N ILE L 271 -18.68 -45.16 -2.84
CA ILE L 271 -18.31 -45.77 -1.56
C ILE L 271 -16.81 -46.01 -1.54
N TYR L 272 -16.17 -45.57 -0.46
CA TYR L 272 -14.73 -45.74 -0.30
C TYR L 272 -14.34 -46.86 0.66
N ARG L 273 -15.19 -47.18 1.63
CA ARG L 273 -14.91 -48.28 2.54
C ARG L 273 -16.22 -48.78 3.13
N VAL L 274 -16.33 -50.11 3.28
CA VAL L 274 -17.52 -50.72 3.84
C VAL L 274 -17.25 -51.17 5.27
N ASN L 282 -9.91 -50.53 10.78
CA ASN L 282 -10.95 -49.75 10.10
C ASN L 282 -10.36 -48.50 9.47
N GLY L 283 -9.44 -47.86 10.17
CA GLY L 283 -8.80 -46.66 9.66
C GLY L 283 -7.44 -46.94 9.06
N ALA L 284 -6.96 -48.18 9.19
CA ALA L 284 -5.66 -48.56 8.68
C ALA L 284 -5.76 -48.94 7.20
N THR L 285 -4.88 -48.38 6.39
CA THR L 285 -4.81 -48.70 4.98
C THR L 285 -3.60 -49.59 4.71
N SER L 286 -3.42 -49.95 3.45
CA SER L 286 -2.29 -50.80 3.07
C SER L 286 -0.96 -50.07 3.21
N PHE L 287 -0.97 -48.74 3.25
CA PHE L 287 0.25 -47.95 3.41
C PHE L 287 0.45 -47.42 4.82
N ASP L 288 -0.62 -47.29 5.60
CA ASP L 288 -0.54 -46.79 6.97
C ASP L 288 -0.60 -47.97 7.92
N ARG L 289 0.52 -48.25 8.59
CA ARG L 289 0.61 -49.38 9.51
C ARG L 289 0.27 -48.96 10.95
N THR L 290 -0.90 -48.35 11.11
CA THR L 290 -1.38 -47.92 12.42
C THR L 290 -2.65 -48.68 12.76
N LYS L 291 -2.61 -49.48 13.81
CA LYS L 291 -3.77 -50.25 14.26
C LYS L 291 -4.75 -49.30 14.93
N LYS L 292 -5.58 -48.67 14.11
CA LYS L 292 -6.52 -47.66 14.59
C LYS L 292 -7.89 -47.91 13.99
N THR L 293 -8.88 -47.25 14.57
CA THR L 293 -10.29 -47.40 14.21
C THR L 293 -10.76 -46.14 13.50
N ILE L 294 -11.81 -46.29 12.68
CA ILE L 294 -12.35 -45.17 11.93
C ILE L 294 -12.80 -44.04 12.86
N THR L 295 -13.15 -44.36 14.10
CA THR L 295 -13.57 -43.33 15.04
C THR L 295 -12.40 -42.40 15.37
N PRO L 296 -12.63 -41.10 15.44
CA PRO L 296 -11.54 -40.15 15.68
C PRO L 296 -11.16 -40.13 17.16
N MET L 297 -10.18 -39.27 17.46
CA MET L 297 -9.78 -39.03 18.84
C MET L 297 -10.94 -38.42 19.62
N GLY L 298 -11.40 -39.14 20.64
CA GLY L 298 -12.52 -38.65 21.43
C GLY L 298 -13.86 -38.78 20.76
N GLY L 299 -13.94 -39.51 19.65
CA GLY L 299 -15.20 -39.72 18.96
C GLY L 299 -15.64 -38.54 18.13
N PHE L 300 -16.67 -38.72 17.32
CA PHE L 300 -17.20 -37.63 16.52
C PHE L 300 -17.84 -36.59 17.42
N VAL L 301 -18.02 -35.39 16.87
CA VAL L 301 -18.71 -34.33 17.60
C VAL L 301 -20.21 -34.55 17.46
N HIS L 302 -20.91 -34.58 18.59
CA HIS L 302 -22.33 -34.90 18.69
C HIS L 302 -22.64 -36.32 18.23
N TYR L 303 -21.66 -37.22 18.26
CA TYR L 303 -21.86 -38.61 17.89
C TYR L 303 -20.72 -39.46 18.44
N GLY L 304 -21.03 -40.57 19.08
CA GLY L 304 -20.00 -41.38 19.72
C GLY L 304 -19.10 -42.11 18.76
N GLU L 305 -18.43 -43.16 19.25
CA GLU L 305 -17.54 -43.95 18.43
C GLU L 305 -18.34 -44.86 17.50
N ILE L 306 -17.69 -45.26 16.41
CA ILE L 306 -18.29 -46.18 15.44
C ILE L 306 -17.98 -47.60 15.92
N LYS L 307 -18.93 -48.19 16.64
CA LYS L 307 -18.79 -49.55 17.15
C LYS L 307 -19.38 -50.60 16.22
N ASN L 308 -19.99 -50.19 15.11
CA ASN L 308 -20.60 -51.13 14.19
C ASN L 308 -20.08 -50.91 12.77
N ASP L 309 -20.70 -51.58 11.80
CA ASP L 309 -20.32 -51.39 10.40
C ASP L 309 -20.60 -49.96 9.96
N PHE L 310 -19.76 -49.46 9.07
CA PHE L 310 -19.87 -48.10 8.57
C PHE L 310 -19.71 -48.09 7.06
N ILE L 311 -20.34 -47.11 6.42
CA ILE L 311 -20.19 -46.87 4.99
C ILE L 311 -19.52 -45.51 4.83
N MET L 312 -18.36 -45.49 4.18
CA MET L 312 -17.58 -44.27 4.05
C MET L 312 -17.70 -43.80 2.59
N VAL L 313 -18.42 -42.70 2.41
CA VAL L 313 -18.86 -42.22 1.10
C VAL L 313 -18.08 -40.96 0.75
N LYS L 314 -17.54 -40.90 -0.46
CA LYS L 314 -16.88 -39.69 -0.93
C LYS L 314 -17.87 -38.53 -0.99
N GLY L 315 -17.45 -37.38 -0.50
CA GLY L 315 -18.28 -36.19 -0.57
C GLY L 315 -19.14 -35.98 0.67
N CYS L 316 -20.23 -35.26 0.48
CA CYS L 316 -21.15 -34.90 1.54
C CYS L 316 -22.55 -35.39 1.23
N ILE L 317 -23.25 -35.81 2.28
CA ILE L 317 -24.60 -36.38 2.17
C ILE L 317 -25.59 -35.43 2.84
N PRO L 318 -26.78 -35.21 2.25
CA PRO L 318 -27.76 -34.33 2.90
C PRO L 318 -28.15 -34.82 4.28
N GLY L 319 -28.41 -33.87 5.16
CA GLY L 319 -28.72 -34.17 6.55
C GLY L 319 -27.50 -34.05 7.44
N ASN L 320 -27.74 -33.64 8.68
CA ASN L 320 -26.67 -33.45 9.64
C ASN L 320 -26.42 -34.73 10.43
N ARG L 321 -25.54 -34.66 11.40
CA ARG L 321 -25.19 -35.83 12.19
C ARG L 321 -26.40 -36.32 12.98
N LYS L 322 -26.39 -37.61 13.30
CA LYS L 322 -27.43 -38.33 14.04
C LYS L 322 -28.71 -38.52 13.23
N ARG L 323 -28.79 -38.00 12.01
CA ARG L 323 -29.96 -38.25 11.18
C ARG L 323 -29.92 -39.65 10.59
N ILE L 324 -31.10 -40.14 10.22
CA ILE L 324 -31.22 -41.40 9.50
C ILE L 324 -31.17 -41.12 8.00
N VAL L 325 -30.31 -41.84 7.30
CA VAL L 325 -30.15 -41.70 5.86
C VAL L 325 -30.49 -43.03 5.22
N THR L 326 -31.24 -42.98 4.13
CA THR L 326 -31.60 -44.18 3.37
C THR L 326 -30.65 -44.30 2.19
N LEU L 327 -29.82 -45.32 2.22
CA LEU L 327 -28.89 -45.59 1.13
C LEU L 327 -29.60 -46.40 0.05
N ARG L 328 -29.28 -46.11 -1.21
CA ARG L 328 -29.93 -46.79 -2.33
C ARG L 328 -28.91 -47.02 -3.43
N LYS L 329 -29.20 -48.03 -4.26
CA LYS L 329 -28.36 -48.34 -5.41
C LYS L 329 -28.70 -47.41 -6.57
N SER L 330 -28.07 -47.66 -7.71
CA SER L 330 -28.30 -46.85 -8.90
C SER L 330 -29.72 -47.07 -9.46
N SER L 336 -19.59 -43.07 -17.84
CA SER L 336 -18.60 -42.39 -17.01
C SER L 336 -17.65 -43.39 -16.37
N ARG L 337 -16.35 -43.21 -16.59
CA ARG L 337 -15.35 -44.11 -16.02
C ARG L 337 -15.21 -43.97 -14.51
N LYS L 338 -15.83 -42.96 -13.92
CA LYS L 338 -15.70 -42.75 -12.48
C LYS L 338 -16.28 -43.92 -11.70
N ALA L 339 -17.42 -44.45 -12.13
CA ALA L 339 -18.05 -45.55 -11.42
C ALA L 339 -17.25 -46.84 -11.47
N LEU L 340 -16.29 -46.95 -12.40
CA LEU L 340 -15.49 -48.16 -12.55
C LEU L 340 -14.10 -48.04 -11.92
N GLU L 341 -13.77 -46.90 -11.33
CA GLU L 341 -12.44 -46.72 -10.78
C GLU L 341 -12.28 -47.51 -9.48
N GLU L 342 -11.10 -48.09 -9.30
CA GLU L 342 -10.77 -48.82 -8.08
C GLU L 342 -10.08 -47.87 -7.11
N VAL L 343 -10.58 -47.82 -5.88
CA VAL L 343 -10.11 -46.88 -4.88
C VAL L 343 -9.09 -47.59 -4.00
N SER L 344 -7.85 -47.11 -4.04
CA SER L 344 -6.78 -47.63 -3.20
C SER L 344 -6.52 -46.60 -2.10
N LEU L 345 -7.05 -46.89 -0.90
CA LEU L 345 -6.89 -45.97 0.21
C LEU L 345 -5.45 -45.95 0.69
N LYS L 346 -4.95 -44.75 0.98
CA LYS L 346 -3.60 -44.59 1.51
C LYS L 346 -3.57 -44.13 2.95
N TRP L 347 -4.46 -43.24 3.35
CA TRP L 347 -4.50 -42.83 4.76
C TRP L 347 -5.85 -42.22 5.08
N ILE L 348 -6.28 -42.40 6.32
CA ILE L 348 -7.55 -41.89 6.82
C ILE L 348 -7.28 -40.97 7.99
N ASP L 349 -7.85 -39.76 7.95
CA ASP L 349 -7.63 -38.77 9.00
C ASP L 349 -8.53 -39.11 10.18
N THR L 350 -7.91 -39.55 11.28
CA THR L 350 -8.62 -39.87 12.51
C THR L 350 -8.31 -38.88 13.63
N ALA L 351 -7.89 -37.67 13.26
CA ALA L 351 -7.62 -36.64 14.25
C ALA L 351 -8.92 -36.16 14.88
N SER L 352 -8.79 -35.54 16.05
CA SER L 352 -9.97 -35.08 16.78
C SER L 352 -10.65 -33.94 16.03
N LYS L 353 -11.94 -34.14 15.72
CA LYS L 353 -12.75 -33.07 15.15
C LYS L 353 -13.15 -32.04 16.18
N PHE L 354 -12.92 -32.31 17.47
CA PHE L 354 -13.27 -31.42 18.55
C PHE L 354 -12.19 -30.37 18.78
N GLY L 355 -11.81 -29.67 17.73
CA GLY L 355 -10.73 -28.71 17.76
C GLY L 355 -9.65 -29.06 16.75
N LYS L 356 -8.55 -28.31 16.81
CA LYS L 356 -7.44 -28.49 15.88
C LYS L 356 -6.56 -29.63 16.39
N GLY L 357 -7.06 -30.85 16.21
CA GLY L 357 -6.31 -32.02 16.64
C GLY L 357 -5.10 -32.26 15.77
N ARG L 358 -4.07 -32.88 16.37
CA ARG L 358 -2.84 -33.16 15.68
C ARG L 358 -2.38 -34.60 15.80
N PHE L 359 -3.13 -35.45 16.49
CA PHE L 359 -2.72 -36.82 16.75
C PHE L 359 -3.76 -37.80 16.22
N GLN L 360 -3.28 -38.98 15.82
CA GLN L 360 -4.14 -40.01 15.28
C GLN L 360 -4.61 -41.01 16.33
N THR L 361 -3.77 -41.31 17.33
CA THR L 361 -4.11 -42.24 18.39
C THR L 361 -3.69 -41.64 19.71
N PRO L 362 -4.39 -41.97 20.81
CA PRO L 362 -3.96 -41.48 22.13
C PRO L 362 -2.55 -41.92 22.50
N ALA L 363 -2.15 -43.12 22.07
CA ALA L 363 -0.79 -43.58 22.32
C ALA L 363 0.22 -42.68 21.61
N GLU L 364 -0.11 -42.21 20.41
CA GLU L 364 0.78 -41.30 19.71
C GLU L 364 0.95 -39.98 20.46
N LYS L 365 -0.15 -39.43 20.98
CA LYS L 365 -0.07 -38.20 21.76
C LYS L 365 0.75 -38.41 23.03
N HIS L 366 0.54 -39.53 23.71
CA HIS L 366 1.29 -39.82 24.93
C HIS L 366 2.78 -39.97 24.64
N ALA L 367 3.13 -40.65 23.54
CA ALA L 367 4.52 -40.81 23.16
C ALA L 367 5.14 -39.52 22.66
N PHE L 368 4.33 -38.59 22.15
CA PHE L 368 4.87 -37.32 21.69
C PHE L 368 5.15 -36.37 22.86
N MET L 369 4.13 -36.07 23.65
CA MET L 369 4.30 -35.10 24.72
C MET L 369 5.27 -35.59 25.78
N GLY L 370 5.21 -36.87 26.13
CA GLY L 370 6.12 -37.43 27.11
C GLY L 370 5.46 -37.72 28.44
N THR L 371 6.17 -37.49 29.52
CA THR L 371 5.66 -37.74 30.86
C THR L 371 5.08 -36.47 31.45
N LEU L 372 3.84 -36.56 31.94
CA LEU L 372 3.16 -35.44 32.56
C LEU L 372 3.24 -35.55 34.08
N LYS L 373 2.88 -34.45 34.74
CA LYS L 373 2.94 -34.42 36.20
C LYS L 373 1.96 -35.41 36.82
N LYS L 374 0.76 -35.52 36.25
CA LYS L 374 -0.23 -36.45 36.79
C LYS L 374 0.24 -37.90 36.65
N ASP L 375 0.80 -38.25 35.50
CA ASP L 375 1.26 -39.61 35.25
C ASP L 375 2.69 -39.77 35.78
N LEU L 376 2.78 -39.98 37.08
CA LEU L 376 4.07 -40.17 37.74
C LEU L 376 3.89 -40.91 39.06
N ALA M 1 -22.93 -26.79 -27.26
CA ALA M 1 -22.39 -28.12 -26.98
C ALA M 1 -23.50 -29.15 -26.88
N LYS M 2 -23.13 -30.43 -26.99
CA LYS M 2 -24.11 -31.49 -26.85
C LYS M 2 -24.70 -31.50 -25.45
N SER M 3 -26.03 -31.55 -25.37
CA SER M 3 -26.71 -31.46 -24.10
C SER M 3 -26.98 -32.87 -23.56
N LEU M 4 -27.67 -32.94 -22.42
CA LEU M 4 -28.03 -34.24 -21.86
C LEU M 4 -29.12 -34.93 -22.66
N ARG M 5 -30.04 -34.15 -23.23
CA ARG M 5 -31.13 -34.68 -24.03
C ARG M 5 -30.73 -34.93 -25.48
N ALA M 6 -29.50 -34.63 -25.84
CA ALA M 6 -29.02 -34.84 -27.21
C ALA M 6 -28.59 -36.29 -27.40
N MET N 1 -43.21 -30.02 -29.37
CA MET N 1 -43.17 -28.70 -29.99
C MET N 1 -44.07 -27.73 -29.22
N ARG N 2 -43.54 -26.56 -28.90
CA ARG N 2 -44.29 -25.54 -28.17
C ARG N 2 -45.41 -25.01 -29.05
N VAL N 3 -46.64 -25.41 -28.76
CA VAL N 3 -47.79 -24.97 -29.54
C VAL N 3 -47.99 -23.48 -29.35
N ARG N 4 -48.23 -22.76 -30.44
CA ARG N 4 -48.44 -21.33 -30.37
C ARG N 4 -49.84 -21.03 -29.83
N LYS N 5 -50.04 -19.77 -29.45
CA LYS N 5 -51.30 -19.32 -28.89
C LYS N 5 -52.21 -18.84 -30.01
N ARG N 6 -53.28 -19.59 -30.27
CA ARG N 6 -54.18 -19.31 -31.38
C ARG N 6 -55.03 -18.07 -31.10
N GLN N 7 -55.31 -17.32 -32.14
CA GLN N 7 -56.14 -16.12 -32.04
C GLN N 7 -57.56 -16.48 -31.59
N MET O 1 20.62 -37.31 -33.61
CA MET O 1 20.11 -37.66 -34.93
C MET O 1 18.89 -36.82 -35.28
N ALA O 2 18.47 -36.88 -36.54
CA ALA O 2 17.31 -36.14 -37.02
C ALA O 2 16.04 -36.83 -36.54
N THR O 3 15.61 -36.50 -35.33
CA THR O 3 14.40 -37.04 -34.74
C THR O 3 13.48 -35.90 -34.35
N ARG O 4 12.24 -35.95 -34.85
CA ARG O 4 11.23 -34.94 -34.55
C ARG O 4 10.05 -35.61 -33.84
N THR O 5 9.63 -35.00 -32.74
CA THR O 5 8.54 -35.53 -31.91
C THR O 5 7.92 -34.35 -31.18
N GLN O 6 6.69 -34.54 -30.72
CA GLN O 6 6.01 -33.56 -29.89
C GLN O 6 5.42 -34.27 -28.67
N PHE O 7 5.37 -33.54 -27.56
CA PHE O 7 4.68 -34.01 -26.37
C PHE O 7 3.38 -33.23 -26.24
N GLU O 8 2.26 -33.89 -26.55
CA GLU O 8 0.94 -33.28 -26.47
C GLU O 8 0.88 -31.98 -27.26
N ASN O 9 1.36 -32.03 -28.50
CA ASN O 9 1.38 -30.87 -29.40
C ASN O 9 2.21 -29.73 -28.82
N SER O 10 3.34 -30.07 -28.20
CA SER O 10 4.30 -29.09 -27.72
C SER O 10 5.68 -29.47 -28.22
N ASN O 11 6.39 -28.48 -28.78
CA ASN O 11 7.70 -28.74 -29.37
C ASN O 11 8.82 -28.83 -28.34
N GLU O 12 8.59 -28.38 -27.11
CA GLU O 12 9.63 -28.35 -26.10
C GLU O 12 9.93 -29.75 -25.58
N ILE O 13 10.80 -30.48 -26.29
CA ILE O 13 11.14 -31.84 -25.87
C ILE O 13 11.95 -31.82 -24.59
N GLY O 14 12.84 -30.84 -24.44
CA GLY O 14 13.70 -30.81 -23.27
C GLY O 14 12.96 -30.58 -21.97
N VAL O 15 11.80 -29.92 -22.04
CA VAL O 15 11.03 -29.63 -20.83
C VAL O 15 10.49 -30.92 -20.22
N PHE O 16 9.95 -31.81 -21.05
CA PHE O 16 9.25 -32.99 -20.59
C PHE O 16 10.08 -34.26 -20.66
N SER O 17 11.37 -34.16 -20.95
CA SER O 17 12.20 -35.34 -21.10
C SER O 17 13.66 -34.96 -20.90
N LYS O 18 14.50 -35.97 -20.71
CA LYS O 18 15.93 -35.77 -20.51
C LYS O 18 16.66 -37.08 -20.71
N LEU O 19 17.80 -37.03 -21.39
CA LEU O 19 18.68 -38.18 -21.51
C LEU O 19 20.12 -37.74 -21.74
N CYS O 24 16.88 -42.39 -20.06
CA CYS O 24 15.96 -41.33 -20.45
C CYS O 24 14.74 -41.28 -19.54
N LEU O 25 14.41 -40.09 -19.07
CA LEU O 25 13.24 -39.89 -18.21
C LEU O 25 12.13 -39.24 -19.02
N VAL O 26 10.94 -39.85 -18.98
CA VAL O 26 9.80 -39.39 -19.75
C VAL O 26 8.68 -39.02 -18.80
N ALA O 27 8.04 -37.88 -19.06
CA ALA O 27 6.92 -37.44 -18.24
C ALA O 27 5.73 -38.38 -18.39
N VAL O 28 4.95 -38.49 -17.32
CA VAL O 28 3.73 -39.29 -17.33
C VAL O 28 2.61 -38.46 -17.94
N GLY O 29 1.97 -38.98 -18.97
CA GLY O 29 0.92 -38.25 -19.64
C GLY O 29 -0.33 -39.07 -19.89
N GLY O 30 -1.19 -38.58 -20.78
CA GLY O 30 -2.45 -39.26 -21.07
C GLY O 30 -2.38 -40.17 -22.27
N SER O 31 -1.16 -40.52 -22.69
CA SER O 31 -0.94 -41.38 -23.85
C SER O 31 0.46 -41.96 -23.75
N GLU O 32 0.80 -42.80 -24.73
CA GLU O 32 2.13 -43.40 -24.81
C GLU O 32 2.85 -43.04 -26.09
N ASN O 33 2.34 -42.04 -26.83
CA ASN O 33 2.99 -41.63 -28.08
C ASN O 33 4.38 -41.06 -27.82
N PHE O 34 4.50 -40.21 -26.80
CA PHE O 34 5.77 -39.57 -26.50
C PHE O 34 6.80 -40.59 -26.02
N TYR O 35 6.39 -41.50 -25.15
CA TYR O 35 7.32 -42.51 -24.64
C TYR O 35 7.80 -43.43 -25.75
N SER O 36 6.90 -43.83 -26.64
CA SER O 36 7.26 -44.71 -27.74
C SER O 36 8.26 -44.07 -28.69
N ALA O 37 8.30 -42.74 -28.77
CA ALA O 37 9.26 -42.07 -29.63
C ALA O 37 10.69 -42.30 -29.16
N PHE O 38 10.91 -42.31 -27.85
CA PHE O 38 12.25 -42.52 -27.29
C PHE O 38 12.58 -44.01 -27.25
N VAL O 49 11.62 -44.15 -18.97
CA VAL O 49 11.24 -44.14 -17.56
C VAL O 49 10.17 -43.10 -17.30
N HIS O 50 8.92 -43.56 -17.16
CA HIS O 50 7.85 -42.68 -16.72
C HIS O 50 8.08 -42.27 -15.27
N THR O 51 8.23 -40.98 -15.04
CA THR O 51 8.44 -40.46 -13.70
C THR O 51 7.89 -39.05 -13.61
N THR O 52 7.63 -38.62 -12.38
CA THR O 52 7.17 -37.28 -12.10
C THR O 52 8.06 -36.67 -11.04
N ILE O 53 8.23 -35.34 -11.10
CA ILE O 53 9.02 -34.60 -10.14
C ILE O 53 8.07 -33.67 -9.40
N ALA O 54 7.86 -33.94 -8.11
CA ALA O 54 6.93 -33.18 -7.28
C ALA O 54 5.53 -33.16 -7.89
N GLY O 55 5.12 -34.28 -8.47
CA GLY O 55 3.82 -34.36 -9.11
C GLY O 55 3.69 -33.45 -10.31
N THR O 56 4.74 -33.33 -11.12
CA THR O 56 4.75 -32.45 -12.28
C THR O 56 5.29 -33.20 -13.49
N ARG O 57 4.93 -32.71 -14.67
CA ARG O 57 5.39 -33.30 -15.92
C ARG O 57 6.67 -32.65 -16.44
N ILE O 58 7.15 -31.58 -15.81
CA ILE O 58 8.34 -30.86 -16.31
C ILE O 58 9.54 -31.56 -15.69
N ILE O 59 9.96 -32.65 -16.34
CA ILE O 59 11.06 -33.43 -15.81
C ILE O 59 12.41 -32.82 -16.19
N GLY O 60 12.54 -32.36 -17.44
CA GLY O 60 13.83 -31.88 -17.91
C GLY O 60 14.28 -30.59 -17.25
N ARG O 61 13.34 -29.76 -16.80
CA ARG O 61 13.67 -28.52 -16.11
C ARG O 61 13.69 -28.67 -14.60
N MET O 62 13.52 -29.89 -14.09
CA MET O 62 13.52 -30.15 -12.66
C MET O 62 14.51 -31.24 -12.26
N THR O 63 15.47 -31.58 -13.12
CA THR O 63 16.47 -32.59 -12.79
C THR O 63 17.70 -32.36 -13.64
N ALA O 64 18.81 -32.95 -13.22
CA ALA O 64 20.06 -32.84 -13.97
C ALA O 64 20.87 -34.10 -13.76
N GLY O 65 21.73 -34.38 -14.73
CA GLY O 65 22.56 -35.57 -14.68
C GLY O 65 23.26 -35.80 -16.00
N ASN O 66 24.09 -36.84 -16.01
CA ASN O 66 24.88 -37.18 -17.18
C ASN O 66 24.79 -38.66 -17.51
N LEU O 70 22.34 -38.45 -11.41
CA LEU O 70 21.04 -37.80 -11.49
C LEU O 70 20.74 -37.02 -10.21
N LEU O 71 20.62 -35.70 -10.34
CA LEU O 71 20.32 -34.84 -9.21
C LEU O 71 18.86 -34.39 -9.30
N VAL O 72 18.16 -34.47 -8.17
CA VAL O 72 16.76 -34.04 -8.09
C VAL O 72 16.63 -33.07 -6.92
N PRO O 73 15.69 -32.14 -6.95
CA PRO O 73 15.54 -31.19 -5.84
C PRO O 73 14.79 -31.82 -4.68
N THR O 74 14.64 -31.05 -3.61
CA THR O 74 13.93 -31.52 -2.42
C THR O 74 12.42 -31.61 -2.64
N GLN O 75 11.89 -30.91 -3.64
CA GLN O 75 10.46 -30.98 -3.90
C GLN O 75 10.03 -32.38 -4.33
N THR O 76 10.95 -33.21 -4.80
CA THR O 76 10.62 -34.58 -5.14
C THR O 76 10.22 -35.34 -3.89
N THR O 77 9.10 -36.05 -3.96
CA THR O 77 8.64 -36.82 -2.82
C THR O 77 9.52 -38.05 -2.64
N ASP O 78 9.41 -38.68 -1.47
CA ASP O 78 10.15 -39.91 -1.22
C ASP O 78 9.70 -41.01 -2.17
N GLN O 79 8.41 -41.05 -2.50
CA GLN O 79 7.92 -42.06 -3.43
C GLN O 79 8.51 -41.87 -4.82
N GLU O 80 8.59 -40.63 -5.29
CA GLU O 80 9.18 -40.37 -6.60
C GLU O 80 10.66 -40.73 -6.60
N LEU O 81 11.37 -40.40 -5.52
CA LEU O 81 12.78 -40.75 -5.42
C LEU O 81 12.97 -42.26 -5.41
N GLN O 82 12.05 -42.99 -4.78
CA GLN O 82 12.06 -44.45 -4.86
C GLN O 82 11.80 -44.91 -6.28
N HIS O 83 10.91 -44.24 -7.00
CA HIS O 83 10.60 -44.62 -8.37
C HIS O 83 11.81 -44.47 -9.27
N LEU O 84 12.57 -43.39 -9.12
CA LEU O 84 13.78 -43.17 -9.90
C LEU O 84 14.95 -43.98 -9.35
N GLN O 95 20.00 -38.43 -6.40
CA GLN O 95 20.40 -37.81 -5.13
C GLN O 95 19.71 -36.46 -4.96
N ARG O 96 19.02 -36.29 -3.85
CA ARG O 96 18.28 -35.05 -3.59
C ARG O 96 19.23 -33.97 -3.09
N VAL O 97 19.06 -32.75 -3.61
CA VAL O 97 19.90 -31.62 -3.25
C VAL O 97 19.04 -30.57 -2.56
N GLU O 98 19.53 -30.04 -1.45
CA GLU O 98 18.86 -28.98 -0.71
C GLU O 98 19.46 -27.65 -1.17
N GLU O 99 18.80 -27.00 -2.12
CA GLU O 99 19.34 -25.76 -2.68
C GLU O 99 18.19 -24.97 -3.29
N ARG O 100 18.32 -23.65 -3.28
CA ARG O 100 17.18 -22.77 -3.58
C ARG O 100 16.66 -22.98 -4.99
N LEU O 101 17.57 -22.98 -5.98
CA LEU O 101 17.18 -23.03 -7.38
C LEU O 101 16.77 -24.47 -7.71
N SER O 102 15.49 -24.77 -7.44
CA SER O 102 14.97 -26.13 -7.61
C SER O 102 14.98 -26.58 -9.07
N ALA O 103 15.08 -25.65 -10.03
CA ALA O 103 15.14 -26.01 -11.44
C ALA O 103 16.58 -26.41 -11.78
N LEU O 104 16.92 -27.64 -11.43
CA LEU O 104 18.28 -28.13 -11.65
C LEU O 104 18.61 -28.17 -13.13
N GLY O 105 17.67 -28.59 -13.96
CA GLY O 105 17.90 -28.62 -15.40
C GLY O 105 18.09 -27.26 -16.03
N ASN O 106 17.72 -26.19 -15.32
CA ASN O 106 17.89 -24.84 -15.84
C ASN O 106 19.15 -24.16 -15.33
N VAL O 107 19.79 -24.71 -14.30
CA VAL O 107 20.97 -24.09 -13.70
C VAL O 107 22.18 -25.02 -13.77
N ILE O 108 22.07 -26.16 -14.44
CA ILE O 108 23.19 -27.09 -14.62
C ILE O 108 23.15 -27.56 -16.07
N CYS O 109 24.09 -27.09 -16.88
CA CYS O 109 24.31 -27.58 -18.24
C CYS O 109 25.53 -28.48 -18.18
N CYS O 110 25.33 -29.79 -18.11
CA CYS O 110 26.40 -30.71 -17.83
C CYS O 110 26.47 -31.80 -18.88
N ASN O 111 27.64 -32.45 -18.92
CA ASN O 111 27.83 -33.67 -19.71
C ASN O 111 28.68 -34.60 -18.84
N ASP O 112 29.26 -35.63 -19.45
CA ASP O 112 30.05 -36.59 -18.69
C ASP O 112 31.26 -35.95 -18.02
N TYR O 113 31.75 -34.82 -18.53
CA TYR O 113 33.00 -34.24 -18.06
C TYR O 113 32.86 -32.83 -17.52
N VAL O 114 32.21 -31.92 -18.25
CA VAL O 114 32.19 -30.50 -17.94
C VAL O 114 30.77 -30.07 -17.60
N ALA O 115 30.62 -29.33 -16.51
CA ALA O 115 29.33 -28.87 -16.04
C ALA O 115 29.38 -27.37 -15.79
N LEU O 116 28.63 -26.60 -16.60
CA LEU O 116 28.39 -25.20 -16.31
C LEU O 116 27.23 -25.07 -15.34
N VAL O 117 27.35 -24.11 -14.41
CA VAL O 117 26.35 -23.95 -13.36
C VAL O 117 25.94 -22.48 -13.27
N HIS O 118 24.91 -22.25 -12.46
CA HIS O 118 24.46 -20.90 -12.18
C HIS O 118 25.53 -20.11 -11.44
N PRO O 119 25.74 -18.84 -11.78
CA PRO O 119 26.74 -18.04 -11.05
C PRO O 119 26.44 -17.94 -9.56
N ASP O 120 25.17 -17.91 -9.18
CA ASP O 120 24.76 -17.70 -7.80
C ASP O 120 24.51 -18.99 -7.03
N ILE O 121 24.76 -20.15 -7.63
CA ILE O 121 24.49 -21.41 -6.95
C ILE O 121 25.36 -21.50 -5.69
N ASP O 122 24.85 -22.22 -4.69
CA ASP O 122 25.56 -22.34 -3.44
C ASP O 122 26.72 -23.33 -3.55
N ARG O 123 27.70 -23.16 -2.66
CA ARG O 123 28.90 -23.99 -2.72
C ARG O 123 28.61 -25.43 -2.30
N GLU O 124 27.70 -25.61 -1.34
CA GLU O 124 27.47 -26.94 -0.77
C GLU O 124 26.93 -27.93 -1.79
N THR O 125 26.32 -27.46 -2.87
CA THR O 125 25.86 -28.36 -3.92
C THR O 125 26.85 -28.51 -5.07
N GLU O 126 27.78 -27.57 -5.23
CA GLU O 126 28.85 -27.75 -6.19
C GLU O 126 29.72 -28.95 -5.84
N GLU O 127 29.88 -29.22 -4.54
CA GLU O 127 30.60 -30.43 -4.13
C GLU O 127 29.81 -31.69 -4.46
N LEU O 128 28.51 -31.58 -4.70
CA LEU O 128 27.71 -32.73 -5.11
C LEU O 128 27.67 -32.89 -6.62
N ILE O 129 27.88 -31.81 -7.38
CA ILE O 129 27.90 -31.89 -8.84
C ILE O 129 29.19 -32.52 -9.31
N GLU O 136 34.15 -31.50 -13.46
CA GLU O 136 34.56 -30.10 -13.30
C GLU O 136 33.35 -29.17 -13.37
N VAL O 137 33.26 -28.27 -12.40
CA VAL O 137 32.16 -27.34 -12.27
C VAL O 137 32.66 -25.94 -12.57
N PHE O 138 31.98 -25.23 -13.47
CA PHE O 138 32.38 -23.89 -13.87
C PHE O 138 31.19 -22.94 -13.72
N ARG O 139 31.40 -21.83 -13.04
CA ARG O 139 30.39 -20.78 -12.91
C ARG O 139 30.57 -19.82 -14.07
N GLN O 140 29.61 -19.83 -15.00
CA GLN O 140 29.71 -19.03 -16.20
C GLN O 140 28.29 -18.71 -16.67
N THR O 141 28.18 -17.67 -17.50
CA THR O 141 26.92 -17.30 -18.13
C THR O 141 27.06 -17.44 -19.65
N ILE O 142 25.95 -17.77 -20.29
CA ILE O 142 25.93 -17.90 -21.77
C ILE O 142 25.62 -16.51 -22.30
N SER O 143 26.66 -15.69 -22.40
CA SER O 143 26.56 -14.31 -22.87
C SER O 143 25.51 -13.53 -22.09
N GLY O 144 25.63 -13.55 -20.77
CA GLY O 144 24.74 -12.82 -19.90
C GLY O 144 23.49 -13.55 -19.48
N ASN O 145 23.29 -14.78 -19.94
CA ASN O 145 22.14 -15.59 -19.55
C ASN O 145 22.57 -16.53 -18.42
N ILE O 146 22.04 -16.28 -17.23
CA ILE O 146 22.42 -17.05 -16.04
C ILE O 146 21.87 -18.47 -16.09
N LEU O 147 20.85 -18.74 -16.90
CA LEU O 147 20.27 -20.07 -16.99
C LEU O 147 21.06 -20.86 -18.04
N VAL O 148 22.17 -21.45 -17.59
CA VAL O 148 23.05 -22.17 -18.50
C VAL O 148 22.42 -23.47 -18.98
N GLY O 149 21.63 -24.12 -18.14
CA GLY O 149 21.02 -25.39 -18.51
C GLY O 149 19.84 -25.29 -19.45
N SER O 150 19.37 -24.07 -19.71
CA SER O 150 18.21 -23.87 -20.58
C SER O 150 18.53 -23.17 -21.88
N TYR O 151 19.67 -22.48 -21.97
CA TYR O 151 20.07 -21.79 -23.19
C TYR O 151 21.30 -22.42 -23.83
N CYS O 152 21.76 -23.55 -23.31
CA CYS O 152 22.86 -24.29 -23.92
C CYS O 152 22.56 -25.78 -23.81
N SER O 153 22.85 -26.50 -24.89
CA SER O 153 22.55 -27.93 -24.94
C SER O 153 23.80 -28.77 -25.07
N GLY O 159 28.31 -28.83 -28.73
CA GLY O 159 27.23 -28.17 -28.03
C GLY O 159 26.58 -27.05 -28.85
N LEU O 160 25.33 -26.76 -28.54
CA LEU O 160 24.57 -25.72 -29.22
C LEU O 160 24.17 -24.64 -28.22
N VAL O 161 24.45 -23.39 -28.55
CA VAL O 161 24.13 -22.26 -27.68
C VAL O 161 23.21 -21.32 -28.44
N HIS O 162 22.54 -20.45 -27.68
CA HIS O 162 21.50 -19.61 -28.26
C HIS O 162 22.12 -18.58 -29.21
N PRO O 163 21.35 -18.12 -30.21
CA PRO O 163 21.93 -17.26 -31.26
C PRO O 163 22.47 -15.94 -30.75
N GLN O 164 22.06 -15.47 -29.58
CA GLN O 164 22.54 -14.20 -29.07
C GLN O 164 23.93 -14.30 -28.44
N THR O 165 24.50 -15.50 -28.34
CA THR O 165 25.80 -15.66 -27.74
C THR O 165 26.87 -14.91 -28.52
N SER O 166 27.70 -14.16 -27.80
CA SER O 166 28.77 -13.41 -28.44
C SER O 166 29.91 -14.34 -28.84
N VAL O 167 30.77 -13.84 -29.73
CA VAL O 167 31.89 -14.64 -30.22
C VAL O 167 32.89 -14.92 -29.11
N GLN O 168 33.14 -13.93 -28.24
CA GLN O 168 34.09 -14.12 -27.15
C GLN O 168 33.62 -15.19 -26.18
N ASP O 169 32.33 -15.18 -25.83
CA ASP O 169 31.80 -16.21 -24.93
C ASP O 169 31.67 -17.55 -25.65
N GLN O 170 31.53 -17.53 -26.97
CA GLN O 170 31.38 -18.76 -27.74
C GLN O 170 32.70 -19.51 -27.85
N LEU O 181 30.99 -25.66 -30.23
CA LEU O 181 29.94 -24.74 -29.83
C LEU O 181 29.56 -23.82 -30.99
N VAL O 182 28.28 -23.85 -31.36
CA VAL O 182 27.75 -23.05 -32.45
C VAL O 182 26.49 -22.34 -31.97
N ALA O 183 26.32 -21.10 -32.39
CA ALA O 183 25.13 -20.31 -32.04
C ALA O 183 24.07 -20.56 -33.12
N GLY O 184 23.06 -21.36 -32.78
CA GLY O 184 21.99 -21.65 -33.72
C GLY O 184 20.65 -21.85 -33.04
N THR O 185 19.58 -21.38 -33.68
CA THR O 185 18.25 -21.45 -33.12
C THR O 185 17.72 -22.89 -33.22
N VAL O 186 16.48 -23.10 -32.82
CA VAL O 186 15.86 -24.42 -32.81
C VAL O 186 14.36 -24.22 -32.76
N ASN O 187 13.61 -25.20 -33.29
CA ASN O 187 12.15 -25.18 -33.27
C ASN O 187 11.60 -23.91 -33.89
N ARG O 188 12.16 -23.53 -35.03
CA ARG O 188 11.72 -22.38 -35.83
C ARG O 188 11.80 -21.09 -35.00
N GLY O 189 13.03 -20.73 -34.66
CA GLY O 189 13.31 -19.45 -34.06
C GLY O 189 13.19 -19.38 -32.55
N SER O 190 13.24 -20.52 -31.87
CA SER O 190 13.22 -20.53 -30.40
C SER O 190 14.65 -20.44 -29.90
N SER O 191 14.98 -19.31 -29.26
CA SER O 191 16.32 -19.13 -28.72
C SER O 191 16.61 -20.04 -27.53
N VAL O 192 15.58 -20.57 -26.89
CA VAL O 192 15.76 -21.48 -25.76
C VAL O 192 16.09 -22.85 -26.32
N VAL O 193 17.38 -23.14 -26.47
CA VAL O 193 17.80 -24.38 -27.10
C VAL O 193 18.01 -25.53 -26.11
N GLY O 194 18.22 -25.22 -24.83
CA GLY O 194 18.34 -26.27 -23.84
C GLY O 194 17.04 -27.00 -23.61
N ALA O 195 15.93 -26.26 -23.56
CA ALA O 195 14.63 -26.85 -23.32
C ALA O 195 13.88 -27.20 -24.60
N GLY O 196 14.27 -26.64 -25.73
CA GLY O 196 13.62 -26.94 -27.00
C GLY O 196 14.06 -28.22 -27.65
N MET O 197 15.08 -28.89 -27.11
CA MET O 197 15.56 -30.14 -27.68
C MET O 197 16.41 -30.86 -26.65
N VAL O 198 16.69 -32.13 -26.94
CA VAL O 198 17.58 -32.95 -26.14
C VAL O 198 18.64 -33.54 -27.06
N VAL O 199 19.75 -33.95 -26.47
CA VAL O 199 20.85 -34.50 -27.24
C VAL O 199 21.71 -35.42 -26.40
N LEU O 203 21.27 -39.48 -30.11
CA LEU O 203 19.96 -38.97 -30.46
C LEU O 203 19.88 -37.47 -30.23
N ALA O 204 19.13 -36.77 -31.08
CA ALA O 204 18.80 -35.36 -30.89
C ALA O 204 17.31 -35.21 -31.19
N VAL O 205 16.48 -35.47 -30.18
CA VAL O 205 15.04 -35.37 -30.35
C VAL O 205 14.63 -33.91 -30.22
N THR O 206 13.83 -33.43 -31.17
CA THR O 206 13.47 -32.02 -31.23
C THR O 206 12.03 -31.91 -31.68
N GLY O 207 11.42 -30.75 -31.43
CA GLY O 207 10.04 -30.55 -31.80
C GLY O 207 9.83 -30.63 -33.31
N LEU O 208 8.59 -30.94 -33.68
CA LEU O 208 8.26 -31.07 -35.10
C LEU O 208 8.44 -29.77 -35.86
N ASP O 209 8.35 -28.63 -35.17
CA ASP O 209 8.39 -27.33 -35.84
C ASP O 209 9.78 -26.94 -36.28
N THR O 210 10.79 -27.78 -36.07
CA THR O 210 12.15 -27.44 -36.47
C THR O 210 12.25 -27.42 -37.99
N THR O 211 12.84 -26.35 -38.52
CA THR O 211 13.02 -26.22 -39.95
C THR O 211 14.19 -27.08 -40.41
N ALA O 212 14.28 -27.26 -41.74
CA ALA O 212 15.37 -28.06 -42.30
C ALA O 212 16.75 -27.46 -42.02
N PRO O 213 17.00 -26.16 -42.23
CA PRO O 213 18.33 -25.63 -41.87
C PRO O 213 18.65 -25.79 -40.40
N GLU O 214 17.67 -25.60 -39.51
CA GLU O 214 17.94 -25.74 -38.09
C GLU O 214 18.29 -27.17 -37.72
N LEU O 215 17.60 -28.14 -38.31
CA LEU O 215 17.94 -29.54 -38.06
C LEU O 215 19.29 -29.90 -38.68
N SER O 216 19.64 -29.27 -39.80
CA SER O 216 20.96 -29.48 -40.38
C SER O 216 22.06 -28.97 -39.46
N VAL O 217 21.84 -27.82 -38.83
CA VAL O 217 22.81 -27.28 -37.88
C VAL O 217 22.96 -28.23 -36.69
N ILE O 218 21.85 -28.74 -36.18
CA ILE O 218 21.87 -29.67 -35.07
C ILE O 218 22.44 -31.02 -35.52
N LEU P 1 -11.37 52.23 -44.37
CA LEU P 1 -12.37 51.18 -44.53
C LEU P 1 -11.71 49.83 -44.70
N ALA P 2 -10.53 49.83 -45.32
CA ALA P 2 -9.81 48.58 -45.53
C ALA P 2 -9.45 47.91 -44.20
N GLN P 3 -9.02 48.71 -43.22
CA GLN P 3 -8.64 48.15 -41.93
C GLN P 3 -9.85 47.53 -41.23
N THR P 4 -11.01 48.16 -41.35
CA THR P 4 -12.22 47.60 -40.72
C THR P 4 -12.56 46.23 -41.29
N LEU P 5 -12.55 46.10 -42.62
CA LEU P 5 -12.85 44.82 -43.24
C LEU P 5 -11.77 43.79 -42.94
N VAL P 6 -10.51 44.23 -42.86
CA VAL P 6 -9.43 43.32 -42.48
C VAL P 6 -9.66 42.79 -41.07
N ASN P 7 -10.08 43.66 -40.15
CA ASN P 7 -10.42 43.22 -38.81
C ASN P 7 -11.58 42.23 -38.83
N ARG P 8 -12.57 42.48 -39.69
CA ARG P 8 -13.66 41.52 -39.84
C ARG P 8 -13.16 40.18 -40.36
N GLY P 9 -12.08 40.17 -41.13
CA GLY P 9 -11.55 38.95 -41.69
C GLY P 9 -11.71 38.87 -43.19
N VAL P 10 -11.59 40.00 -43.87
CA VAL P 10 -11.75 40.10 -45.32
C VAL P 10 -10.40 40.46 -45.92
N ASN P 11 -9.90 39.63 -46.82
CA ASN P 11 -8.64 39.88 -47.51
C ASN P 11 -8.95 40.64 -48.80
N LEU P 12 -8.69 41.94 -48.79
CA LEU P 12 -8.97 42.78 -49.95
C LEU P 12 -7.79 43.70 -50.23
N GLN P 13 -7.50 43.90 -51.50
CA GLN P 13 -6.48 44.83 -51.96
C GLN P 13 -7.11 45.84 -52.91
N PRO P 14 -6.59 47.08 -52.93
CA PRO P 14 -7.12 48.12 -53.81
C PRO P 14 -6.94 47.80 -55.28
N LEU P 23 -10.86 48.66 -54.36
CA LEU P 23 -10.90 47.55 -53.42
C LEU P 23 -11.69 46.37 -53.98
N GLN P 24 -11.04 45.21 -54.04
CA GLN P 24 -11.68 43.98 -54.50
C GLN P 24 -11.39 42.88 -53.48
N ILE P 25 -12.41 42.06 -53.20
CA ILE P 25 -12.31 41.07 -52.14
C ILE P 25 -11.80 39.77 -52.72
N PHE P 26 -10.74 39.22 -52.13
CA PHE P 26 -10.26 37.89 -52.49
C PHE P 26 -10.97 36.79 -51.72
N ASP P 27 -11.12 36.96 -50.40
CA ASP P 27 -11.75 35.93 -49.57
C ASP P 27 -12.22 36.59 -48.29
N SER P 28 -13.48 36.36 -47.93
CA SER P 28 -14.07 36.91 -46.72
C SER P 28 -14.64 35.77 -45.88
N GLN P 29 -14.33 35.79 -44.59
CA GLN P 29 -14.89 34.79 -43.67
C GLN P 29 -16.41 34.95 -43.56
N VAL P 30 -16.89 36.19 -43.52
CA VAL P 30 -18.32 36.48 -43.42
C VAL P 30 -18.75 37.18 -44.71
N PRO P 31 -20.02 37.06 -45.11
CA PRO P 31 -20.47 37.75 -46.33
C PRO P 31 -20.34 39.26 -46.20
N ILE P 32 -19.98 39.89 -47.31
CA ILE P 32 -19.86 41.35 -47.34
C ILE P 32 -21.22 42.03 -47.51
N GLY P 33 -22.22 41.32 -48.04
CA GLY P 33 -23.53 41.92 -48.22
C GLY P 33 -24.25 42.24 -46.93
N ALA P 34 -23.90 41.56 -45.84
CA ALA P 34 -24.49 41.82 -44.54
C ALA P 34 -23.52 42.46 -43.55
N THR P 35 -22.27 42.64 -43.92
CA THR P 35 -21.29 43.25 -43.04
C THR P 35 -21.51 44.76 -42.97
N PRO P 36 -21.76 45.33 -41.78
CA PRO P 36 -21.94 46.78 -41.64
C PRO P 36 -20.64 47.54 -41.79
#